data_9BX4
#
_entry.id   9BX4
#
loop_
_entity.id
_entity.type
_entity.pdbx_description
1 polymer Nucleoprotein
2 polymer 'viral RNA'
#
loop_
_entity_poly.entity_id
_entity_poly.type
_entity_poly.pdbx_seq_one_letter_code
_entity_poly.pdbx_strand_id
1 'polypeptide(L)'
;MATKGTKRSYEQMETDGERQNATEIRASVGKMIDGIGRFYIQMCTELKLSDYEGRLIQNSLTIERMVLSAFDERRNKYLE
EHPSAGKDPKKTGGPIYRRVDGKWRRELILYDKEEIRRIWRQANNGDDATAGLTHMMIWHSNLNDATYQRTRALVRTGMD
PRMCSLMQGSTLPRRSGAAGAAVKGVGTMVMELIRMIKRGINDRNFWRGENGRRTRIAYERMCNILKGKFQTAAQRTMVD
QVRESRNPGNAEFEDLIFLARSALILRGSVAHKSCLPACVYGSAVASGYDFEREGYSLVGIDPFRLLQNSQVYSLIRPNE
NPAHKSQLVWMACHSAAFEDLRVSSFIRGTKVVPRGKLSTRGVQIASNENMETMESSTLELRSRYWAIRTRSGGNTNQQR
ASSGQISIQPTFSVQRNLPFDRPTIMAAFTGNTEGRTSDMRTEIIRLMESARPEDVSFQGRGVFELSDEKATSPIVPSFD
MSNEGSYFFGDNAEEYDN
;
A,B,C,D
2 'polyribonucleotide' UUUUUUUUUUUUUUUUUUUUUUUUUUUUUUUUUUUUUUUUUUUUUUUUUUUUUUUUUUUU E,F
#
loop_
_chem_comp.id
_chem_comp.type
_chem_comp.name
_chem_comp.formula
U RNA linking URIDINE-5'-MONOPHOSPHATE 'C9 H13 N2 O9 P'
#
# COMPACT_ATOMS: atom_id res chain seq x y z
N ASN A 21 25.27 -31.28 32.17
CA ASN A 21 26.60 -31.82 31.97
C ASN A 21 27.36 -31.03 30.91
N ALA A 22 28.68 -30.94 31.07
CA ALA A 22 29.53 -30.21 30.14
C ALA A 22 30.41 -31.11 29.30
N THR A 23 30.52 -32.40 29.65
CA THR A 23 31.38 -33.30 28.89
C THR A 23 30.86 -33.51 27.47
N GLU A 24 29.54 -33.59 27.30
CA GLU A 24 28.97 -33.82 25.98
C GLU A 24 29.23 -32.65 25.05
N ILE A 25 29.10 -31.41 25.55
CA ILE A 25 29.38 -30.24 24.73
C ILE A 25 30.85 -30.21 24.33
N ARG A 26 31.74 -30.53 25.27
CA ARG A 26 33.17 -30.58 24.96
C ARG A 26 33.47 -31.64 23.91
N ALA A 27 32.86 -32.81 24.02
CA ALA A 27 33.07 -33.86 23.02
C ALA A 27 32.55 -33.42 21.65
N SER A 28 31.39 -32.77 21.62
CA SER A 28 30.84 -32.32 20.34
C SER A 28 31.74 -31.29 19.68
N VAL A 29 32.20 -30.29 20.44
CA VAL A 29 33.06 -29.27 19.85
C VAL A 29 34.42 -29.85 19.44
N GLY A 30 34.91 -30.81 20.23
CA GLY A 30 36.15 -31.49 19.85
C GLY A 30 36.01 -32.25 18.55
N LYS A 31 34.91 -32.98 18.38
CA LYS A 31 34.66 -33.68 17.13
C LYS A 31 34.55 -32.71 15.97
N MET A 32 33.85 -31.59 16.19
CA MET A 32 33.69 -30.59 15.14
C MET A 32 35.04 -30.00 14.71
N ILE A 33 35.87 -29.58 15.66
CA ILE A 33 37.14 -28.99 15.29
C ILE A 33 38.09 -30.03 14.73
N ASP A 34 37.95 -31.30 15.17
CA ASP A 34 38.75 -32.36 14.57
C ASP A 34 38.38 -32.54 13.10
N GLY A 35 37.08 -32.51 12.78
CA GLY A 35 36.67 -32.59 11.40
C GLY A 35 37.17 -31.40 10.59
N ILE A 36 37.13 -30.20 11.19
CA ILE A 36 37.64 -29.02 10.51
C ILE A 36 39.13 -29.15 10.22
N GLY A 37 39.90 -29.63 11.20
CA GLY A 37 41.32 -29.79 11.01
C GLY A 37 41.66 -30.85 9.98
N ARG A 38 40.89 -31.94 9.96
CA ARG A 38 41.08 -32.96 8.94
C ARG A 38 40.72 -32.46 7.54
N PHE A 39 39.70 -31.60 7.42
CA PHE A 39 39.43 -30.97 6.14
C PHE A 39 40.58 -30.06 5.74
N TYR A 40 41.19 -29.36 6.70
CA TYR A 40 42.37 -28.56 6.37
C TYR A 40 43.52 -29.45 5.90
N ILE A 41 43.71 -30.60 6.55
CA ILE A 41 44.74 -31.53 6.13
C ILE A 41 44.49 -31.99 4.69
N GLN A 42 43.25 -32.31 4.36
CA GLN A 42 42.97 -32.82 3.02
C GLN A 42 43.10 -31.71 1.98
N MET A 43 42.77 -30.46 2.33
CA MET A 43 42.96 -29.39 1.34
C MET A 43 44.45 -29.17 1.11
N CYS A 44 45.25 -29.28 2.17
CA CYS A 44 46.70 -29.20 1.99
C CYS A 44 47.20 -30.32 1.10
N THR A 45 46.65 -31.52 1.27
CA THR A 45 47.05 -32.64 0.42
C THR A 45 46.67 -32.40 -1.03
N GLU A 46 45.45 -31.92 -1.27
CA GLU A 46 44.92 -31.74 -2.63
C GLU A 46 45.51 -30.55 -3.37
N LEU A 47 45.83 -29.47 -2.68
CA LEU A 47 46.34 -28.27 -3.32
C LEU A 47 47.82 -28.34 -3.66
N LYS A 48 48.51 -29.39 -3.21
CA LYS A 48 49.93 -29.59 -3.48
C LYS A 48 50.76 -28.40 -3.01
N LEU A 49 50.40 -27.85 -1.84
CA LEU A 49 51.11 -26.73 -1.27
C LEU A 49 52.23 -27.21 -0.36
N SER A 50 53.24 -26.37 -0.18
CA SER A 50 54.37 -26.71 0.67
C SER A 50 53.99 -26.52 2.15
N ASP A 51 54.95 -26.88 3.02
CA ASP A 51 54.70 -26.76 4.46
C ASP A 51 54.50 -25.30 4.86
N TYR A 52 55.33 -24.40 4.34
CA TYR A 52 55.18 -22.99 4.66
C TYR A 52 53.87 -22.44 4.10
N GLU A 53 53.53 -22.79 2.86
CA GLU A 53 52.31 -22.30 2.25
C GLU A 53 51.06 -22.79 2.96
N GLY A 54 51.16 -23.88 3.71
CA GLY A 54 50.04 -24.35 4.51
C GLY A 54 49.84 -23.58 5.81
N ARG A 55 50.75 -22.66 6.12
CA ARG A 55 50.65 -21.83 7.31
C ARG A 55 50.38 -20.36 6.96
N LEU A 56 49.75 -20.13 5.82
CA LEU A 56 49.43 -18.78 5.37
C LEU A 56 47.96 -18.47 5.64
N ILE A 57 47.70 -17.30 6.22
CA ILE A 57 46.32 -16.91 6.52
C ILE A 57 45.52 -16.65 5.25
N GLN A 58 46.15 -16.09 4.22
CA GLN A 58 45.43 -15.71 3.01
C GLN A 58 44.80 -16.93 2.33
N ASN A 59 45.52 -18.04 2.28
CA ASN A 59 44.98 -19.25 1.66
C ASN A 59 43.74 -19.73 2.40
N SER A 60 43.81 -19.77 3.74
CA SER A 60 42.66 -20.19 4.53
C SER A 60 41.50 -19.22 4.34
N LEU A 61 41.79 -17.92 4.27
CA LEU A 61 40.74 -16.92 4.08
C LEU A 61 39.99 -17.14 2.75
N THR A 62 40.74 -17.31 1.67
CA THR A 62 40.10 -17.54 0.37
C THR A 62 39.33 -18.85 0.37
N ILE A 63 39.92 -19.90 0.95
CA ILE A 63 39.25 -21.20 1.01
C ILE A 63 37.96 -21.10 1.82
N GLU A 64 37.93 -20.28 2.87
CA GLU A 64 36.74 -20.17 3.69
C GLU A 64 35.66 -19.29 3.06
N ARG A 65 36.02 -18.27 2.29
CA ARG A 65 34.98 -17.66 1.45
C ARG A 65 34.44 -18.65 0.42
N MET A 66 35.30 -19.53 -0.11
CA MET A 66 34.78 -20.63 -0.92
C MET A 66 33.81 -21.49 -0.12
N VAL A 67 34.13 -21.73 1.16
CA VAL A 67 33.28 -22.54 2.03
C VAL A 67 31.90 -21.90 2.16
N LEU A 68 31.86 -20.61 2.48
CA LEU A 68 30.58 -19.93 2.70
C LEU A 68 29.81 -19.82 1.38
N SER A 69 30.52 -19.58 0.28
CA SER A 69 29.87 -19.55 -1.03
C SER A 69 29.37 -20.91 -1.46
N ALA A 70 29.86 -21.98 -0.85
CA ALA A 70 29.35 -23.31 -1.19
C ALA A 70 28.16 -23.71 -0.31
N PHE A 71 28.14 -23.31 0.96
CA PHE A 71 26.95 -23.53 1.79
C PHE A 71 25.95 -22.37 1.81
N ASP A 72 26.12 -21.33 1.00
CA ASP A 72 25.11 -20.28 0.96
C ASP A 72 23.97 -20.72 0.06
N GLU A 73 23.23 -21.74 0.54
CA GLU A 73 22.21 -22.39 -0.27
C GLU A 73 21.17 -21.39 -0.77
N ARG A 74 20.91 -20.37 0.05
CA ARG A 74 19.96 -19.29 -0.31
C ARG A 74 20.54 -18.55 -1.52
N ARG A 75 21.81 -18.15 -1.46
CA ARG A 75 22.46 -17.48 -2.58
C ARG A 75 22.70 -18.43 -3.75
N ASN A 76 22.95 -19.71 -3.48
CA ASN A 76 23.07 -20.65 -4.59
C ASN A 76 21.78 -20.69 -5.40
N LYS A 77 20.64 -20.79 -4.72
CA LYS A 77 19.35 -20.77 -5.39
C LYS A 77 19.10 -19.45 -6.11
N TYR A 78 19.56 -18.35 -5.51
CA TYR A 78 19.35 -16.99 -6.09
C TYR A 78 20.23 -16.78 -7.34
N LEU A 79 21.42 -17.39 -7.38
CA LEU A 79 22.32 -17.22 -8.51
C LEU A 79 22.08 -18.22 -9.62
N GLU A 80 21.52 -19.39 -9.31
CA GLU A 80 21.16 -20.33 -10.38
C GLU A 80 20.12 -19.73 -11.31
N GLU A 81 19.17 -18.97 -10.76
CA GLU A 81 18.20 -18.26 -11.59
C GLU A 81 18.73 -16.93 -12.10
N HIS A 82 19.94 -16.53 -11.67
CA HIS A 82 20.51 -15.24 -12.07
C HIS A 82 21.91 -15.43 -12.62
N PRO A 83 22.04 -15.93 -13.87
CA PRO A 83 23.38 -16.13 -14.44
C PRO A 83 24.01 -14.84 -14.94
N SER A 84 24.66 -14.09 -14.06
CA SER A 84 25.31 -12.84 -14.42
C SER A 84 26.77 -12.88 -14.00
N ALA A 85 27.41 -11.72 -14.01
CA ALA A 85 28.81 -11.56 -13.62
C ALA A 85 29.73 -12.41 -14.48
N GLY A 86 29.41 -12.53 -15.76
CA GLY A 86 30.23 -13.28 -16.71
C GLY A 86 30.34 -14.75 -16.37
N LYS A 87 31.58 -15.24 -16.30
CA LYS A 87 31.85 -16.65 -16.00
C LYS A 87 31.61 -16.89 -14.52
N ASP A 88 30.36 -17.22 -14.20
CA ASP A 88 30.01 -17.54 -12.81
C ASP A 88 28.98 -18.67 -12.73
N PRO A 89 29.23 -19.84 -13.36
CA PRO A 89 28.28 -20.95 -13.20
C PRO A 89 28.24 -21.48 -11.77
N LYS A 90 29.41 -21.92 -11.27
CA LYS A 90 29.51 -22.44 -9.92
C LYS A 90 30.78 -21.97 -9.21
N LYS A 91 31.65 -21.20 -9.88
CA LYS A 91 32.99 -20.92 -9.40
C LYS A 91 33.18 -19.42 -9.19
N THR A 92 33.78 -19.05 -8.06
CA THR A 92 34.04 -17.67 -7.72
C THR A 92 35.47 -17.52 -7.21
N GLY A 93 36.14 -16.45 -7.64
CA GLY A 93 37.43 -16.05 -7.09
C GLY A 93 38.49 -17.15 -7.08
N GLY A 94 39.11 -17.31 -5.91
CA GLY A 94 40.13 -18.31 -5.71
C GLY A 94 41.54 -17.81 -5.95
N PRO A 95 41.96 -16.72 -5.26
CA PRO A 95 43.32 -16.19 -5.46
C PRO A 95 44.37 -16.90 -4.59
N ILE A 96 44.83 -18.05 -5.07
CA ILE A 96 45.78 -18.87 -4.31
C ILE A 96 47.17 -18.28 -4.45
N TYR A 97 47.84 -18.07 -3.31
CA TYR A 97 49.19 -17.50 -3.27
C TYR A 97 50.21 -18.61 -3.12
N ARG A 98 51.26 -18.57 -3.95
CA ARG A 98 52.28 -19.62 -3.99
C ARG A 98 53.68 -19.02 -4.01
N ARG A 99 54.65 -19.81 -3.53
CA ARG A 99 56.05 -19.37 -3.47
C ARG A 99 56.88 -20.00 -4.58
N VAL A 100 57.61 -19.17 -5.32
CA VAL A 100 58.73 -19.62 -6.13
C VAL A 100 60.04 -19.07 -5.59
N ASP A 101 60.79 -19.89 -4.87
CA ASP A 101 62.18 -19.58 -4.46
C ASP A 101 62.28 -18.21 -3.82
N GLY A 102 61.35 -17.94 -2.91
CA GLY A 102 61.34 -16.67 -2.21
C GLY A 102 60.28 -15.70 -2.68
N LYS A 103 60.02 -15.65 -3.99
CA LYS A 103 59.04 -14.72 -4.52
C LYS A 103 57.63 -15.30 -4.44
N TRP A 104 56.62 -14.47 -4.71
CA TRP A 104 55.23 -14.86 -4.52
C TRP A 104 54.44 -14.61 -5.79
N ARG A 105 53.47 -15.48 -6.05
CA ARG A 105 52.62 -15.36 -7.27
C ARG A 105 51.19 -15.80 -6.94
N ARG A 106 50.19 -15.07 -7.44
CA ARG A 106 48.78 -15.41 -7.22
C ARG A 106 48.22 -16.03 -8.47
N GLU A 107 47.49 -17.13 -8.31
CA GLU A 107 46.78 -17.78 -9.40
C GLU A 107 45.28 -17.77 -9.09
N LEU A 108 44.50 -17.36 -10.09
CA LEU A 108 43.04 -17.32 -9.97
C LEU A 108 42.52 -18.70 -10.35
N ILE A 109 42.60 -19.63 -9.41
CA ILE A 109 42.15 -21.00 -9.61
C ILE A 109 40.70 -21.08 -9.16
N LEU A 110 39.84 -21.59 -10.04
CA LEU A 110 38.40 -21.62 -9.80
C LEU A 110 37.99 -23.02 -9.40
N TYR A 111 37.29 -23.12 -8.27
CA TYR A 111 36.80 -24.39 -7.76
C TYR A 111 35.28 -24.36 -7.73
N ASP A 112 34.66 -25.42 -8.26
CA ASP A 112 33.21 -25.52 -8.16
C ASP A 112 32.80 -25.96 -6.76
N LYS A 113 31.55 -25.69 -6.40
CA LYS A 113 31.10 -25.91 -5.04
C LYS A 113 30.94 -27.39 -4.74
N GLU A 114 30.44 -28.16 -5.72
CA GLU A 114 29.82 -29.45 -5.41
C GLU A 114 30.83 -30.48 -4.89
N GLU A 115 32.01 -30.55 -5.49
CA GLU A 115 33.01 -31.51 -5.03
C GLU A 115 33.46 -31.19 -3.60
N ILE A 116 33.60 -29.90 -3.29
CA ILE A 116 33.94 -29.49 -1.94
C ILE A 116 32.78 -29.80 -0.98
N ARG A 117 31.54 -29.74 -1.49
CA ARG A 117 30.39 -30.19 -0.69
C ARG A 117 30.57 -31.64 -0.25
N ARG A 118 30.85 -32.55 -1.20
CA ARG A 118 31.10 -33.94 -0.80
C ARG A 118 32.36 -34.11 0.04
N ILE A 119 33.38 -33.27 -0.16
CA ILE A 119 34.59 -33.47 0.64
C ILE A 119 34.34 -33.11 2.11
N TRP A 120 33.60 -32.02 2.35
CA TRP A 120 33.00 -31.79 3.66
C TRP A 120 32.19 -32.98 4.16
N ARG A 121 31.29 -33.51 3.32
CA ARG A 121 30.41 -34.59 3.77
C ARG A 121 31.23 -35.78 4.26
N GLN A 122 32.34 -36.08 3.58
CA GLN A 122 33.27 -37.11 4.02
C GLN A 122 34.16 -36.67 5.17
N ALA A 123 34.32 -35.35 5.38
CA ALA A 123 35.19 -34.84 6.43
C ALA A 123 34.55 -34.83 7.81
N ASN A 124 33.21 -34.78 7.88
CA ASN A 124 32.49 -34.79 9.15
C ASN A 124 31.75 -36.10 9.38
N ASN A 125 32.23 -37.18 8.75
CA ASN A 125 31.65 -38.51 8.91
C ASN A 125 30.18 -38.54 8.48
N GLY A 126 29.91 -38.04 7.28
CA GLY A 126 28.59 -38.09 6.70
C GLY A 126 27.65 -36.99 7.14
N ASP A 127 28.12 -36.01 7.90
CA ASP A 127 27.27 -34.95 8.41
C ASP A 127 27.52 -33.64 7.64
N ASP A 128 26.58 -32.70 7.78
CA ASP A 128 26.66 -31.44 7.04
C ASP A 128 27.66 -30.47 7.66
N ALA A 129 27.84 -30.54 8.98
CA ALA A 129 28.76 -29.66 9.71
C ALA A 129 28.37 -28.18 9.56
N THR A 130 27.11 -27.86 9.85
CA THR A 130 26.65 -26.48 9.76
C THR A 130 27.13 -25.65 10.95
N ALA A 131 27.31 -26.27 12.11
CA ALA A 131 27.83 -25.53 13.26
C ALA A 131 29.22 -24.99 12.95
N GLY A 132 30.10 -25.85 12.43
CA GLY A 132 31.41 -25.37 12.04
C GLY A 132 31.30 -24.20 11.08
N LEU A 133 30.33 -24.26 10.17
CA LEU A 133 30.07 -23.15 9.26
C LEU A 133 29.78 -21.88 10.05
N THR A 134 28.94 -22.00 11.08
CA THR A 134 28.62 -20.83 11.89
C THR A 134 29.88 -20.26 12.54
N HIS A 135 30.74 -21.12 13.08
CA HIS A 135 31.96 -20.61 13.71
C HIS A 135 32.90 -19.97 12.69
N MET A 136 33.07 -20.56 11.50
CA MET A 136 33.92 -19.88 10.53
C MET A 136 33.33 -18.55 10.08
N MET A 137 32.01 -18.48 9.85
CA MET A 137 31.42 -17.21 9.43
C MET A 137 31.49 -16.16 10.53
N ILE A 138 31.34 -16.57 11.80
CA ILE A 138 31.56 -15.67 12.93
C ILE A 138 32.99 -15.17 13.00
N TRP A 139 33.97 -16.04 12.77
CA TRP A 139 35.37 -15.66 12.75
C TRP A 139 35.70 -14.69 11.61
N HIS A 140 35.07 -14.88 10.45
CA HIS A 140 35.15 -13.85 9.41
C HIS A 140 34.53 -12.54 9.89
N SER A 141 33.40 -12.62 10.60
CA SER A 141 32.80 -11.41 11.16
C SER A 141 33.74 -10.77 12.18
N ASN A 142 34.43 -11.60 12.97
CA ASN A 142 35.38 -11.07 13.95
C ASN A 142 36.53 -10.33 13.26
N LEU A 143 37.10 -10.93 12.20
CA LEU A 143 38.19 -10.25 11.51
C LEU A 143 37.70 -8.98 10.84
N ASN A 144 36.49 -9.01 10.27
CA ASN A 144 35.95 -7.81 9.63
C ASN A 144 35.75 -6.70 10.65
N ASP A 145 35.22 -7.04 11.84
CA ASP A 145 35.04 -6.04 12.88
C ASP A 145 36.40 -5.49 13.35
N ALA A 146 37.41 -6.37 13.43
CA ALA A 146 38.73 -5.91 13.83
C ALA A 146 39.34 -4.96 12.80
N THR A 147 39.16 -5.26 11.52
CA THR A 147 39.82 -4.47 10.48
C THR A 147 39.03 -3.19 10.15
N TYR A 148 37.80 -3.34 9.65
CA TYR A 148 37.03 -2.19 9.18
C TYR A 148 35.60 -2.25 9.70
N GLN A 149 35.14 -1.11 10.20
CA GLN A 149 33.76 -0.92 10.63
C GLN A 149 33.08 0.11 9.74
N ARG A 150 31.80 -0.12 9.44
CA ARG A 150 31.09 0.71 8.47
C ARG A 150 30.24 1.79 9.16
N THR A 151 30.83 2.98 9.31
CA THR A 151 30.00 4.15 9.55
C THR A 151 29.24 4.55 8.30
N ARG A 152 29.64 4.03 7.14
CA ARG A 152 28.93 4.31 5.89
C ARG A 152 27.46 3.91 5.99
N ALA A 153 27.20 2.65 6.34
CA ALA A 153 25.82 2.21 6.53
C ALA A 153 25.22 2.80 7.79
N LEU A 154 26.04 3.02 8.82
CA LEU A 154 25.55 3.58 10.08
C LEU A 154 24.94 4.96 9.88
N VAL A 155 25.47 5.71 8.92
CA VAL A 155 24.91 7.02 8.59
C VAL A 155 23.98 6.94 7.39
N ARG A 156 24.05 5.86 6.60
CA ARG A 156 23.02 5.58 5.61
C ARG A 156 21.66 5.43 6.28
N THR A 157 21.64 4.75 7.45
CA THR A 157 20.43 4.77 8.26
C THR A 157 20.31 6.04 9.10
N GLY A 158 21.33 6.90 9.06
CA GLY A 158 21.27 8.17 9.75
C GLY A 158 21.74 8.16 11.19
N MET A 159 22.12 7.01 11.72
CA MET A 159 22.53 6.93 13.12
C MET A 159 23.94 7.52 13.22
N ASP A 160 24.25 8.16 14.35
CA ASP A 160 25.52 8.88 14.43
C ASP A 160 26.68 7.88 14.43
N PRO A 161 27.86 8.30 13.99
CA PRO A 161 29.04 7.41 14.00
C PRO A 161 29.71 7.26 15.36
N ARG A 162 29.05 7.62 16.46
CA ARG A 162 29.63 7.49 17.79
C ARG A 162 29.55 6.06 18.32
N MET A 163 28.74 5.20 17.70
CA MET A 163 28.43 3.89 18.26
C MET A 163 29.13 2.74 17.53
N CYS A 164 30.27 3.01 16.90
CA CYS A 164 31.03 1.98 16.20
C CYS A 164 31.36 0.79 17.09
N SER A 165 31.27 0.94 18.41
CA SER A 165 31.59 -0.14 19.33
C SER A 165 30.54 -1.26 19.31
N LEU A 166 29.32 -0.97 18.84
CA LEU A 166 28.27 -1.99 18.79
C LEU A 166 28.07 -2.58 17.41
N MET A 167 29.12 -2.64 16.59
CA MET A 167 29.07 -3.28 15.28
C MET A 167 29.60 -4.71 15.30
N GLN A 168 29.59 -5.36 16.46
CA GLN A 168 30.09 -6.72 16.56
C GLN A 168 29.17 -7.67 15.79
N GLY A 169 29.78 -8.57 15.01
CA GLY A 169 29.01 -9.49 14.21
C GLY A 169 28.16 -8.83 13.15
N SER A 170 28.58 -7.66 12.67
CA SER A 170 27.77 -6.92 11.70
C SER A 170 27.71 -7.63 10.35
N THR A 171 28.82 -8.23 9.93
CA THR A 171 28.85 -8.86 8.60
C THR A 171 28.10 -10.18 8.58
N LEU A 172 27.66 -10.68 9.72
CA LEU A 172 26.99 -11.97 9.77
C LEU A 172 25.63 -11.87 9.09
N PRO A 173 25.36 -12.68 8.07
CA PRO A 173 24.01 -12.74 7.50
C PRO A 173 23.06 -13.56 8.37
N ARG A 174 21.79 -13.53 7.99
CA ARG A 174 20.73 -14.16 8.78
C ARG A 174 20.87 -15.68 8.84
N ARG A 175 21.54 -16.29 7.85
CA ARG A 175 21.53 -17.74 7.71
C ARG A 175 22.11 -18.48 8.91
N SER A 176 22.89 -17.80 9.76
CA SER A 176 23.45 -18.44 10.93
C SER A 176 22.36 -18.80 11.93
N GLY A 177 22.65 -19.79 12.77
CA GLY A 177 21.70 -20.26 13.75
C GLY A 177 21.76 -19.50 15.07
N ALA A 178 21.31 -20.18 16.13
CA ALA A 178 21.27 -19.55 17.45
C ALA A 178 22.67 -19.23 17.95
N ALA A 179 23.63 -20.12 17.70
CA ALA A 179 25.01 -19.86 18.10
C ALA A 179 25.55 -18.62 17.41
N GLY A 180 25.26 -18.46 16.12
CA GLY A 180 25.62 -17.23 15.43
C GLY A 180 24.85 -16.03 15.95
N ALA A 181 23.58 -16.22 16.29
CA ALA A 181 22.77 -15.12 16.79
C ALA A 181 23.25 -14.62 18.16
N ALA A 182 23.92 -15.48 18.93
CA ALA A 182 24.37 -15.08 20.26
C ALA A 182 25.45 -14.01 20.19
N VAL A 183 26.33 -14.08 19.18
CA VAL A 183 27.50 -13.21 19.17
C VAL A 183 27.25 -11.92 18.42
N LYS A 184 26.18 -11.83 17.65
CA LYS A 184 25.87 -10.57 16.97
C LYS A 184 25.59 -9.48 17.98
N GLY A 185 26.12 -8.29 17.72
CA GLY A 185 25.97 -7.18 18.64
C GLY A 185 24.58 -6.58 18.62
N VAL A 186 24.31 -5.76 19.63
CA VAL A 186 23.03 -5.06 19.71
C VAL A 186 22.87 -4.11 18.53
N GLY A 187 23.93 -3.36 18.20
CA GLY A 187 23.87 -2.46 17.07
C GLY A 187 23.66 -3.15 15.74
N THR A 188 24.21 -4.36 15.60
CA THR A 188 23.96 -5.14 14.38
C THR A 188 22.48 -5.43 14.22
N MET A 189 21.82 -5.85 15.32
CA MET A 189 20.38 -6.08 15.27
C MET A 189 19.63 -4.79 15.01
N VAL A 190 20.08 -3.68 15.58
CA VAL A 190 19.44 -2.39 15.33
C VAL A 190 19.49 -2.06 13.85
N MET A 191 20.66 -2.23 13.23
CA MET A 191 20.79 -1.98 11.79
C MET A 191 19.89 -2.90 10.97
N GLU A 192 19.88 -4.19 11.32
CA GLU A 192 19.07 -5.14 10.57
C GLU A 192 17.59 -4.82 10.67
N LEU A 193 17.11 -4.45 11.86
CA LEU A 193 15.70 -4.11 12.01
C LEU A 193 15.35 -2.79 11.34
N ILE A 194 16.25 -1.80 11.38
CA ILE A 194 15.95 -0.54 10.70
C ILE A 194 15.90 -0.75 9.19
N ARG A 195 16.72 -1.67 8.66
CA ARG A 195 16.62 -1.98 7.24
C ARG A 195 15.22 -2.49 6.88
N MET A 196 14.69 -3.42 7.67
CA MET A 196 13.35 -3.95 7.43
C MET A 196 12.30 -2.87 7.60
N ILE A 197 12.45 -2.02 8.61
CA ILE A 197 11.48 -0.94 8.84
C ILE A 197 11.47 0.04 7.67
N LYS A 198 12.64 0.43 7.16
CA LYS A 198 12.70 1.34 6.03
C LYS A 198 12.14 0.69 4.77
N ARG A 199 12.38 -0.61 4.59
CA ARG A 199 11.78 -1.30 3.45
C ARG A 199 10.27 -1.35 3.56
N GLY A 200 9.75 -1.55 4.76
CA GLY A 200 8.30 -1.57 4.94
C GLY A 200 7.67 -0.19 4.88
N ILE A 201 8.46 0.86 5.11
CA ILE A 201 7.98 2.22 4.93
C ILE A 201 7.99 2.64 3.48
N ASN A 202 9.00 2.22 2.71
CA ASN A 202 9.08 2.61 1.30
C ASN A 202 7.89 2.07 0.51
N ASP A 203 7.49 0.83 0.77
CA ASP A 203 6.38 0.20 0.07
C ASP A 203 5.50 -0.54 1.09
N ARG A 204 4.23 -0.70 0.74
CA ARG A 204 3.23 -1.31 1.61
C ARG A 204 3.43 -2.81 1.71
N ASN A 205 4.55 -3.22 2.33
CA ASN A 205 5.01 -4.60 2.23
C ASN A 205 4.42 -5.51 3.32
N PHE A 206 3.68 -4.98 4.26
CA PHE A 206 3.16 -5.78 5.37
C PHE A 206 1.79 -6.40 5.07
N TRP A 207 1.45 -6.66 3.82
CA TRP A 207 0.15 -7.22 3.48
C TRP A 207 -0.03 -8.60 4.12
N ARG A 208 -1.25 -9.11 4.01
CA ARG A 208 -1.63 -10.42 4.55
C ARG A 208 -1.04 -11.58 3.76
N GLY A 209 -0.16 -11.31 2.78
CA GLY A 209 0.45 -12.38 2.03
C GLY A 209 1.52 -13.10 2.81
N GLU A 210 2.07 -14.14 2.18
CA GLU A 210 3.08 -14.97 2.85
C GLU A 210 4.36 -14.19 3.12
N ASN A 211 4.73 -13.26 2.23
CA ASN A 211 5.95 -12.47 2.44
C ASN A 211 5.83 -11.64 3.72
N GLY A 212 4.67 -11.00 3.91
CA GLY A 212 4.48 -10.23 5.12
C GLY A 212 4.50 -11.08 6.37
N ARG A 213 3.88 -12.27 6.30
CA ARG A 213 3.88 -13.17 7.44
C ARG A 213 5.30 -13.61 7.80
N ARG A 214 6.10 -13.93 6.77
CA ARG A 214 7.45 -14.41 7.02
C ARG A 214 8.37 -13.30 7.55
N THR A 215 8.26 -12.08 7.00
CA THR A 215 9.05 -10.98 7.54
C THR A 215 8.59 -10.64 8.95
N ARG A 216 7.29 -10.77 9.23
CA ARG A 216 6.80 -10.62 10.59
C ARG A 216 7.48 -11.62 11.51
N ILE A 217 7.50 -12.90 11.11
CA ILE A 217 8.09 -13.96 11.92
C ILE A 217 9.57 -13.68 12.19
N ALA A 218 10.32 -13.35 11.14
CA ALA A 218 11.72 -13.01 11.33
C ALA A 218 11.86 -11.83 12.27
N TYR A 219 10.87 -10.91 12.25
CA TYR A 219 10.94 -9.75 13.13
C TYR A 219 10.81 -10.17 14.59
N GLU A 220 9.83 -11.03 14.93
CA GLU A 220 9.77 -11.36 16.36
C GLU A 220 10.94 -12.26 16.77
N ARG A 221 11.46 -13.07 15.84
CA ARG A 221 12.62 -13.86 16.19
C ARG A 221 13.82 -12.97 16.51
N MET A 222 14.06 -11.95 15.69
CA MET A 222 15.15 -11.03 15.99
C MET A 222 14.88 -10.24 17.26
N CYS A 223 13.60 -9.95 17.54
CA CYS A 223 13.29 -9.16 18.73
C CYS A 223 13.44 -9.96 20.02
N ASN A 224 13.06 -11.24 20.03
CA ASN A 224 13.29 -11.99 21.27
C ASN A 224 14.75 -12.35 21.42
N ILE A 225 15.50 -12.45 20.31
CA ILE A 225 16.95 -12.47 20.45
C ILE A 225 17.44 -11.21 21.15
N LEU A 226 16.93 -10.04 20.72
CA LEU A 226 17.31 -8.78 21.36
C LEU A 226 17.00 -8.80 22.85
N LYS A 227 15.77 -9.11 23.23
CA LYS A 227 15.38 -9.04 24.62
C LYS A 227 16.08 -10.10 25.47
N GLY A 228 16.48 -11.21 24.85
CA GLY A 228 17.36 -12.15 25.53
C GLY A 228 18.74 -11.58 25.76
N LYS A 229 19.22 -10.75 24.83
CA LYS A 229 20.55 -10.17 24.95
C LYS A 229 20.68 -9.17 26.10
N PHE A 230 19.61 -8.48 26.46
CA PHE A 230 19.68 -7.45 27.49
C PHE A 230 19.60 -8.07 28.89
N GLN A 231 19.86 -7.27 29.91
CA GLN A 231 19.91 -7.75 31.29
C GLN A 231 18.96 -7.03 32.23
N THR A 232 18.80 -5.72 32.09
CA THR A 232 17.93 -4.98 33.00
C THR A 232 16.48 -5.02 32.52
N ALA A 233 15.55 -4.97 33.46
CA ALA A 233 14.15 -5.20 33.15
C ALA A 233 13.53 -4.07 32.34
N ALA A 234 13.99 -2.84 32.54
CA ALA A 234 13.36 -1.69 31.87
C ALA A 234 13.50 -1.78 30.36
N GLN A 235 14.70 -2.08 29.87
CA GLN A 235 14.89 -2.19 28.43
C GLN A 235 14.17 -3.39 27.86
N ARG A 236 14.11 -4.50 28.61
CA ARG A 236 13.34 -5.65 28.14
C ARG A 236 11.86 -5.29 27.99
N THR A 237 11.32 -4.56 28.96
CA THR A 237 9.91 -4.15 28.89
C THR A 237 9.67 -3.19 27.74
N MET A 238 10.58 -2.25 27.49
CA MET A 238 10.36 -1.32 26.40
C MET A 238 10.51 -2.01 25.04
N VAL A 239 11.37 -3.01 24.95
CA VAL A 239 11.43 -3.83 23.74
C VAL A 239 10.13 -4.61 23.58
N ASP A 240 9.57 -5.11 24.68
CA ASP A 240 8.27 -5.77 24.62
C ASP A 240 7.20 -4.84 24.08
N GLN A 241 7.21 -3.58 24.53
CA GLN A 241 6.18 -2.64 24.10
C GLN A 241 6.42 -2.12 22.69
N VAL A 242 7.66 -2.10 22.21
CA VAL A 242 7.94 -1.73 20.82
C VAL A 242 7.26 -2.72 19.89
N ARG A 243 7.22 -3.99 20.28
CA ARG A 243 6.52 -5.04 19.55
C ARG A 243 5.04 -4.73 19.34
N GLU A 244 4.39 -4.04 20.29
CA GLU A 244 2.95 -3.83 20.20
C GLU A 244 2.53 -3.03 18.98
N SER A 245 3.47 -2.34 18.33
CA SER A 245 3.16 -1.60 17.11
C SER A 245 3.06 -2.57 15.93
N ARG A 246 1.84 -2.79 15.44
CA ARG A 246 1.66 -3.71 14.31
C ARG A 246 2.17 -3.11 13.00
N ASN A 247 2.22 -1.78 12.91
CA ASN A 247 2.68 -1.07 11.71
C ASN A 247 3.92 -0.23 12.04
N PRO A 248 5.12 -0.78 11.83
CA PRO A 248 6.34 -0.03 12.15
C PRO A 248 6.51 1.16 11.21
N GLY A 249 6.37 2.36 11.78
CA GLY A 249 6.51 3.59 11.01
C GLY A 249 7.76 4.36 11.37
N ASN A 250 7.59 5.65 11.66
CA ASN A 250 8.73 6.50 11.98
C ASN A 250 9.02 6.56 13.48
N ALA A 251 8.00 6.52 14.33
CA ALA A 251 8.22 6.68 15.77
C ALA A 251 9.11 5.57 16.32
N GLU A 252 8.89 4.33 15.87
CA GLU A 252 9.73 3.22 16.31
C GLU A 252 11.19 3.41 15.93
N PHE A 253 11.47 4.18 14.88
CA PHE A 253 12.85 4.43 14.49
C PHE A 253 13.62 5.14 15.60
N GLU A 254 13.10 6.27 16.07
CA GLU A 254 13.74 6.96 17.19
C GLU A 254 13.60 6.16 18.49
N ASP A 255 12.51 5.40 18.63
CA ASP A 255 12.37 4.54 19.81
C ASP A 255 13.54 3.57 19.94
N LEU A 256 13.88 2.89 18.85
CA LEU A 256 14.97 1.92 18.88
C LEU A 256 16.33 2.59 18.79
N ILE A 257 16.43 3.81 18.27
CA ILE A 257 17.66 4.58 18.44
C ILE A 257 17.90 4.90 19.91
N PHE A 258 16.84 5.27 20.63
CA PHE A 258 16.96 5.48 22.07
C PHE A 258 17.35 4.19 22.77
N LEU A 259 16.77 3.06 22.33
CA LEU A 259 17.18 1.76 22.83
C LEU A 259 18.68 1.53 22.64
N ALA A 260 19.18 1.87 21.46
CA ALA A 260 20.60 1.66 21.16
C ALA A 260 21.49 2.56 22.03
N ARG A 261 21.15 3.84 22.14
CA ARG A 261 21.99 4.72 22.95
C ARG A 261 21.84 4.43 24.44
N SER A 262 20.76 3.74 24.83
CA SER A 262 20.68 3.23 26.20
C SER A 262 21.57 2.01 26.39
N ALA A 263 21.60 1.13 25.37
CA ALA A 263 22.48 -0.03 25.41
C ALA A 263 23.94 0.37 25.32
N LEU A 264 24.23 1.60 24.92
CA LEU A 264 25.60 2.12 24.97
C LEU A 264 26.20 1.92 26.35
N ILE A 265 25.41 2.21 27.39
CA ILE A 265 25.84 1.99 28.78
C ILE A 265 25.20 0.74 29.37
N LEU A 266 23.89 0.58 29.19
CA LEU A 266 23.20 -0.65 29.60
C LEU A 266 23.41 -1.73 28.54
N ARG A 267 24.65 -2.18 28.45
CA ARG A 267 25.06 -3.10 27.39
C ARG A 267 24.38 -4.45 27.54
N GLY A 268 24.18 -5.10 26.39
CA GLY A 268 23.60 -6.43 26.36
C GLY A 268 24.64 -7.52 26.58
N SER A 269 24.18 -8.64 27.14
CA SER A 269 25.05 -9.78 27.41
C SER A 269 25.28 -10.54 26.11
N VAL A 270 26.32 -10.13 25.39
CA VAL A 270 26.67 -10.71 24.10
C VAL A 270 27.92 -11.57 24.26
N ALA A 271 27.88 -12.78 23.70
CA ALA A 271 28.98 -13.72 23.84
C ALA A 271 30.15 -13.33 22.93
N HIS A 272 31.29 -13.94 23.21
CA HIS A 272 32.51 -13.71 22.42
C HIS A 272 33.09 -15.09 22.09
N LYS A 273 32.78 -15.58 20.88
CA LYS A 273 33.17 -16.92 20.46
C LYS A 273 34.61 -16.90 19.96
N SER A 274 35.45 -17.75 20.53
CA SER A 274 36.89 -17.76 20.27
C SER A 274 37.22 -18.74 19.14
N CYS A 275 37.15 -18.23 17.92
CA CYS A 275 37.55 -19.01 16.76
C CYS A 275 38.97 -18.64 16.34
N LEU A 276 39.67 -19.59 15.72
CA LEU A 276 41.10 -19.35 15.35
C LEU A 276 41.32 -19.65 13.86
N PRO A 277 42.45 -19.19 13.29
CA PRO A 277 42.72 -19.34 11.87
C PRO A 277 42.45 -20.74 11.36
N ALA A 278 42.17 -20.82 10.06
CA ALA A 278 41.90 -22.13 9.43
C ALA A 278 43.11 -23.06 9.65
N CYS A 279 44.33 -22.51 9.62
CA CYS A 279 45.55 -23.33 9.74
C CYS A 279 45.74 -23.85 11.17
N VAL A 280 45.69 -22.96 12.17
CA VAL A 280 45.93 -23.36 13.55
C VAL A 280 45.25 -24.68 13.90
N TYR A 281 43.97 -24.84 13.53
CA TYR A 281 43.29 -26.12 13.74
C TYR A 281 43.92 -27.26 12.95
N GLY A 282 44.27 -27.00 11.69
CA GLY A 282 44.90 -28.01 10.86
C GLY A 282 46.24 -28.49 11.35
N SER A 283 47.11 -27.58 11.80
CA SER A 283 48.40 -27.96 12.36
C SER A 283 48.24 -28.79 13.63
N ALA A 284 47.30 -28.40 14.49
CA ALA A 284 47.05 -29.15 15.72
C ALA A 284 46.52 -30.55 15.43
N VAL A 285 45.61 -30.66 14.46
CA VAL A 285 45.05 -31.97 14.13
C VAL A 285 46.11 -32.84 13.45
N ALA A 286 46.95 -32.25 12.61
CA ALA A 286 47.96 -33.01 11.89
C ALA A 286 48.96 -33.65 12.85
N SER A 287 49.31 -32.96 13.93
CA SER A 287 50.27 -33.48 14.90
C SER A 287 49.71 -34.63 15.72
N GLY A 288 48.42 -34.92 15.63
CA GLY A 288 47.83 -36.02 16.37
C GLY A 288 47.15 -35.66 17.66
N TYR A 289 46.97 -34.36 17.94
CA TYR A 289 46.30 -33.92 19.16
C TYR A 289 44.80 -34.06 18.98
N ASP A 290 44.28 -35.24 19.30
CA ASP A 290 42.85 -35.50 19.20
C ASP A 290 42.12 -34.71 20.28
N PHE A 291 41.11 -33.95 19.86
CA PHE A 291 40.38 -33.11 20.81
C PHE A 291 39.21 -33.84 21.45
N GLU A 292 38.75 -34.93 20.83
CA GLU A 292 37.65 -35.69 21.41
C GLU A 292 38.06 -36.34 22.72
N ARG A 293 39.29 -36.85 22.78
CA ARG A 293 39.73 -37.62 23.95
C ARG A 293 39.90 -36.73 25.17
N GLU A 294 40.77 -35.72 25.06
CA GLU A 294 41.04 -34.83 26.19
C GLU A 294 39.97 -33.77 26.37
N GLY A 295 39.05 -33.61 25.43
CA GLY A 295 38.00 -32.62 25.54
C GLY A 295 38.44 -31.26 25.02
N TYR A 296 37.49 -30.45 24.57
CA TYR A 296 37.79 -29.12 24.07
C TYR A 296 36.75 -28.13 24.57
N SER A 297 37.17 -26.88 24.72
CA SER A 297 36.30 -25.82 25.17
C SER A 297 36.53 -24.59 24.30
N LEU A 298 35.50 -23.76 24.17
CA LEU A 298 35.55 -22.57 23.34
C LEU A 298 35.74 -21.30 24.17
N VAL A 299 35.55 -21.37 25.49
CA VAL A 299 35.67 -20.21 26.36
C VAL A 299 36.88 -20.28 27.27
N GLY A 300 37.34 -21.47 27.63
CA GLY A 300 38.41 -21.64 28.60
C GLY A 300 39.78 -21.43 28.02
N ILE A 301 40.75 -22.16 28.60
CA ILE A 301 42.16 -22.01 28.26
C ILE A 301 42.44 -22.46 26.83
N ASP A 302 41.56 -23.27 26.25
CA ASP A 302 41.90 -24.05 25.05
C ASP A 302 42.49 -23.20 23.93
N PRO A 303 41.77 -22.24 23.33
CA PRO A 303 42.33 -21.51 22.20
C PRO A 303 43.58 -20.73 22.54
N PHE A 304 43.81 -20.45 23.82
CA PHE A 304 45.04 -19.82 24.26
C PHE A 304 46.24 -20.77 24.16
N ARG A 305 46.10 -22.02 24.62
CA ARG A 305 47.27 -22.89 24.64
C ARG A 305 47.58 -23.44 23.26
N LEU A 306 46.58 -23.57 22.40
CA LEU A 306 46.83 -23.98 21.02
C LEU A 306 47.64 -22.93 20.28
N LEU A 307 47.47 -21.66 20.64
CA LEU A 307 48.28 -20.60 20.05
C LEU A 307 49.65 -20.47 20.71
N GLN A 308 49.84 -21.09 21.88
CA GLN A 308 51.15 -21.05 22.55
C GLN A 308 52.22 -21.80 21.78
N ASN A 309 51.83 -22.78 20.97
CA ASN A 309 52.77 -23.56 20.17
C ASN A 309 52.32 -23.61 18.71
N SER A 310 51.81 -22.48 18.20
CA SER A 310 51.35 -22.39 16.83
C SER A 310 52.23 -21.43 16.05
N GLN A 311 52.59 -21.83 14.83
CA GLN A 311 53.38 -21.00 13.93
C GLN A 311 52.51 -20.52 12.79
N VAL A 312 52.53 -19.21 12.54
CA VAL A 312 51.69 -18.61 11.51
C VAL A 312 52.54 -17.68 10.66
N TYR A 313 52.42 -17.83 9.33
CA TYR A 313 53.06 -16.96 8.38
C TYR A 313 52.00 -16.10 7.70
N SER A 314 52.39 -14.89 7.30
CA SER A 314 51.44 -13.95 6.73
C SER A 314 52.15 -13.08 5.72
N LEU A 315 51.35 -12.45 4.86
CA LEU A 315 51.84 -11.57 3.81
C LEU A 315 51.73 -10.11 4.25
N ILE A 316 52.80 -9.35 4.00
CA ILE A 316 52.94 -7.99 4.49
C ILE A 316 53.46 -7.12 3.34
N ARG A 317 52.91 -5.91 3.21
CA ARG A 317 53.29 -4.90 2.23
C ARG A 317 54.70 -4.38 2.54
N PRO A 318 55.39 -3.80 1.54
CA PRO A 318 56.72 -3.22 1.83
C PRO A 318 56.70 -2.06 2.80
N ASN A 319 55.56 -1.40 2.98
CA ASN A 319 55.42 -0.30 3.94
C ASN A 319 54.83 -0.76 5.26
N GLU A 320 54.00 -1.80 5.23
CA GLU A 320 53.40 -2.36 6.44
C GLU A 320 54.46 -2.96 7.35
N ASN A 321 54.28 -2.80 8.66
CA ASN A 321 55.16 -3.45 9.61
C ASN A 321 54.48 -4.68 10.21
N PRO A 322 55.26 -5.72 10.53
CA PRO A 322 54.66 -6.95 11.06
C PRO A 322 54.27 -6.85 12.52
N ALA A 323 54.88 -5.90 13.23
CA ALA A 323 54.61 -5.74 14.66
C ALA A 323 53.15 -5.39 14.94
N HIS A 324 52.58 -4.46 14.19
CA HIS A 324 51.16 -4.15 14.35
C HIS A 324 50.27 -5.21 13.71
N LYS A 325 50.77 -5.88 12.66
CA LYS A 325 49.99 -6.93 12.02
C LYS A 325 49.74 -8.10 12.95
N SER A 326 50.74 -8.49 13.75
CA SER A 326 50.55 -9.58 14.70
C SER A 326 49.50 -9.21 15.74
N GLN A 327 49.54 -7.97 16.24
CA GLN A 327 48.56 -7.53 17.21
C GLN A 327 47.15 -7.48 16.62
N LEU A 328 47.03 -7.03 15.36
CA LEU A 328 45.73 -7.02 14.70
C LEU A 328 45.22 -8.44 14.47
N VAL A 329 46.12 -9.37 14.18
CA VAL A 329 45.73 -10.78 14.03
C VAL A 329 45.25 -11.33 15.37
N TRP A 330 45.89 -10.92 16.46
CA TRP A 330 45.43 -11.39 17.78
C TRP A 330 44.06 -10.79 18.09
N MET A 331 43.84 -9.52 17.72
CA MET A 331 42.51 -8.93 17.76
C MET A 331 41.50 -9.78 17.02
N ALA A 332 41.80 -10.14 15.77
CA ALA A 332 40.85 -10.91 14.96
C ALA A 332 40.58 -12.28 15.56
N CYS A 333 41.63 -12.93 16.08
CA CYS A 333 41.47 -14.26 16.64
C CYS A 333 40.62 -14.26 17.89
N HIS A 334 40.89 -13.33 18.81
CA HIS A 334 40.20 -13.32 20.10
C HIS A 334 39.08 -12.29 20.17
N SER A 335 38.78 -11.60 19.07
CA SER A 335 37.67 -10.65 19.01
C SER A 335 37.73 -9.62 20.14
N ALA A 336 38.92 -9.06 20.32
CA ALA A 336 39.18 -8.08 21.37
C ALA A 336 39.36 -6.68 20.80
N ALA A 337 38.90 -6.46 19.57
CA ALA A 337 39.03 -5.14 18.95
C ALA A 337 38.10 -4.11 19.55
N PHE A 338 37.05 -4.54 20.25
CA PHE A 338 36.10 -3.65 20.89
C PHE A 338 36.32 -3.55 22.40
N GLU A 339 37.41 -4.11 22.91
CA GLU A 339 37.71 -4.08 24.33
C GLU A 339 38.65 -2.92 24.65
N ASP A 340 38.92 -2.73 25.94
CA ASP A 340 39.85 -1.72 26.41
C ASP A 340 41.27 -2.10 25.95
N LEU A 341 42.02 -1.10 25.49
CA LEU A 341 43.37 -1.36 25.01
C LEU A 341 44.29 -1.76 26.15
N ARG A 342 44.07 -1.19 27.34
CA ARG A 342 44.94 -1.47 28.49
C ARG A 342 44.88 -2.95 28.88
N VAL A 343 43.67 -3.50 28.92
CA VAL A 343 43.52 -4.91 29.29
C VAL A 343 44.18 -5.82 28.25
N SER A 344 43.95 -5.54 26.97
CA SER A 344 44.58 -6.34 25.92
C SER A 344 46.09 -6.26 26.00
N SER A 345 46.62 -5.08 26.34
CA SER A 345 48.06 -4.95 26.56
C SER A 345 48.52 -5.79 27.74
N PHE A 346 47.73 -5.84 28.81
CA PHE A 346 48.10 -6.61 29.99
C PHE A 346 48.21 -8.10 29.64
N ILE A 347 47.19 -8.65 28.98
CA ILE A 347 47.30 -10.05 28.57
C ILE A 347 48.44 -10.25 27.57
N ARG A 348 48.61 -9.31 26.62
CA ARG A 348 49.75 -9.41 25.71
C ARG A 348 51.07 -9.30 26.44
N GLY A 349 51.15 -8.39 27.41
CA GLY A 349 52.41 -8.03 28.04
C GLY A 349 53.14 -6.92 27.33
N THR A 350 52.71 -6.57 26.12
CA THR A 350 53.26 -5.48 25.35
C THR A 350 52.16 -4.49 25.00
N LYS A 351 52.55 -3.24 24.77
CA LYS A 351 51.59 -2.20 24.46
C LYS A 351 50.88 -2.47 23.15
N VAL A 352 49.56 -2.29 23.12
CA VAL A 352 48.76 -2.49 21.92
C VAL A 352 48.44 -1.12 21.34
N VAL A 353 48.88 -0.89 20.11
CA VAL A 353 48.73 0.40 19.44
C VAL A 353 47.28 0.55 18.97
N PRO A 354 46.62 1.66 19.29
CA PRO A 354 45.26 1.89 18.77
C PRO A 354 45.28 2.13 17.26
N ARG A 355 44.08 2.05 16.67
CA ARG A 355 43.95 2.16 15.22
C ARG A 355 44.29 3.54 14.69
N GLY A 356 44.43 4.54 15.57
CA GLY A 356 44.75 5.88 15.10
C GLY A 356 46.10 5.96 14.41
N LYS A 357 47.11 5.26 14.95
CA LYS A 357 48.46 5.32 14.44
C LYS A 357 48.98 3.95 13.98
N LEU A 358 48.09 3.09 13.50
CA LEU A 358 48.50 1.81 12.94
C LEU A 358 48.99 2.03 11.51
N SER A 359 50.29 1.86 11.29
CA SER A 359 50.88 2.03 9.96
C SER A 359 50.77 0.71 9.18
N THR A 360 49.54 0.20 9.13
CA THR A 360 49.23 -1.04 8.44
C THR A 360 47.89 -0.86 7.73
N ARG A 361 47.54 -1.86 6.91
CA ARG A 361 46.28 -1.84 6.19
C ARG A 361 45.50 -3.12 6.46
N GLY A 362 44.43 -3.35 5.71
CA GLY A 362 43.65 -4.55 5.89
C GLY A 362 44.44 -5.80 5.59
N VAL A 363 44.06 -6.88 6.29
CA VAL A 363 44.76 -8.15 6.13
C VAL A 363 44.59 -8.68 4.71
N GLN A 364 43.38 -8.61 4.18
CA GLN A 364 43.12 -9.09 2.84
C GLN A 364 43.83 -8.23 1.81
N ILE A 365 44.29 -8.85 0.72
CA ILE A 365 45.05 -8.19 -0.33
C ILE A 365 44.13 -7.85 -1.48
N ALA A 366 44.24 -6.61 -1.98
CA ALA A 366 43.43 -6.18 -3.10
C ALA A 366 43.79 -6.96 -4.36
N SER A 367 42.80 -7.09 -5.25
CA SER A 367 42.97 -7.89 -6.46
C SER A 367 43.94 -7.27 -7.46
N ASN A 368 44.28 -6.00 -7.31
CA ASN A 368 45.15 -5.32 -8.27
C ASN A 368 46.57 -5.10 -7.77
N GLU A 369 46.86 -5.44 -6.52
CA GLU A 369 48.17 -5.17 -5.94
C GLU A 369 49.23 -6.07 -6.59
N ASN A 370 50.39 -5.49 -6.88
CA ASN A 370 51.47 -6.24 -7.51
C ASN A 370 52.14 -7.19 -6.52
N MET A 371 52.98 -8.09 -7.05
CA MET A 371 53.52 -9.16 -6.23
C MET A 371 55.00 -9.01 -5.94
N GLU A 372 55.72 -8.16 -6.66
CA GLU A 372 57.15 -7.99 -6.41
C GLU A 372 57.41 -7.32 -5.08
N THR A 373 56.44 -6.55 -4.57
CA THR A 373 56.60 -5.82 -3.32
C THR A 373 56.20 -6.64 -2.09
N MET A 374 55.52 -7.77 -2.28
CA MET A 374 54.87 -8.47 -1.19
C MET A 374 55.89 -9.37 -0.49
N GLU A 375 55.85 -9.40 0.85
CA GLU A 375 56.87 -10.13 1.59
C GLU A 375 56.22 -10.91 2.73
N SER A 376 56.65 -12.17 2.90
CA SER A 376 56.03 -13.05 3.89
C SER A 376 56.89 -13.16 5.15
N SER A 377 56.23 -13.16 6.30
CA SER A 377 56.95 -13.23 7.57
C SER A 377 56.04 -13.80 8.66
N THR A 378 56.65 -14.15 9.78
CA THR A 378 55.96 -14.77 10.90
C THR A 378 55.05 -13.78 11.62
N LEU A 379 54.16 -14.31 12.45
CA LEU A 379 53.29 -13.53 13.33
C LEU A 379 53.45 -14.02 14.75
N GLU A 380 53.44 -13.08 15.69
CA GLU A 380 53.52 -13.40 17.12
C GLU A 380 52.13 -13.47 17.72
N LEU A 381 51.81 -14.61 18.33
CA LEU A 381 50.54 -14.80 19.01
C LEU A 381 50.68 -15.15 20.49
N ARG A 382 51.91 -15.28 21.00
CA ARG A 382 52.11 -15.62 22.40
C ARG A 382 51.61 -14.49 23.30
N SER A 383 50.89 -14.88 24.35
CA SER A 383 50.39 -13.95 25.36
C SER A 383 50.87 -14.40 26.73
N ARG A 384 51.20 -13.43 27.58
CA ARG A 384 51.74 -13.74 28.90
C ARG A 384 50.68 -14.35 29.81
N TYR A 385 49.42 -13.97 29.62
CA TYR A 385 48.35 -14.38 30.51
C TYR A 385 47.15 -14.88 29.71
N TRP A 386 46.15 -15.36 30.45
CA TRP A 386 44.91 -15.87 29.90
C TRP A 386 43.76 -15.50 30.83
N ALA A 387 42.57 -15.32 30.26
CA ALA A 387 41.40 -14.94 31.02
C ALA A 387 40.16 -15.58 30.40
N ILE A 388 39.15 -15.77 31.25
CA ILE A 388 37.85 -16.31 30.81
C ILE A 388 37.08 -15.19 30.13
N ARG A 389 36.30 -15.53 29.11
CA ARG A 389 35.50 -14.55 28.38
C ARG A 389 34.03 -14.97 28.44
N THR A 390 33.34 -14.56 29.49
CA THR A 390 31.95 -14.90 29.68
C THR A 390 31.04 -13.92 28.95
N ARG A 391 29.80 -14.35 28.72
CA ARG A 391 28.78 -13.52 28.09
C ARG A 391 27.96 -12.77 29.13
N SER A 392 28.64 -12.08 30.05
CA SER A 392 27.99 -11.33 31.11
C SER A 392 28.23 -9.84 30.89
N GLY A 393 27.62 -9.02 31.74
CA GLY A 393 27.77 -7.58 31.67
C GLY A 393 28.53 -7.07 32.88
N GLY A 394 28.86 -5.77 32.84
CA GLY A 394 29.57 -5.14 33.93
C GLY A 394 28.80 -5.16 35.23
N ASN A 395 29.51 -5.23 36.36
CA ASN A 395 28.85 -5.26 37.65
C ASN A 395 28.18 -3.93 37.98
N THR A 396 28.46 -2.89 37.20
CA THR A 396 27.91 -1.57 37.44
C THR A 396 26.37 -1.56 37.36
N ASN A 397 25.81 -2.38 36.46
CA ASN A 397 24.35 -2.48 36.38
C ASN A 397 23.78 -3.09 37.66
N GLN A 398 24.46 -4.09 38.22
CA GLN A 398 24.03 -4.66 39.49
C GLN A 398 24.20 -3.66 40.62
N GLN A 399 25.22 -2.79 40.53
CA GLN A 399 25.36 -1.74 41.51
C GLN A 399 24.20 -0.75 41.44
N ARG A 400 23.77 -0.40 40.23
CA ARG A 400 22.62 0.50 40.07
C ARG A 400 21.35 -0.15 40.59
N GLY A 435 2.78 3.44 29.03
CA GLY A 435 2.00 3.91 27.90
C GLY A 435 2.77 3.97 26.59
N ARG A 436 3.98 4.53 26.64
CA ARG A 436 4.79 4.72 25.44
C ARG A 436 6.25 4.44 25.80
N THR A 437 7.14 4.89 24.92
CA THR A 437 8.56 4.64 25.13
C THR A 437 9.20 5.74 25.99
N SER A 438 8.65 6.96 25.93
CA SER A 438 9.29 8.10 26.59
C SER A 438 9.24 7.96 28.11
N ASP A 439 8.16 7.39 28.64
CA ASP A 439 8.07 7.22 30.09
C ASP A 439 9.19 6.34 30.61
N MET A 440 9.54 5.29 29.86
CA MET A 440 10.70 4.47 30.21
C MET A 440 12.01 5.15 29.84
N ARG A 441 11.99 6.05 28.85
CA ARG A 441 13.17 6.86 28.56
C ARG A 441 13.55 7.69 29.77
N THR A 442 12.55 8.07 30.59
CA THR A 442 12.85 8.79 31.82
C THR A 442 13.72 7.98 32.76
N GLU A 443 13.38 6.70 32.99
CA GLU A 443 14.25 5.85 33.80
C GLU A 443 15.57 5.59 33.09
N ILE A 444 15.57 5.55 31.76
CA ILE A 444 16.84 5.46 31.04
C ILE A 444 17.74 6.62 31.42
N ILE A 445 17.21 7.84 31.40
CA ILE A 445 18.00 9.02 31.71
C ILE A 445 18.48 8.99 33.15
N ARG A 446 17.61 8.60 34.09
CA ARG A 446 18.04 8.61 35.48
C ARG A 446 19.09 7.53 35.76
N LEU A 447 18.98 6.37 35.11
CA LEU A 447 20.03 5.36 35.21
C LEU A 447 21.34 5.86 34.61
N MET A 448 21.27 6.55 33.48
CA MET A 448 22.47 7.10 32.86
C MET A 448 23.14 8.09 33.80
N GLU A 449 22.34 8.94 34.45
CA GLU A 449 22.88 9.88 35.42
C GLU A 449 23.49 9.16 36.62
N SER A 450 22.86 8.06 37.04
CA SER A 450 23.42 7.28 38.15
C SER A 450 24.72 6.60 37.75
N ALA A 451 24.87 6.30 36.47
CA ALA A 451 26.09 5.64 35.98
C ALA A 451 27.30 6.56 36.11
N ARG A 452 28.44 5.96 36.43
CA ARG A 452 29.68 6.71 36.59
C ARG A 452 30.81 6.05 35.82
N PRO A 453 31.81 6.82 35.39
CA PRO A 453 32.97 6.22 34.69
C PRO A 453 33.98 5.64 35.68
N GLU A 454 33.56 5.45 36.94
CA GLU A 454 34.44 4.96 37.98
C GLU A 454 34.06 3.56 38.45
N ASP A 455 32.81 3.14 38.28
CA ASP A 455 32.29 1.88 38.81
C ASP A 455 33.11 0.71 38.27
N VAL A 456 33.78 0.00 39.19
CA VAL A 456 34.56 -1.18 38.82
C VAL A 456 33.61 -2.37 38.64
N SER A 457 33.89 -3.19 37.63
CA SER A 457 33.05 -4.31 37.26
C SER A 457 33.80 -5.62 37.43
N PHE A 458 33.10 -6.73 37.20
CA PHE A 458 33.67 -8.08 37.22
C PHE A 458 34.32 -8.39 38.57
N GLN A 459 33.61 -8.15 39.65
CA GLN A 459 34.12 -8.50 40.97
C GLN A 459 34.20 -10.00 41.15
N GLY A 460 35.25 -10.47 41.82
CA GLY A 460 35.44 -11.88 42.10
C GLY A 460 36.13 -12.66 41.00
N ARG A 461 36.53 -12.03 39.91
CA ARG A 461 37.22 -12.68 38.81
C ARG A 461 38.49 -11.92 38.50
N GLY A 462 39.50 -12.62 37.96
CA GLY A 462 40.78 -12.01 37.70
C GLY A 462 41.50 -12.67 36.54
N VAL A 463 42.66 -12.09 36.21
CA VAL A 463 43.52 -12.59 35.14
C VAL A 463 44.39 -13.70 35.69
N PHE A 464 44.60 -14.74 34.89
CA PHE A 464 45.27 -15.95 35.34
C PHE A 464 46.58 -16.13 34.60
N GLU A 465 47.44 -16.98 35.16
CA GLU A 465 48.71 -17.33 34.54
C GLU A 465 48.56 -18.56 33.66
N LEU A 466 49.50 -18.72 32.73
CA LEU A 466 49.43 -19.83 31.78
C LEU A 466 49.65 -21.18 32.46
N SER A 467 50.54 -21.23 33.46
CA SER A 467 50.92 -22.51 34.05
C SER A 467 49.78 -23.19 34.78
N ASP A 468 48.73 -22.46 35.16
CA ASP A 468 47.61 -23.02 35.89
C ASP A 468 46.56 -23.53 34.91
N GLU A 469 45.93 -24.66 35.25
CA GLU A 469 44.97 -25.30 34.36
C GLU A 469 43.55 -25.35 34.92
N LYS A 470 43.39 -25.25 36.25
CA LYS A 470 42.10 -25.45 36.88
C LYS A 470 41.55 -24.19 37.54
N ALA A 471 42.05 -23.01 37.17
CA ALA A 471 41.59 -21.73 37.69
C ALA A 471 41.70 -21.68 39.22
N THR A 472 42.95 -21.74 39.68
CA THR A 472 43.26 -21.82 41.10
C THR A 472 43.42 -20.43 41.74
N SER A 473 44.40 -19.65 41.28
CA SER A 473 44.69 -18.38 41.92
C SER A 473 45.03 -17.31 40.89
N PRO A 474 44.25 -16.21 40.83
CA PRO A 474 44.56 -15.14 39.88
C PRO A 474 45.42 -14.04 40.48
N ILE A 475 45.81 -13.08 39.65
CA ILE A 475 46.53 -11.89 40.08
C ILE A 475 45.69 -10.68 39.68
N VAL A 476 45.51 -9.75 40.59
CA VAL A 476 44.67 -8.58 40.35
C VAL A 476 45.47 -7.51 39.62
N PRO A 477 45.09 -7.12 38.41
CA PRO A 477 45.78 -6.04 37.71
C PRO A 477 45.39 -4.68 38.27
N SER A 478 46.27 -3.70 38.03
CA SER A 478 46.05 -2.34 38.52
C SER A 478 46.81 -1.37 37.62
N PHE A 479 46.08 -0.51 36.91
CA PHE A 479 46.67 0.46 36.01
C PHE A 479 46.47 1.87 36.57
N ASP A 480 47.56 2.62 36.67
CA ASP A 480 47.53 4.03 37.03
C ASP A 480 48.24 4.89 35.97
N MET A 481 48.29 4.40 34.73
CA MET A 481 49.04 5.04 33.66
C MET A 481 48.21 6.12 32.96
N SER A 482 47.76 7.10 33.74
CA SER A 482 47.07 8.29 33.26
C SER A 482 45.95 7.98 32.28
N ASN A 483 46.03 8.55 31.07
CA ASN A 483 44.97 8.46 30.08
C ASN A 483 45.51 8.01 28.73
N GLU A 484 46.27 6.92 28.70
CA GLU A 484 46.84 6.38 27.47
C GLU A 484 45.80 6.24 26.36
N GLY A 485 44.54 6.06 26.73
CA GLY A 485 43.48 5.99 25.76
C GLY A 485 42.85 4.62 25.64
N SER A 486 41.69 4.45 26.28
CA SER A 486 40.93 3.20 26.19
C SER A 486 39.90 3.24 25.07
N TYR A 487 40.32 3.55 23.84
CA TYR A 487 39.39 3.76 22.73
C TYR A 487 40.14 3.36 21.45
N PHE A 488 39.73 2.24 20.86
CA PHE A 488 40.42 1.73 19.68
C PHE A 488 40.25 2.62 18.47
N PHE A 489 39.08 3.25 18.31
CA PHE A 489 38.82 4.18 17.22
C PHE A 489 38.84 5.60 17.74
N GLY A 490 39.59 6.47 17.04
CA GLY A 490 39.70 7.85 17.43
C GLY A 490 40.80 8.11 18.44
N ASN B 21 21.92 1.06 -14.13
CA ASN B 21 22.55 1.04 -15.44
C ASN B 21 22.78 2.45 -15.96
N ALA B 22 23.87 2.63 -16.72
CA ALA B 22 24.21 3.93 -17.28
C ALA B 22 24.01 4.02 -18.79
N THR B 23 23.80 2.88 -19.46
CA THR B 23 23.61 2.91 -20.91
C THR B 23 22.33 3.65 -21.31
N GLU B 24 21.27 3.47 -20.53
CA GLU B 24 20.00 4.13 -20.86
C GLU B 24 20.10 5.65 -20.78
N ILE B 25 20.78 6.15 -19.73
CA ILE B 25 20.96 7.59 -19.60
C ILE B 25 21.78 8.13 -20.76
N ARG B 26 22.85 7.41 -21.13
CA ARG B 26 23.68 7.82 -22.26
C ARG B 26 22.87 7.86 -23.55
N ALA B 27 22.04 6.83 -23.78
CA ALA B 27 21.20 6.82 -24.98
C ALA B 27 20.22 7.97 -24.97
N SER B 28 19.61 8.27 -23.82
CA SER B 28 18.66 9.37 -23.74
C SER B 28 19.31 10.70 -24.04
N VAL B 29 20.48 10.97 -23.44
CA VAL B 29 21.15 12.24 -23.67
C VAL B 29 21.65 12.33 -25.11
N GLY B 30 22.09 11.19 -25.67
CA GLY B 30 22.49 11.19 -27.07
C GLY B 30 21.35 11.50 -28.01
N LYS B 31 20.18 10.92 -27.76
CA LYS B 31 19.00 11.25 -28.56
C LYS B 31 18.63 12.71 -28.42
N MET B 32 18.68 13.22 -27.20
CA MET B 32 18.36 14.64 -26.95
C MET B 32 19.30 15.57 -27.73
N ILE B 33 20.60 15.35 -27.61
CA ILE B 33 21.53 16.25 -28.29
C ILE B 33 21.49 16.04 -29.80
N ASP B 34 21.15 14.84 -30.25
CA ASP B 34 20.96 14.63 -31.68
C ASP B 34 19.77 15.44 -32.20
N GLY B 35 18.67 15.45 -31.44
CA GLY B 35 17.54 16.29 -31.81
C GLY B 35 17.90 17.76 -31.81
N ILE B 36 18.67 18.19 -30.81
CA ILE B 36 19.11 19.58 -30.76
C ILE B 36 19.96 19.93 -31.99
N GLY B 37 20.90 19.05 -32.34
CA GLY B 37 21.75 19.31 -33.49
C GLY B 37 20.97 19.31 -34.79
N ARG B 38 19.98 18.44 -34.92
CA ARG B 38 19.13 18.45 -36.10
C ARG B 38 18.26 19.69 -36.18
N PHE B 39 17.80 20.21 -35.04
CA PHE B 39 17.10 21.50 -35.06
C PHE B 39 18.04 22.61 -35.49
N TYR B 40 19.32 22.55 -35.06
CA TYR B 40 20.29 23.53 -35.53
C TYR B 40 20.48 23.42 -37.04
N ILE B 41 20.55 22.19 -37.54
CA ILE B 41 20.68 21.99 -38.99
C ILE B 41 19.50 22.61 -39.73
N GLN B 42 18.28 22.40 -39.22
CA GLN B 42 17.12 22.92 -39.93
C GLN B 42 17.03 24.43 -39.82
N MET B 43 17.48 25.02 -38.70
CA MET B 43 17.46 26.48 -38.65
C MET B 43 18.48 27.06 -39.63
N CYS B 44 19.63 26.38 -39.76
CA CYS B 44 20.60 26.81 -40.76
C CYS B 44 20.01 26.71 -42.17
N THR B 45 19.24 25.65 -42.43
CA THR B 45 18.59 25.50 -43.73
C THR B 45 17.57 26.61 -43.97
N GLU B 46 16.75 26.91 -42.96
CA GLU B 46 15.66 27.86 -43.11
C GLU B 46 16.11 29.32 -43.14
N LEU B 47 17.17 29.67 -42.40
CA LEU B 47 17.63 31.05 -42.33
C LEU B 47 18.46 31.47 -43.53
N LYS B 48 18.81 30.53 -44.41
CA LYS B 48 19.59 30.83 -45.62
C LYS B 48 20.93 31.49 -45.26
N LEU B 49 21.55 31.01 -44.19
CA LEU B 49 22.83 31.53 -43.75
C LEU B 49 23.97 30.76 -44.39
N SER B 50 25.13 31.40 -44.50
CA SER B 50 26.30 30.77 -45.08
C SER B 50 26.95 29.83 -44.07
N ASP B 51 28.00 29.14 -44.54
CA ASP B 51 28.71 28.20 -43.68
C ASP B 51 29.36 28.91 -42.50
N TYR B 52 30.00 30.06 -42.76
CA TYR B 52 30.63 30.82 -41.68
C TYR B 52 29.59 31.37 -40.72
N GLU B 53 28.49 31.90 -41.25
CA GLU B 53 27.45 32.48 -40.40
C GLU B 53 26.78 31.42 -39.53
N GLY B 54 26.86 30.15 -39.91
CA GLY B 54 26.34 29.09 -39.06
C GLY B 54 27.25 28.70 -37.92
N ARG B 55 28.44 29.31 -37.85
CA ARG B 55 29.39 29.06 -36.76
C ARG B 55 29.55 30.29 -35.87
N LEU B 56 28.53 31.14 -35.81
CA LEU B 56 28.56 32.35 -34.99
C LEU B 56 27.78 32.13 -33.70
N ILE B 57 28.39 32.52 -32.58
CA ILE B 57 27.74 32.36 -31.28
C ILE B 57 26.53 33.27 -31.16
N GLN B 58 26.60 34.49 -31.71
CA GLN B 58 25.52 35.46 -31.53
C GLN B 58 24.20 34.95 -32.12
N ASN B 59 24.26 34.33 -33.30
CA ASN B 59 23.05 33.80 -33.92
C ASN B 59 22.40 32.74 -33.03
N SER B 60 23.21 31.82 -32.50
CA SER B 60 22.68 30.79 -31.62
C SER B 60 22.11 31.40 -30.34
N LEU B 61 22.78 32.42 -29.80
CA LEU B 61 22.30 33.09 -28.60
C LEU B 61 20.92 33.71 -28.81
N THR B 62 20.77 34.46 -29.89
CA THR B 62 19.47 35.08 -30.17
C THR B 62 18.40 34.02 -30.42
N ILE B 63 18.75 32.98 -31.18
CA ILE B 63 17.81 31.90 -31.46
C ILE B 63 17.39 31.20 -30.17
N GLU B 64 18.29 31.06 -29.21
CA GLU B 64 17.95 30.37 -27.97
C GLU B 64 17.17 31.25 -26.99
N ARG B 65 17.38 32.56 -26.98
CA ARG B 65 16.37 33.39 -26.30
C ARG B 65 15.01 33.30 -26.96
N MET B 66 14.97 33.19 -28.30
CA MET B 66 13.71 32.88 -28.96
C MET B 66 13.14 31.55 -28.46
N VAL B 67 14.02 30.57 -28.23
CA VAL B 67 13.60 29.26 -27.75
C VAL B 67 12.93 29.37 -26.39
N LEU B 68 13.59 30.06 -25.45
CA LEU B 68 13.06 30.19 -24.10
C LEU B 68 11.80 31.04 -24.09
N SER B 69 11.76 32.08 -24.93
CA SER B 69 10.55 32.89 -25.04
C SER B 69 9.41 32.13 -25.69
N ALA B 70 9.70 31.03 -26.39
CA ALA B 70 8.61 30.25 -26.97
C ALA B 70 8.12 29.16 -26.01
N PHE B 71 9.00 28.57 -25.19
CA PHE B 71 8.54 27.65 -24.16
C PHE B 71 8.29 28.29 -22.78
N ASP B 72 8.34 29.61 -22.66
CA ASP B 72 8.01 30.20 -21.36
C ASP B 72 6.49 30.32 -21.26
N GLU B 73 5.85 29.14 -21.14
CA GLU B 73 4.40 29.06 -21.19
C GLU B 73 3.75 29.94 -20.12
N ARG B 74 4.38 30.03 -18.95
CA ARG B 74 3.89 30.94 -17.92
C ARG B 74 3.93 32.38 -18.41
N ARG B 75 5.07 32.81 -18.95
CA ARG B 75 5.14 34.17 -19.49
C ARG B 75 4.27 34.34 -20.72
N ASN B 76 4.11 33.29 -21.53
CA ASN B 76 3.19 33.40 -22.66
C ASN B 76 1.78 33.71 -22.17
N LYS B 77 1.31 32.97 -21.15
CA LYS B 77 0.01 33.24 -20.56
C LYS B 77 -0.07 34.63 -19.93
N TYR B 78 1.00 35.07 -19.27
CA TYR B 78 1.00 36.40 -18.68
C TYR B 78 0.99 37.52 -19.71
N LEU B 79 1.65 37.35 -20.86
CA LEU B 79 1.72 38.39 -21.87
C LEU B 79 0.51 38.40 -22.79
N GLU B 80 -0.18 37.27 -22.95
CA GLU B 80 -1.40 37.26 -23.75
C GLU B 80 -2.46 38.16 -23.10
N GLU B 81 -2.52 38.16 -21.76
CA GLU B 81 -3.42 39.06 -21.06
C GLU B 81 -2.81 40.44 -20.85
N HIS B 82 -1.55 40.65 -21.25
CA HIS B 82 -0.88 41.92 -21.04
C HIS B 82 -0.27 42.41 -22.35
N PRO B 83 -1.08 42.93 -23.28
CA PRO B 83 -0.54 43.40 -24.56
C PRO B 83 0.12 44.76 -24.47
N SER B 84 1.39 44.80 -24.07
CA SER B 84 2.13 46.04 -23.93
C SER B 84 3.41 45.96 -24.75
N ALA B 85 4.31 46.91 -24.51
CA ALA B 85 5.61 46.99 -25.19
C ALA B 85 5.43 47.13 -26.70
N GLY B 86 4.41 47.88 -27.12
CA GLY B 86 4.16 48.13 -28.52
C GLY B 86 3.87 46.88 -29.32
N LYS B 87 4.61 46.68 -30.43
CA LYS B 87 4.42 45.53 -31.30
C LYS B 87 5.01 44.30 -30.63
N ASP B 88 4.18 43.63 -29.82
CA ASP B 88 4.60 42.40 -29.16
C ASP B 88 3.47 41.38 -29.11
N PRO B 89 2.84 41.01 -30.23
CA PRO B 89 1.81 39.96 -30.17
C PRO B 89 2.41 38.60 -29.82
N LYS B 90 3.36 38.14 -30.64
CA LYS B 90 4.03 36.87 -30.43
C LYS B 90 5.52 36.93 -30.69
N LYS B 91 6.05 38.08 -31.12
CA LYS B 91 7.40 38.17 -31.66
C LYS B 91 8.24 39.12 -30.82
N THR B 92 9.46 38.71 -30.50
CA THR B 92 10.40 39.51 -29.72
C THR B 92 11.77 39.50 -30.37
N GLY B 93 12.42 40.66 -30.39
CA GLY B 93 13.81 40.78 -30.78
C GLY B 93 14.14 40.18 -32.14
N GLY B 94 15.21 39.38 -32.14
CA GLY B 94 15.68 38.70 -33.33
C GLY B 94 16.74 39.46 -34.10
N PRO B 95 17.85 39.83 -33.43
CA PRO B 95 18.93 40.56 -34.14
C PRO B 95 19.90 39.64 -34.88
N ILE B 96 19.51 39.24 -36.08
CA ILE B 96 20.30 38.29 -36.86
C ILE B 96 21.46 39.05 -37.52
N TYR B 97 22.67 38.53 -37.36
CA TYR B 97 23.88 39.13 -37.90
C TYR B 97 24.27 38.41 -39.19
N ARG B 98 24.56 39.18 -40.23
CA ARG B 98 24.86 38.63 -41.57
C ARG B 98 26.08 39.31 -42.18
N ARG B 99 26.75 38.60 -43.08
CA ARG B 99 27.95 39.10 -43.74
C ARG B 99 27.66 39.55 -45.17
N VAL B 100 28.08 40.77 -45.49
CA VAL B 100 28.24 41.19 -46.89
C VAL B 100 29.71 41.44 -47.21
N ASP B 101 30.34 40.49 -47.89
CA ASP B 101 31.68 40.65 -48.47
C ASP B 101 32.67 41.20 -47.44
N GLY B 102 32.63 40.62 -46.25
CA GLY B 102 33.52 41.03 -45.19
C GLY B 102 32.86 41.87 -44.11
N LYS B 103 31.94 42.76 -44.49
CA LYS B 103 31.29 43.62 -43.50
C LYS B 103 30.11 42.91 -42.85
N TRP B 104 29.54 43.51 -41.80
CA TRP B 104 28.52 42.87 -40.99
C TRP B 104 27.31 43.80 -40.89
N ARG B 105 26.13 43.18 -40.85
CA ARG B 105 24.86 43.96 -40.75
C ARG B 105 23.85 43.18 -39.89
N ARG B 106 23.13 43.86 -39.00
CA ARG B 106 22.13 43.24 -38.16
C ARG B 106 20.73 43.57 -38.68
N GLU B 107 19.89 42.56 -38.77
CA GLU B 107 18.50 42.72 -39.15
C GLU B 107 17.61 42.27 -38.00
N LEU B 108 16.63 43.10 -37.67
CA LEU B 108 15.67 42.81 -36.60
C LEU B 108 14.54 41.99 -37.24
N ILE B 109 14.78 40.70 -37.42
CA ILE B 109 13.81 39.79 -38.00
C ILE B 109 13.00 39.19 -36.87
N LEU B 110 11.68 39.29 -36.96
CA LEU B 110 10.76 38.87 -35.92
C LEU B 110 10.17 37.52 -36.28
N TYR B 111 10.28 36.56 -35.38
CA TYR B 111 9.72 35.23 -35.56
C TYR B 111 8.67 34.97 -34.50
N ASP B 112 7.51 34.48 -34.93
CA ASP B 112 6.48 34.09 -33.96
C ASP B 112 6.82 32.75 -33.33
N LYS B 113 6.25 32.50 -32.16
CA LYS B 113 6.63 31.33 -31.39
C LYS B 113 6.11 30.04 -32.01
N GLU B 114 4.89 30.08 -32.56
CA GLU B 114 4.13 28.86 -32.76
C GLU B 114 4.74 27.93 -33.82
N GLU B 115 5.21 28.49 -34.93
CA GLU B 115 5.83 27.67 -35.96
C GLU B 115 7.10 26.99 -35.45
N ILE B 116 7.88 27.72 -34.65
CA ILE B 116 9.07 27.14 -34.03
C ILE B 116 8.67 26.08 -33.01
N ARG B 117 7.51 26.25 -32.36
CA ARG B 117 6.98 25.19 -31.51
C ARG B 117 6.79 23.89 -32.28
N ARG B 118 6.09 23.95 -33.42
CA ARG B 118 5.95 22.73 -34.23
C ARG B 118 7.29 22.25 -34.82
N ILE B 119 8.23 23.15 -35.09
CA ILE B 119 9.48 22.67 -35.68
C ILE B 119 10.29 21.87 -34.66
N TRP B 120 10.32 22.36 -33.41
CA TRP B 120 10.74 21.52 -32.28
C TRP B 120 9.99 20.20 -32.20
N ARG B 121 8.65 20.25 -32.29
CA ARG B 121 7.86 19.03 -32.13
C ARG B 121 8.27 17.98 -33.17
N GLN B 122 8.56 18.42 -34.39
CA GLN B 122 9.08 17.53 -35.42
C GLN B 122 10.56 17.22 -35.26
N ALA B 123 11.30 18.03 -34.51
CA ALA B 123 12.74 17.83 -34.33
C ALA B 123 13.07 16.78 -33.28
N ASN B 124 12.19 16.55 -32.31
CA ASN B 124 12.39 15.56 -31.26
C ASN B 124 11.49 14.35 -31.44
N ASN B 125 11.04 14.09 -32.67
CA ASN B 125 10.20 12.94 -33.00
C ASN B 125 8.89 12.96 -32.20
N GLY B 126 8.19 14.09 -32.27
CA GLY B 126 6.90 14.23 -31.65
C GLY B 126 6.90 14.56 -30.17
N ASP B 127 8.06 14.81 -29.57
CA ASP B 127 8.16 15.08 -28.15
C ASP B 127 8.40 16.57 -27.90
N ASP B 128 8.17 16.98 -26.64
CA ASP B 128 8.29 18.39 -26.28
C ASP B 128 9.74 18.81 -26.13
N ALA B 129 10.62 17.90 -25.69
CA ALA B 129 12.05 18.18 -25.47
C ALA B 129 12.25 19.26 -24.41
N THR B 130 11.64 19.08 -23.24
CA THR B 130 11.80 20.05 -22.16
C THR B 130 13.15 19.91 -21.47
N ALA B 131 13.71 18.69 -21.45
CA ALA B 131 15.03 18.53 -20.86
C ALA B 131 16.07 19.34 -21.62
N GLY B 132 16.06 19.25 -22.94
CA GLY B 132 16.96 20.07 -23.72
C GLY B 132 16.78 21.54 -23.39
N LEU B 133 15.53 21.96 -23.17
CA LEU B 133 15.26 23.32 -22.73
C LEU B 133 16.00 23.64 -21.44
N THR B 134 15.95 22.71 -20.49
CA THR B 134 16.65 22.93 -19.23
C THR B 134 18.13 23.09 -19.46
N HIS B 135 18.73 22.26 -20.31
CA HIS B 135 20.17 22.40 -20.56
C HIS B 135 20.51 23.71 -21.26
N MET B 136 19.71 24.12 -22.26
CA MET B 136 20.01 25.43 -22.86
C MET B 136 19.85 26.57 -21.87
N MET B 137 18.80 26.55 -21.04
CA MET B 137 18.63 27.65 -20.09
C MET B 137 19.73 27.65 -19.04
N ILE B 138 20.19 26.46 -18.61
CA ILE B 138 21.35 26.37 -17.72
C ILE B 138 22.61 26.92 -18.38
N TRP B 139 22.84 26.61 -19.66
CA TRP B 139 23.98 27.14 -20.39
C TRP B 139 23.93 28.66 -20.55
N HIS B 140 22.74 29.22 -20.74
CA HIS B 140 22.60 30.67 -20.65
C HIS B 140 22.94 31.17 -19.24
N SER B 141 22.51 30.44 -18.21
CA SER B 141 22.88 30.81 -16.85
C SER B 141 24.39 30.72 -16.66
N ASN B 142 25.02 29.71 -17.25
CA ASN B 142 26.47 29.58 -17.16
C ASN B 142 27.18 30.76 -17.81
N LEU B 143 26.75 31.16 -19.02
CA LEU B 143 27.39 32.30 -19.66
C LEU B 143 27.14 33.58 -18.88
N ASN B 144 25.94 33.74 -18.33
CA ASN B 144 25.65 34.94 -17.53
C ASN B 144 26.53 34.99 -16.30
N ASP B 145 26.70 33.86 -15.61
CA ASP B 145 27.58 33.83 -14.45
C ASP B 145 29.02 34.11 -14.84
N ALA B 146 29.45 33.60 -15.99
CA ALA B 146 30.81 33.87 -16.46
C ALA B 146 31.02 35.36 -16.75
N THR B 147 30.03 36.00 -17.38
CA THR B 147 30.21 37.39 -17.82
C THR B 147 29.95 38.37 -16.68
N TYR B 148 28.72 38.41 -16.16
CA TYR B 148 28.34 39.41 -15.17
C TYR B 148 27.60 38.79 -14.01
N GLN B 149 28.00 39.17 -12.80
CA GLN B 149 27.33 38.77 -11.57
C GLN B 149 26.73 40.00 -10.90
N ARG B 150 25.56 39.83 -10.29
CA ARG B 150 24.82 40.97 -9.75
C ARG B 150 25.02 41.11 -8.24
N THR B 151 25.99 41.95 -7.87
CA THR B 151 25.99 42.47 -6.51
C THR B 151 24.87 43.49 -6.32
N ARG B 152 24.29 43.98 -7.40
CA ARG B 152 23.17 44.92 -7.31
C ARG B 152 22.02 44.32 -6.51
N ALA B 153 21.55 43.13 -6.92
CA ALA B 153 20.50 42.46 -6.16
C ALA B 153 21.02 41.92 -4.84
N LEU B 154 22.30 41.51 -4.81
CA LEU B 154 22.88 40.96 -3.60
C LEU B 154 22.88 41.98 -2.47
N VAL B 155 22.99 43.26 -2.81
CA VAL B 155 22.91 44.31 -1.80
C VAL B 155 21.51 44.92 -1.76
N ARG B 156 20.69 44.69 -2.79
CA ARG B 156 19.26 45.01 -2.69
C ARG B 156 18.63 44.20 -1.57
N THR B 157 19.02 42.94 -1.43
CA THR B 157 18.63 42.18 -0.24
C THR B 157 19.52 42.50 0.94
N GLY B 158 20.57 43.30 0.76
CA GLY B 158 21.43 43.72 1.85
C GLY B 158 22.59 42.82 2.16
N MET B 159 22.72 41.69 1.46
CA MET B 159 23.80 40.75 1.76
C MET B 159 25.09 41.34 1.20
N ASP B 160 26.22 41.07 1.86
CA ASP B 160 27.45 41.73 1.46
C ASP B 160 27.90 41.22 0.09
N PRO B 161 28.64 42.03 -0.67
CA PRO B 161 29.15 41.58 -1.97
C PRO B 161 30.36 40.65 -1.92
N ARG B 162 30.66 40.05 -0.77
CA ARG B 162 31.79 39.14 -0.66
C ARG B 162 31.49 37.75 -1.21
N MET B 163 30.22 37.42 -1.44
CA MET B 163 29.81 36.06 -1.75
C MET B 163 29.44 35.86 -3.22
N CYS B 164 30.01 36.68 -4.12
CA CYS B 164 29.74 36.56 -5.54
C CYS B 164 30.02 35.16 -6.07
N SER B 165 30.79 34.35 -5.34
CA SER B 165 31.12 33.00 -5.78
C SER B 165 29.92 32.06 -5.74
N LEU B 166 28.89 32.37 -4.96
CA LEU B 166 27.72 31.51 -4.86
C LEU B 166 26.54 32.00 -5.69
N MET B 167 26.81 32.69 -6.81
CA MET B 167 25.76 33.13 -7.71
C MET B 167 25.59 32.19 -8.91
N GLN B 168 26.01 30.94 -8.77
CA GLN B 168 25.88 29.98 -9.87
C GLN B 168 24.42 29.68 -10.14
N GLY B 169 24.05 29.68 -11.42
CA GLY B 169 22.68 29.44 -11.81
C GLY B 169 21.71 30.50 -11.31
N SER B 170 22.18 31.73 -11.11
CA SER B 170 21.33 32.78 -10.56
C SER B 170 20.24 33.18 -11.53
N THR B 171 20.54 33.23 -12.83
CA THR B 171 19.57 33.70 -13.80
C THR B 171 18.49 32.66 -14.09
N LEU B 172 18.65 31.45 -13.57
CA LEU B 172 17.69 30.40 -13.85
C LEU B 172 16.36 30.69 -13.17
N PRO B 173 15.26 30.76 -13.93
CA PRO B 173 13.95 30.88 -13.29
C PRO B 173 13.45 29.55 -12.75
N ARG B 174 12.33 29.62 -12.04
CA ARG B 174 11.78 28.46 -11.35
C ARG B 174 11.32 27.36 -12.31
N ARG B 175 11.00 27.72 -13.55
CA ARG B 175 10.34 26.78 -14.46
C ARG B 175 11.17 25.54 -14.75
N SER B 176 12.48 25.57 -14.52
CA SER B 176 13.31 24.39 -14.76
C SER B 176 12.98 23.27 -13.78
N GLY B 177 13.28 22.05 -14.18
CA GLY B 177 12.99 20.87 -13.39
C GLY B 177 14.09 20.54 -12.40
N ALA B 178 14.12 19.26 -12.02
CA ALA B 178 15.09 18.79 -11.05
C ALA B 178 16.51 18.91 -11.58
N ALA B 179 16.70 18.61 -12.87
CA ALA B 179 18.03 18.75 -13.47
C ALA B 179 18.50 20.20 -13.41
N GLY B 180 17.61 21.14 -13.69
CA GLY B 180 17.94 22.54 -13.51
C GLY B 180 18.17 22.92 -12.06
N ALA B 181 17.37 22.34 -11.16
CA ALA B 181 17.51 22.63 -9.74
C ALA B 181 18.83 22.14 -9.18
N ALA B 182 19.43 21.11 -9.78
CA ALA B 182 20.68 20.56 -9.26
C ALA B 182 21.83 21.54 -9.40
N VAL B 183 21.85 22.33 -10.49
CA VAL B 183 23.01 23.16 -10.77
C VAL B 183 22.91 24.55 -10.17
N LYS B 184 21.73 24.97 -9.73
CA LYS B 184 21.60 26.27 -9.09
C LYS B 184 22.41 26.30 -7.80
N GLY B 185 23.11 27.41 -7.58
CA GLY B 185 23.96 27.54 -6.42
C GLY B 185 23.19 27.75 -5.14
N VAL B 186 23.91 27.60 -4.03
CA VAL B 186 23.30 27.82 -2.71
C VAL B 186 22.87 29.27 -2.57
N GLY B 187 23.73 30.21 -3.00
CA GLY B 187 23.39 31.62 -2.91
C GLY B 187 22.20 32.00 -3.78
N THR B 188 22.04 31.33 -4.93
CA THR B 188 20.86 31.56 -5.75
C THR B 188 19.58 31.21 -4.98
N MET B 189 19.59 30.06 -4.30
CA MET B 189 18.44 29.68 -3.48
C MET B 189 18.25 30.65 -2.33
N VAL B 190 19.35 31.13 -1.73
CA VAL B 190 19.23 32.11 -0.65
C VAL B 190 18.54 33.37 -1.15
N MET B 191 18.95 33.86 -2.31
CA MET B 191 18.32 35.05 -2.89
C MET B 191 16.84 34.80 -3.18
N GLU B 192 16.52 33.65 -3.78
CA GLU B 192 15.13 33.35 -4.13
C GLU B 192 14.26 33.26 -2.89
N LEU B 193 14.75 32.63 -1.82
CA LEU B 193 13.96 32.52 -0.59
C LEU B 193 13.84 33.86 0.12
N ILE B 194 14.88 34.70 0.11
CA ILE B 194 14.77 36.00 0.74
C ILE B 194 13.78 36.88 -0.01
N ARG B 195 13.70 36.73 -1.33
CA ARG B 195 12.68 37.46 -2.08
C ARG B 195 11.28 37.11 -1.58
N MET B 196 11.00 35.81 -1.43
CA MET B 196 9.69 35.39 -0.94
C MET B 196 9.45 35.85 0.49
N ILE B 197 10.48 35.79 1.34
CA ILE B 197 10.34 36.24 2.71
C ILE B 197 10.03 37.73 2.78
N LYS B 198 10.73 38.54 1.99
CA LYS B 198 10.47 39.98 1.99
C LYS B 198 9.08 40.29 1.44
N ARG B 199 8.65 39.53 0.42
CA ARG B 199 7.30 39.72 -0.09
C ARG B 199 6.24 39.36 0.96
N GLY B 200 6.50 38.30 1.74
CA GLY B 200 5.56 37.92 2.78
C GLY B 200 5.61 38.84 3.99
N ILE B 201 6.72 39.56 4.17
CA ILE B 201 6.80 40.56 5.22
C ILE B 201 6.12 41.86 4.81
N ASN B 202 6.23 42.26 3.55
CA ASN B 202 5.62 43.51 3.10
C ASN B 202 4.11 43.47 3.24
N ASP B 203 3.49 42.34 2.89
CA ASP B 203 2.05 42.18 2.97
C ASP B 203 1.72 40.82 3.58
N ARG B 204 0.54 40.73 4.19
CA ARG B 204 0.09 39.53 4.90
C ARG B 204 -0.29 38.44 3.91
N ASN B 205 0.72 37.91 3.19
CA ASN B 205 0.45 37.06 2.03
C ASN B 205 0.30 35.59 2.37
N PHE B 206 0.53 35.20 3.61
CA PHE B 206 0.48 33.78 3.98
C PHE B 206 -0.91 33.31 4.40
N TRP B 207 -1.99 33.94 3.93
CA TRP B 207 -3.33 33.54 4.33
C TRP B 207 -3.62 32.10 3.93
N ARG B 208 -4.76 31.60 4.41
CA ARG B 208 -5.23 30.24 4.13
C ARG B 208 -5.72 30.07 2.70
N GLY B 209 -5.55 31.06 1.83
CA GLY B 209 -5.97 30.93 0.46
C GLY B 209 -5.03 30.05 -0.35
N GLU B 210 -5.40 29.84 -1.62
CA GLU B 210 -4.62 28.98 -2.49
C GLU B 210 -3.23 29.56 -2.78
N ASN B 211 -3.12 30.88 -2.88
CA ASN B 211 -1.83 31.49 -3.14
C ASN B 211 -0.84 31.20 -2.02
N GLY B 212 -1.30 31.33 -0.76
CA GLY B 212 -0.45 31.01 0.36
C GLY B 212 -0.04 29.56 0.39
N ARG B 213 -0.98 28.66 0.08
CA ARG B 213 -0.67 27.23 0.07
C ARG B 213 0.37 26.92 -1.00
N ARG B 214 0.23 27.53 -2.18
CA ARG B 214 1.16 27.25 -3.28
C ARG B 214 2.54 27.83 -3.01
N THR B 215 2.62 29.06 -2.47
CA THR B 215 3.94 29.59 -2.11
C THR B 215 4.57 28.78 -0.98
N ARG B 216 3.74 28.28 -0.05
CA ARG B 216 4.23 27.38 0.98
C ARG B 216 4.86 26.15 0.33
N ILE B 217 4.14 25.53 -0.61
CA ILE B 217 4.63 24.32 -1.27
C ILE B 217 5.94 24.58 -1.99
N ALA B 218 6.00 25.66 -2.77
CA ALA B 218 7.26 26.01 -3.43
C ALA B 218 8.36 26.23 -2.41
N TYR B 219 8.00 26.72 -1.23
CA TYR B 219 9.00 26.96 -0.19
C TYR B 219 9.60 25.65 0.29
N GLU B 220 8.77 24.63 0.61
CA GLU B 220 9.42 23.40 1.08
C GLU B 220 10.13 22.69 -0.05
N ARG B 221 9.66 22.84 -1.29
CA ARG B 221 10.39 22.23 -2.40
C ARG B 221 11.78 22.85 -2.54
N MET B 222 11.87 24.16 -2.46
CA MET B 222 13.18 24.81 -2.54
C MET B 222 14.03 24.45 -1.31
N CYS B 223 13.39 24.24 -0.15
CA CYS B 223 14.16 23.94 1.04
C CYS B 223 14.71 22.51 1.04
N ASN B 224 13.95 21.53 0.54
CA ASN B 224 14.53 20.19 0.51
C ASN B 224 15.53 20.08 -0.63
N ILE B 225 15.38 20.89 -1.69
CA ILE B 225 16.49 21.03 -2.63
C ILE B 225 17.74 21.53 -1.91
N LEU B 226 17.58 22.56 -1.06
CA LEU B 226 18.71 23.09 -0.30
C LEU B 226 19.35 22.00 0.56
N LYS B 227 18.56 21.31 1.37
CA LYS B 227 19.12 20.34 2.31
C LYS B 227 19.70 19.13 1.58
N GLY B 228 19.19 18.83 0.38
CA GLY B 228 19.85 17.85 -0.46
C GLY B 228 21.20 18.33 -0.97
N LYS B 229 21.32 19.63 -1.21
CA LYS B 229 22.57 20.18 -1.72
C LYS B 229 23.71 20.13 -0.71
N PHE B 230 23.43 20.20 0.58
CA PHE B 230 24.48 20.24 1.59
C PHE B 230 24.98 18.81 1.89
N GLN B 231 26.07 18.74 2.66
CA GLN B 231 26.73 17.46 2.93
C GLN B 231 26.87 17.16 4.42
N THR B 232 27.19 18.16 5.24
CA THR B 232 27.38 17.92 6.67
C THR B 232 26.05 17.98 7.41
N ALA B 233 25.95 17.20 8.49
CA ALA B 233 24.68 17.02 9.17
C ALA B 233 24.20 18.28 9.88
N ALA B 234 25.13 19.10 10.39
CA ALA B 234 24.74 20.25 11.19
C ALA B 234 23.91 21.24 10.38
N GLN B 235 24.39 21.57 9.18
CA GLN B 235 23.64 22.51 8.35
C GLN B 235 22.33 21.93 7.87
N ARG B 236 22.28 20.63 7.59
CA ARG B 236 21.02 19.99 7.23
C ARG B 236 20.01 20.10 8.38
N THR B 237 20.47 19.86 9.61
CA THR B 237 19.58 19.96 10.76
C THR B 237 19.11 21.40 10.98
N MET B 238 19.99 22.38 10.81
CA MET B 238 19.55 23.76 11.04
C MET B 238 18.61 24.23 9.92
N VAL B 239 18.79 23.72 8.70
CA VAL B 239 17.80 23.98 7.65
C VAL B 239 16.47 23.32 8.01
N ASP B 240 16.53 22.11 8.57
CA ASP B 240 15.30 21.46 9.03
C ASP B 240 14.59 22.31 10.07
N GLN B 241 15.34 22.90 11.00
CA GLN B 241 14.73 23.69 12.06
C GLN B 241 14.27 25.06 11.59
N VAL B 242 14.90 25.61 10.54
CA VAL B 242 14.44 26.87 9.96
C VAL B 242 13.02 26.69 9.42
N ARG B 243 12.72 25.52 8.87
CA ARG B 243 11.39 25.15 8.40
C ARG B 243 10.33 25.27 9.50
N GLU B 244 10.71 24.97 10.75
CA GLU B 244 9.77 24.97 11.90
C GLU B 244 8.99 26.28 12.02
N SER B 245 9.55 27.40 11.52
CA SER B 245 8.90 28.70 11.62
C SER B 245 7.78 28.79 10.60
N ARG B 246 6.54 28.78 11.08
CA ARG B 246 5.40 28.88 10.16
C ARG B 246 5.25 30.28 9.60
N ASN B 247 5.74 31.29 10.30
CA ASN B 247 5.65 32.69 9.87
C ASN B 247 7.05 33.28 9.67
N PRO B 248 7.58 33.23 8.44
CA PRO B 248 8.92 33.75 8.19
C PRO B 248 8.98 35.26 8.37
N GLY B 249 9.66 35.70 9.42
CA GLY B 249 9.80 37.12 9.70
C GLY B 249 11.20 37.62 9.47
N ASN B 250 11.75 38.32 10.47
CA ASN B 250 13.08 38.89 10.34
C ASN B 250 14.19 37.97 10.85
N ALA B 251 13.93 37.18 11.90
CA ALA B 251 14.98 36.35 12.48
C ALA B 251 15.51 35.33 11.46
N GLU B 252 14.61 34.73 10.68
CA GLU B 252 15.02 33.77 9.66
C GLU B 252 15.93 34.41 8.61
N PHE B 253 15.82 35.73 8.41
CA PHE B 253 16.69 36.41 7.44
C PHE B 253 18.16 36.29 7.84
N GLU B 254 18.49 36.67 9.07
CA GLU B 254 19.87 36.50 9.53
C GLU B 254 20.20 35.02 9.74
N ASP B 255 19.21 34.20 10.08
CA ASP B 255 19.46 32.76 10.20
C ASP B 255 20.00 32.19 8.89
N LEU B 256 19.34 32.50 7.78
CA LEU B 256 19.76 31.98 6.49
C LEU B 256 20.95 32.74 5.91
N ILE B 257 21.19 33.99 6.33
CA ILE B 257 22.48 34.62 6.03
C ILE B 257 23.62 33.88 6.71
N PHE B 258 23.43 33.48 7.97
CA PHE B 258 24.42 32.65 8.64
C PHE B 258 24.60 31.32 7.93
N LEU B 259 23.50 30.73 7.46
CA LEU B 259 23.58 29.53 6.64
C LEU B 259 24.45 29.75 5.41
N ALA B 260 24.26 30.89 4.75
CA ALA B 260 25.02 31.19 3.53
C ALA B 260 26.50 31.36 3.83
N ARG B 261 26.83 32.14 4.87
CA ARG B 261 28.24 32.36 5.17
C ARG B 261 28.89 31.11 5.77
N SER B 262 28.07 30.17 6.26
CA SER B 262 28.60 28.86 6.63
C SER B 262 28.86 28.01 5.39
N ALA B 263 27.97 28.09 4.40
CA ALA B 263 28.18 27.39 3.14
C ALA B 263 29.32 27.98 2.34
N LEU B 264 29.77 29.19 2.70
CA LEU B 264 30.98 29.74 2.10
C LEU B 264 32.14 28.75 2.19
N ILE B 265 32.29 28.11 3.35
CA ILE B 265 33.31 27.09 3.53
C ILE B 265 32.70 25.68 3.50
N LEU B 266 31.60 25.47 4.21
CA LEU B 266 30.87 24.20 4.14
C LEU B 266 29.99 24.21 2.90
N ARG B 267 30.64 24.14 1.75
CA ARG B 267 29.97 24.29 0.46
C ARG B 267 29.04 23.12 0.19
N GLY B 268 27.98 23.40 -0.56
CA GLY B 268 27.03 22.38 -0.96
C GLY B 268 27.47 21.64 -2.21
N SER B 269 27.05 20.39 -2.31
CA SER B 269 27.37 19.53 -3.45
C SER B 269 26.49 19.93 -4.63
N VAL B 270 26.97 20.88 -5.42
CA VAL B 270 26.26 21.42 -6.56
C VAL B 270 26.90 20.91 -7.83
N ALA B 271 26.08 20.43 -8.77
CA ALA B 271 26.59 19.85 -10.00
C ALA B 271 27.05 20.94 -10.96
N HIS B 272 27.80 20.52 -11.98
CA HIS B 272 28.30 21.42 -13.03
C HIS B 272 27.98 20.77 -14.37
N LYS B 273 26.88 21.19 -14.98
CA LYS B 273 26.38 20.59 -16.21
C LYS B 273 27.12 21.21 -17.40
N SER B 274 27.73 20.34 -18.23
CA SER B 274 28.61 20.76 -19.31
C SER B 274 27.82 20.89 -20.62
N CYS B 275 27.25 22.08 -20.82
CA CYS B 275 26.57 22.38 -22.06
C CYS B 275 27.48 23.18 -22.99
N LEU B 276 27.26 23.04 -24.29
CA LEU B 276 28.16 23.70 -25.28
C LEU B 276 27.33 24.54 -26.26
N PRO B 277 28.00 25.46 -27.00
CA PRO B 277 27.31 26.38 -27.91
C PRO B 277 26.26 25.68 -28.78
N ALA B 278 25.28 26.47 -29.21
CA ALA B 278 24.22 25.91 -30.08
C ALA B 278 24.85 25.32 -31.34
N CYS B 279 25.92 25.94 -31.85
CA CYS B 279 26.54 25.47 -33.12
C CYS B 279 27.31 24.16 -32.91
N VAL B 280 28.20 24.09 -31.92
CA VAL B 280 29.01 22.91 -31.71
C VAL B 280 28.21 21.63 -31.86
N TYR B 281 27.02 21.54 -31.26
CA TYR B 281 26.16 20.38 -31.45
C TYR B 281 25.72 20.22 -32.90
N GLY B 282 25.33 21.32 -33.55
CA GLY B 282 24.91 21.28 -34.93
C GLY B 282 25.97 20.83 -35.91
N SER B 283 27.20 21.30 -35.76
CA SER B 283 28.30 20.88 -36.62
C SER B 283 28.60 19.39 -36.43
N ALA B 284 28.58 18.92 -35.18
CA ALA B 284 28.82 17.51 -34.90
C ALA B 284 27.73 16.63 -35.51
N VAL B 285 26.47 17.05 -35.38
CA VAL B 285 25.37 16.26 -35.92
C VAL B 285 25.40 16.28 -37.44
N ALA B 286 25.74 17.43 -38.03
CA ALA B 286 25.75 17.54 -39.49
C ALA B 286 26.77 16.59 -40.12
N SER B 287 27.92 16.42 -39.48
CA SER B 287 28.96 15.54 -40.00
C SER B 287 28.59 14.06 -39.94
N GLY B 288 27.50 13.71 -39.27
CA GLY B 288 27.08 12.32 -39.19
C GLY B 288 27.49 11.58 -37.95
N TYR B 289 28.02 12.27 -36.93
CA TYR B 289 28.42 11.64 -35.68
C TYR B 289 27.19 11.41 -34.83
N ASP B 290 26.54 10.27 -35.03
CA ASP B 290 25.37 9.91 -34.25
C ASP B 290 25.77 9.61 -32.82
N PHE B 291 25.10 10.27 -31.87
CA PHE B 291 25.45 10.10 -30.46
C PHE B 291 24.69 8.94 -29.82
N GLU B 292 23.58 8.52 -30.41
CA GLU B 292 22.83 7.39 -29.87
C GLU B 292 23.64 6.10 -29.96
N ARG B 293 24.36 5.90 -31.05
CA ARG B 293 25.05 4.63 -31.29
C ARG B 293 26.22 4.46 -30.34
N GLU B 294 27.17 5.39 -30.38
CA GLU B 294 28.37 5.30 -29.54
C GLU B 294 28.12 5.75 -28.11
N GLY B 295 26.98 6.35 -27.82
CA GLY B 295 26.68 6.80 -26.48
C GLY B 295 27.21 8.19 -26.20
N TYR B 296 26.59 8.91 -25.27
CA TYR B 296 27.03 10.25 -24.92
C TYR B 296 26.97 10.43 -23.41
N SER B 297 27.84 11.29 -22.90
CA SER B 297 27.89 11.59 -21.48
C SER B 297 28.04 13.10 -21.31
N LEU B 298 27.55 13.59 -20.18
CA LEU B 298 27.55 15.01 -19.87
C LEU B 298 28.68 15.38 -18.90
N VAL B 299 29.28 14.41 -18.23
CA VAL B 299 30.31 14.64 -17.24
C VAL B 299 31.68 14.18 -17.69
N GLY B 300 31.75 13.16 -18.55
CA GLY B 300 33.01 12.56 -18.94
C GLY B 300 33.75 13.34 -20.01
N ILE B 301 34.50 12.58 -20.83
CA ILE B 301 35.36 13.16 -21.85
C ILE B 301 34.56 13.87 -22.94
N ASP B 302 33.27 13.54 -23.08
CA ASP B 302 32.53 13.87 -24.29
C ASP B 302 32.63 15.34 -24.68
N PRO B 303 32.13 16.31 -23.89
CA PRO B 303 32.16 17.70 -24.35
C PRO B 303 33.56 18.22 -24.60
N PHE B 304 34.58 17.58 -24.01
CA PHE B 304 35.96 17.93 -24.29
C PHE B 304 36.38 17.53 -25.70
N ARG B 305 36.06 16.31 -26.13
CA ARG B 305 36.58 15.88 -27.43
C ARG B 305 35.79 16.48 -28.57
N LEU B 306 34.52 16.82 -28.35
CA LEU B 306 33.74 17.50 -29.37
C LEU B 306 34.30 18.89 -29.64
N LEU B 307 34.88 19.52 -28.62
CA LEU B 307 35.54 20.82 -28.80
C LEU B 307 36.96 20.67 -29.35
N GLN B 308 37.53 19.47 -29.33
CA GLN B 308 38.86 19.27 -29.89
C GLN B 308 38.89 19.44 -31.40
N ASN B 309 37.77 19.24 -32.09
CA ASN B 309 37.68 19.39 -33.53
C ASN B 309 36.49 20.28 -33.90
N SER B 310 36.27 21.33 -33.12
CA SER B 310 35.17 22.26 -33.36
C SER B 310 35.73 23.63 -33.74
N GLN B 311 35.12 24.24 -34.75
CA GLN B 311 35.49 25.58 -35.20
C GLN B 311 34.38 26.55 -34.82
N VAL B 312 34.77 27.65 -34.19
CA VAL B 312 33.80 28.64 -33.72
C VAL B 312 34.28 30.03 -34.12
N TYR B 313 33.37 30.80 -34.71
CA TYR B 313 33.61 32.19 -35.06
C TYR B 313 32.79 33.08 -34.14
N SER B 314 33.31 34.27 -33.86
CA SER B 314 32.67 35.17 -32.92
C SER B 314 32.93 36.61 -33.34
N LEU B 315 32.11 37.50 -32.82
CA LEU B 315 32.19 38.93 -33.08
C LEU B 315 32.94 39.64 -31.96
N ILE B 316 33.85 40.52 -32.35
CA ILE B 316 34.77 41.20 -31.43
C ILE B 316 34.81 42.69 -31.77
N ARG B 317 34.81 43.53 -30.75
CA ARG B 317 34.92 44.99 -30.85
C ARG B 317 36.30 45.40 -31.36
N PRO B 318 36.45 46.59 -31.93
CA PRO B 318 37.79 47.04 -32.37
C PRO B 318 38.79 47.19 -31.23
N ASN B 319 38.34 47.35 -29.99
CA ASN B 319 39.21 47.44 -28.84
C ASN B 319 39.38 46.11 -28.12
N GLU B 320 38.36 45.25 -28.18
CA GLU B 320 38.43 43.93 -27.56
C GLU B 320 39.47 43.06 -28.23
N ASN B 321 40.16 42.25 -27.43
CA ASN B 321 41.09 41.28 -27.99
C ASN B 321 40.47 39.89 -28.01
N PRO B 322 40.81 39.05 -29.00
CA PRO B 322 40.21 37.72 -29.08
C PRO B 322 40.82 36.73 -28.10
N ALA B 323 42.04 37.02 -27.64
CA ALA B 323 42.73 36.11 -26.73
C ALA B 323 41.99 35.92 -25.42
N HIS B 324 41.50 37.00 -24.81
CA HIS B 324 40.70 36.87 -23.60
C HIS B 324 39.28 36.40 -23.91
N LYS B 325 38.77 36.73 -25.10
CA LYS B 325 37.43 36.29 -25.47
C LYS B 325 37.34 34.78 -25.58
N SER B 326 38.36 34.13 -26.14
CA SER B 326 38.35 32.68 -26.22
C SER B 326 38.34 32.05 -24.83
N GLN B 327 39.14 32.59 -23.91
CA GLN B 327 39.18 32.07 -22.55
C GLN B 327 37.84 32.28 -21.84
N LEU B 328 37.21 33.44 -22.06
CA LEU B 328 35.90 33.67 -21.45
C LEU B 328 34.85 32.73 -22.05
N VAL B 329 34.96 32.42 -23.34
CA VAL B 329 34.05 31.47 -23.95
C VAL B 329 34.26 30.08 -23.36
N TRP B 330 35.52 29.72 -23.08
CA TRP B 330 35.76 28.42 -22.45
C TRP B 330 35.20 28.40 -21.04
N MET B 331 35.33 29.52 -20.32
CA MET B 331 34.63 29.69 -19.04
C MET B 331 33.13 29.41 -19.18
N ALA B 332 32.48 30.07 -20.16
CA ALA B 332 31.04 29.92 -20.32
C ALA B 332 30.66 28.49 -20.68
N CYS B 333 31.46 27.85 -21.54
CA CYS B 333 31.15 26.50 -21.98
C CYS B 333 31.27 25.49 -20.84
N HIS B 334 32.36 25.57 -20.07
CA HIS B 334 32.61 24.58 -19.03
C HIS B 334 32.26 25.07 -17.62
N SER B 335 31.67 26.27 -17.49
CA SER B 335 31.20 26.80 -16.21
C SER B 335 32.30 26.77 -15.16
N ALA B 336 33.48 27.24 -15.56
CA ALA B 336 34.66 27.26 -14.70
C ALA B 336 35.00 28.67 -14.25
N ALA B 337 34.04 29.60 -14.34
CA ALA B 337 34.29 30.98 -13.94
C ALA B 337 34.37 31.13 -12.42
N PHE B 338 33.86 30.17 -11.67
CA PHE B 338 33.90 30.21 -10.21
C PHE B 338 34.97 29.29 -9.63
N GLU B 339 35.83 28.73 -10.48
CA GLU B 339 36.88 27.82 -10.04
C GLU B 339 38.19 28.58 -9.85
N ASP B 340 39.20 27.88 -9.34
CA ASP B 340 40.53 28.43 -9.18
C ASP B 340 41.12 28.71 -10.55
N LEU B 341 41.80 29.86 -10.68
CA LEU B 341 42.38 30.23 -11.97
C LEU B 341 43.55 29.33 -12.33
N ARG B 342 44.30 28.88 -11.31
CA ARG B 342 45.47 28.05 -11.56
C ARG B 342 45.09 26.72 -12.21
N VAL B 343 44.03 26.08 -11.70
CA VAL B 343 43.58 24.81 -12.27
C VAL B 343 43.10 24.99 -13.71
N SER B 344 42.30 26.03 -13.96
CA SER B 344 41.83 26.29 -15.31
C SER B 344 43.00 26.55 -16.25
N SER B 345 44.04 27.23 -15.77
CA SER B 345 45.24 27.42 -16.57
C SER B 345 45.93 26.10 -16.86
N PHE B 346 45.96 25.19 -15.87
CA PHE B 346 46.61 23.90 -16.07
C PHE B 346 45.91 23.10 -17.16
N ILE B 347 44.58 22.99 -17.08
CA ILE B 347 43.87 22.30 -18.17
C ILE B 347 44.03 23.04 -19.49
N ARG B 348 43.98 24.37 -19.48
CA ARG B 348 44.22 25.12 -20.71
C ARG B 348 45.64 24.91 -21.22
N GLY B 349 46.61 24.92 -20.31
CA GLY B 349 48.02 24.95 -20.66
C GLY B 349 48.56 26.35 -20.83
N THR B 350 47.68 27.35 -20.87
CA THR B 350 48.05 28.75 -20.95
C THR B 350 47.45 29.49 -19.76
N LYS B 351 48.08 30.61 -19.40
CA LYS B 351 47.62 31.40 -18.27
C LYS B 351 46.25 31.99 -18.54
N VAL B 352 45.37 31.91 -17.55
CA VAL B 352 44.02 32.46 -17.65
C VAL B 352 43.97 33.77 -16.89
N VAL B 353 43.67 34.86 -17.60
CA VAL B 353 43.67 36.20 -17.02
C VAL B 353 42.43 36.39 -16.18
N PRO B 354 42.56 36.85 -14.92
CA PRO B 354 41.38 37.13 -14.10
C PRO B 354 40.61 38.33 -14.64
N ARG B 355 39.39 38.48 -14.13
CA ARG B 355 38.50 39.52 -14.63
C ARG B 355 38.98 40.93 -14.28
N GLY B 356 39.97 41.06 -13.40
CA GLY B 356 40.44 42.39 -13.04
C GLY B 356 41.05 43.14 -14.21
N LYS B 357 41.81 42.44 -15.05
CA LYS B 357 42.50 43.06 -16.17
C LYS B 357 42.07 42.50 -17.53
N LEU B 358 40.82 42.07 -17.64
CA LEU B 358 40.29 41.61 -18.92
C LEU B 358 39.90 42.82 -19.75
N SER B 359 40.64 43.08 -20.84
CA SER B 359 40.36 44.21 -21.72
C SER B 359 39.31 43.80 -22.77
N THR B 360 38.21 43.25 -22.26
CA THR B 360 37.11 42.79 -23.09
C THR B 360 35.81 43.19 -22.39
N ARG B 361 34.69 42.98 -23.09
CA ARG B 361 33.37 43.28 -22.55
C ARG B 361 32.47 42.05 -22.65
N GLY B 362 31.18 42.22 -22.40
CA GLY B 362 30.26 41.11 -22.49
C GLY B 362 30.17 40.56 -23.90
N VAL B 363 29.88 39.25 -23.97
CA VAL B 363 29.79 38.57 -25.26
C VAL B 363 28.65 39.14 -26.08
N GLN B 364 27.50 39.35 -25.45
CA GLN B 364 26.34 39.89 -26.15
C GLN B 364 26.60 41.33 -26.58
N ILE B 365 26.05 41.70 -27.74
CA ILE B 365 26.25 43.01 -28.34
C ILE B 365 25.05 43.90 -28.03
N ALA B 366 25.33 45.13 -27.59
CA ALA B 366 24.27 46.07 -27.28
C ALA B 366 23.48 46.45 -28.54
N SER B 367 22.21 46.79 -28.35
CA SER B 367 21.31 47.08 -29.46
C SER B 367 21.67 48.36 -30.20
N ASN B 368 22.51 49.22 -29.62
CA ASN B 368 22.83 50.51 -30.23
C ASN B 368 24.23 50.56 -30.83
N GLU B 369 25.03 49.51 -30.68
CA GLU B 369 26.41 49.53 -31.16
C GLU B 369 26.44 49.51 -32.68
N ASN B 370 27.33 50.31 -33.26
CA ASN B 370 27.45 50.40 -34.72
C ASN B 370 28.13 49.16 -35.28
N MET B 371 28.08 49.03 -36.61
CA MET B 371 28.51 47.80 -37.25
C MET B 371 29.81 47.95 -38.04
N GLU B 372 30.23 49.18 -38.34
CA GLU B 372 31.47 49.36 -39.10
C GLU B 372 32.69 48.97 -38.28
N THR B 373 32.58 49.00 -36.96
CA THR B 373 33.71 48.69 -36.09
C THR B 373 33.82 47.20 -35.76
N MET B 374 32.78 46.42 -36.04
CA MET B 374 32.67 45.06 -35.53
C MET B 374 33.45 44.12 -36.43
N GLU B 375 34.19 43.18 -35.84
CA GLU B 375 35.07 42.32 -36.63
C GLU B 375 34.96 40.88 -36.15
N SER B 376 34.87 39.94 -37.10
CA SER B 376 34.66 38.54 -36.76
C SER B 376 35.96 37.74 -36.86
N SER B 377 36.17 36.84 -35.89
CA SER B 377 37.39 36.03 -35.86
C SER B 377 37.15 34.74 -35.10
N THR B 378 38.11 33.83 -35.22
CA THR B 378 38.01 32.51 -34.61
C THR B 378 38.17 32.55 -33.10
N LEU B 379 37.80 31.46 -32.45
CA LEU B 379 37.98 31.28 -31.02
C LEU B 379 38.73 29.97 -30.77
N GLU B 380 39.64 30.00 -29.80
CA GLU B 380 40.39 28.82 -29.42
C GLU B 380 39.72 28.11 -28.25
N LEU B 381 39.40 26.83 -28.43
CA LEU B 381 38.81 26.01 -27.38
C LEU B 381 39.63 24.78 -27.03
N ARG B 382 40.75 24.55 -27.70
CA ARG B 382 41.58 23.39 -27.42
C ARG B 382 42.19 23.48 -26.03
N SER B 383 42.12 22.37 -25.30
CA SER B 383 42.71 22.25 -23.97
C SER B 383 43.67 21.07 -23.95
N ARG B 384 44.79 21.24 -23.23
CA ARG B 384 45.81 20.20 -23.20
C ARG B 384 45.34 18.97 -22.44
N TYR B 385 44.48 19.15 -21.44
CA TYR B 385 44.07 18.07 -20.56
C TYR B 385 42.55 18.06 -20.39
N TRP B 386 42.08 17.04 -19.67
CA TRP B 386 40.66 16.86 -19.38
C TRP B 386 40.53 16.29 -17.97
N ALA B 387 39.41 16.61 -17.31
CA ALA B 387 39.16 16.15 -15.96
C ALA B 387 37.67 15.92 -15.77
N ILE B 388 37.35 15.04 -14.82
CA ILE B 388 35.98 14.74 -14.45
C ILE B 388 35.47 15.87 -13.57
N ARG B 389 34.18 16.19 -13.69
CA ARG B 389 33.56 17.26 -12.90
C ARG B 389 32.38 16.67 -12.14
N THR B 390 32.66 16.12 -10.95
CA THR B 390 31.64 15.51 -10.12
C THR B 390 30.94 16.55 -9.26
N ARG B 391 29.75 16.19 -8.77
CA ARG B 391 28.99 17.05 -7.87
C ARG B 391 29.29 16.73 -6.42
N SER B 392 30.58 16.70 -6.07
CA SER B 392 31.02 16.40 -4.72
C SER B 392 31.64 17.65 -4.10
N GLY B 393 32.02 17.54 -2.82
CA GLY B 393 32.65 18.63 -2.11
C GLY B 393 34.10 18.31 -1.79
N GLY B 394 34.81 19.31 -1.28
CA GLY B 394 36.20 19.13 -0.90
C GLY B 394 36.39 18.08 0.18
N ASN B 395 37.52 17.39 0.16
CA ASN B 395 37.83 16.34 1.17
C ASN B 395 38.66 16.96 2.30
N THR B 396 38.39 18.23 2.63
CA THR B 396 39.14 18.95 3.70
C THR B 396 38.18 19.89 4.44
N ASN B 397 36.88 19.76 4.19
CA ASN B 397 35.86 20.62 4.84
C ASN B 397 34.96 19.76 5.73
N GLN B 398 35.50 18.66 6.28
CA GLN B 398 34.73 17.75 7.16
C GLN B 398 35.30 17.81 8.57
N GLN B 399 35.54 19.02 9.09
CA GLN B 399 36.11 19.20 10.46
C GLN B 399 35.00 19.66 11.40
N ARG B 400 34.23 18.73 11.95
CA ARG B 400 33.12 19.05 12.89
C ARG B 400 33.01 17.95 13.94
N ALA B 401 32.60 18.31 15.16
CA ALA B 401 32.45 17.33 16.26
C ALA B 401 33.71 16.48 16.38
N SER B 402 33.56 15.15 16.41
CA SER B 402 34.71 14.22 16.53
C SER B 402 34.38 12.89 15.83
N SER B 403 35.37 12.00 15.71
CA SER B 403 35.17 10.69 15.05
C SER B 403 35.92 9.60 15.81
N GLY B 404 35.19 8.67 16.43
CA GLY B 404 35.80 7.56 17.20
C GLY B 404 34.79 6.89 18.11
N GLN B 405 35.25 5.94 18.93
CA GLN B 405 34.35 5.24 19.83
C GLN B 405 33.91 6.15 20.97
N ILE B 406 32.80 5.78 21.60
CA ILE B 406 32.29 6.48 22.77
C ILE B 406 32.09 5.48 23.90
N SER B 407 31.90 4.22 23.54
CA SER B 407 31.67 3.16 24.52
C SER B 407 32.65 2.02 24.27
N ILE B 408 32.69 1.09 25.22
CA ILE B 408 33.57 -0.07 25.15
C ILE B 408 32.75 -1.31 25.53
N GLN B 409 33.23 -2.47 25.08
CA GLN B 409 32.58 -3.73 25.38
C GLN B 409 33.57 -4.67 26.06
N PRO B 410 33.18 -5.33 27.16
CA PRO B 410 34.11 -6.24 27.84
C PRO B 410 34.25 -7.54 27.07
N THR B 411 35.45 -7.75 26.51
CA THR B 411 35.78 -9.00 25.84
C THR B 411 36.31 -10.03 26.80
N PHE B 412 37.38 -9.72 27.53
CA PHE B 412 37.86 -10.56 28.61
C PHE B 412 37.12 -10.23 29.90
N SER B 413 36.90 -11.24 30.73
CA SER B 413 36.26 -11.07 32.02
C SER B 413 37.33 -10.69 33.03
N VAL B 414 37.63 -9.39 33.11
CA VAL B 414 38.67 -8.87 33.99
C VAL B 414 38.05 -7.80 34.87
N GLN B 415 38.45 -7.77 36.14
CA GLN B 415 37.91 -6.77 37.05
C GLN B 415 38.49 -5.40 36.71
N ARG B 416 37.78 -4.66 35.86
CA ARG B 416 38.29 -3.40 35.35
C ARG B 416 37.13 -2.44 35.14
N ASN B 417 37.47 -1.15 35.09
CA ASN B 417 36.50 -0.10 34.82
C ASN B 417 36.03 -0.15 33.38
N LEU B 418 34.81 0.33 33.14
CA LEU B 418 34.28 0.43 31.80
C LEU B 418 34.30 1.90 31.38
N PRO B 419 35.27 2.31 30.56
CA PRO B 419 35.40 3.74 30.23
C PRO B 419 34.25 4.23 29.36
N PHE B 420 33.55 5.24 29.87
CA PHE B 420 32.42 5.84 29.17
C PHE B 420 32.71 7.33 28.99
N ASP B 421 32.54 7.84 27.77
CA ASP B 421 32.78 9.25 27.51
C ASP B 421 31.52 10.04 27.84
N ARG B 422 31.31 10.29 29.12
CA ARG B 422 30.08 10.83 29.71
C ARG B 422 29.64 12.19 29.16
N PRO B 423 30.52 13.20 29.03
CA PRO B 423 30.06 14.51 28.57
C PRO B 423 29.46 14.51 27.18
N THR B 424 29.88 13.61 26.29
CA THR B 424 29.23 13.43 25.00
C THR B 424 28.00 12.54 25.12
N ILE B 425 27.96 11.68 26.15
CA ILE B 425 26.76 10.88 26.39
C ILE B 425 25.58 11.77 26.74
N MET B 426 25.80 12.80 27.57
CA MET B 426 24.73 13.77 27.79
C MET B 426 24.41 14.52 26.50
N ALA B 427 25.44 14.85 25.72
CA ALA B 427 25.22 15.62 24.50
C ALA B 427 24.31 14.89 23.52
N ALA B 428 24.49 13.57 23.36
CA ALA B 428 23.61 12.81 22.50
C ALA B 428 22.18 12.78 23.04
N PHE B 429 22.03 12.60 24.35
CA PHE B 429 20.69 12.57 24.98
C PHE B 429 20.19 14.01 25.18
N THR B 430 19.16 14.40 24.45
CA THR B 430 18.58 15.77 24.55
C THR B 430 17.06 15.69 24.65
N GLY B 431 16.36 16.23 23.65
CA GLY B 431 14.88 16.21 23.62
C GLY B 431 14.34 16.28 22.20
N ASN B 432 15.19 16.69 21.25
CA ASN B 432 14.78 16.77 19.82
C ASN B 432 13.50 17.62 19.72
N THR B 433 13.58 18.89 20.12
CA THR B 433 12.41 19.82 20.07
C THR B 433 12.39 20.54 18.72
N GLU B 434 13.41 20.31 17.88
CA GLU B 434 13.51 20.94 16.54
C GLU B 434 13.32 22.46 16.69
N GLY B 435 14.21 23.12 17.44
CA GLY B 435 14.12 24.58 17.66
C GLY B 435 15.44 25.15 18.15
N ARG B 436 16.18 25.84 17.27
CA ARG B 436 17.48 26.45 17.62
C ARG B 436 18.21 26.89 16.35
N THR B 437 19.07 27.90 16.46
CA THR B 437 19.85 28.43 15.30
C THR B 437 21.23 28.86 15.78
N SER B 438 21.29 29.67 16.84
CA SER B 438 22.58 30.12 17.37
C SER B 438 23.36 28.97 18.00
N ASP B 439 22.68 28.03 18.63
CA ASP B 439 23.38 26.90 19.23
C ASP B 439 24.14 26.12 18.18
N MET B 440 23.55 25.94 17.00
CA MET B 440 24.26 25.31 15.89
C MET B 440 25.25 26.26 15.24
N ARG B 441 25.02 27.58 15.35
CA ARG B 441 26.01 28.55 14.89
C ARG B 441 27.31 28.38 15.66
N THR B 442 27.21 27.91 16.90
CA THR B 442 28.42 27.64 17.68
C THR B 442 29.27 26.56 17.03
N GLU B 443 28.66 25.44 16.61
CA GLU B 443 29.43 24.44 15.88
C GLU B 443 29.86 24.95 14.52
N ILE B 444 29.07 25.83 13.91
CA ILE B 444 29.53 26.47 12.67
C ILE B 444 30.85 27.19 12.91
N ILE B 445 30.92 27.97 13.99
CA ILE B 445 32.14 28.74 14.28
C ILE B 445 33.30 27.81 14.58
N ARG B 446 33.04 26.76 15.36
CA ARG B 446 34.07 25.77 15.74
C ARG B 446 34.64 25.14 14.48
N LEU B 447 33.76 24.70 13.56
CA LEU B 447 34.19 24.09 12.30
C LEU B 447 34.96 25.07 11.44
N MET B 448 34.53 26.33 11.40
CA MET B 448 35.25 27.33 10.63
C MET B 448 36.66 27.52 11.18
N GLU B 449 36.79 27.55 12.50
CA GLU B 449 38.12 27.64 13.12
C GLU B 449 38.96 26.40 12.83
N SER B 450 38.34 25.22 12.78
CA SER B 450 39.07 24.01 12.44
C SER B 450 39.50 24.02 10.98
N ALA B 451 38.75 24.70 10.12
CA ALA B 451 39.08 24.78 8.71
C ALA B 451 40.38 25.55 8.49
N ARG B 452 41.14 25.10 7.50
CA ARG B 452 42.43 25.73 7.17
C ARG B 452 42.53 25.98 5.67
N PRO B 453 43.30 26.98 5.25
CA PRO B 453 43.49 27.23 3.82
C PRO B 453 44.56 26.31 3.22
N GLU B 454 44.91 25.26 3.95
CA GLU B 454 45.95 24.33 3.52
C GLU B 454 45.42 22.95 3.17
N ASP B 455 44.25 22.57 3.70
CA ASP B 455 43.70 21.23 3.54
C ASP B 455 43.53 20.89 2.07
N VAL B 456 44.25 19.88 1.60
CA VAL B 456 44.14 19.42 0.22
C VAL B 456 42.89 18.54 0.08
N SER B 457 42.20 18.70 -1.04
CA SER B 457 40.94 18.02 -1.29
C SER B 457 41.07 17.10 -2.50
N PHE B 458 40.00 16.35 -2.77
CA PHE B 458 39.89 15.47 -3.94
C PHE B 458 41.02 14.44 -3.99
N GLN B 459 41.23 13.75 -2.87
CA GLN B 459 42.23 12.69 -2.84
C GLN B 459 41.80 11.52 -3.70
N GLY B 460 42.77 10.90 -4.39
CA GLY B 460 42.50 9.75 -5.22
C GLY B 460 42.05 10.05 -6.63
N ARG B 461 41.97 11.32 -7.02
CA ARG B 461 41.56 11.73 -8.35
C ARG B 461 42.59 12.70 -8.90
N GLY B 462 42.73 12.73 -10.24
CA GLY B 462 43.74 13.57 -10.87
C GLY B 462 43.32 14.01 -12.24
N VAL B 463 44.18 14.84 -12.84
CA VAL B 463 43.99 15.37 -14.19
C VAL B 463 44.50 14.34 -15.19
N PHE B 464 43.78 14.19 -16.30
CA PHE B 464 44.05 13.14 -17.26
C PHE B 464 44.50 13.73 -18.59
N GLU B 465 45.10 12.89 -19.42
CA GLU B 465 45.51 13.29 -20.75
C GLU B 465 44.41 12.99 -21.77
N LEU B 466 44.49 13.67 -22.92
CA LEU B 466 43.47 13.52 -23.94
C LEU B 466 43.48 12.14 -24.57
N SER B 467 44.67 11.57 -24.77
CA SER B 467 44.79 10.31 -25.52
C SER B 467 44.14 9.14 -24.82
N ASP B 468 43.89 9.22 -23.52
CA ASP B 468 43.29 8.13 -22.76
C ASP B 468 41.78 8.27 -22.78
N GLU B 469 41.08 7.13 -22.87
CA GLU B 469 39.63 7.13 -22.98
C GLU B 469 38.92 6.46 -21.80
N LYS B 470 39.61 5.60 -21.05
CA LYS B 470 38.97 4.81 -20.02
C LYS B 470 39.45 5.16 -18.61
N ALA B 471 40.06 6.33 -18.43
CA ALA B 471 40.52 6.81 -17.13
C ALA B 471 41.51 5.81 -16.50
N THR B 472 42.65 5.67 -17.18
CA THR B 472 43.66 4.69 -16.80
C THR B 472 44.69 5.26 -15.81
N SER B 473 45.43 6.30 -16.22
CA SER B 473 46.50 6.81 -15.38
C SER B 473 46.56 8.33 -15.44
N PRO B 474 46.40 9.01 -14.29
CA PRO B 474 46.47 10.48 -14.29
C PRO B 474 47.87 11.00 -13.97
N ILE B 475 48.05 12.32 -14.04
CA ILE B 475 49.28 12.98 -13.63
C ILE B 475 48.91 13.98 -12.54
N VAL B 476 49.68 13.98 -11.45
CA VAL B 476 49.39 14.83 -10.30
C VAL B 476 49.96 16.22 -10.54
N PRO B 477 49.14 17.27 -10.60
CA PRO B 477 49.66 18.63 -10.74
C PRO B 477 50.22 19.15 -9.42
N SER B 478 51.09 20.15 -9.54
CA SER B 478 51.75 20.74 -8.38
C SER B 478 52.15 22.17 -8.73
N PHE B 479 51.55 23.14 -8.04
CA PHE B 479 51.83 24.56 -8.26
C PHE B 479 52.55 25.14 -7.05
N ASP B 480 53.69 25.78 -7.31
CA ASP B 480 54.42 26.53 -6.31
C ASP B 480 54.65 27.98 -6.74
N MET B 481 53.78 28.49 -7.62
CA MET B 481 53.94 29.80 -8.22
C MET B 481 53.36 30.92 -7.34
N SER B 482 53.88 30.99 -6.11
CA SER B 482 53.56 32.06 -5.15
C SER B 482 52.07 32.31 -5.01
N ASN B 483 51.65 33.56 -5.26
CA ASN B 483 50.29 34.00 -5.04
C ASN B 483 49.71 34.70 -6.27
N GLU B 484 49.82 34.07 -7.43
CA GLU B 484 49.30 34.62 -8.68
C GLU B 484 47.87 35.12 -8.55
N GLY B 485 47.11 34.53 -7.64
CA GLY B 485 45.75 34.96 -7.39
C GLY B 485 44.69 33.95 -7.83
N SER B 486 44.17 33.21 -6.86
CA SER B 486 43.09 32.25 -7.11
C SER B 486 41.71 32.87 -6.88
N TYR B 487 41.43 34.01 -7.54
CA TYR B 487 40.21 34.77 -7.28
C TYR B 487 39.84 35.48 -8.57
N PHE B 488 38.77 35.02 -9.23
CA PHE B 488 38.38 35.57 -10.51
C PHE B 488 37.90 37.02 -10.41
N PHE B 489 37.22 37.37 -9.33
CA PHE B 489 36.76 38.74 -9.08
C PHE B 489 37.64 39.40 -8.03
N GLY B 490 38.10 40.59 -8.33
CA GLY B 490 38.95 41.35 -7.42
C GLY B 490 40.42 41.01 -7.56
N ASN C 21 -28.61 41.57 10.32
CA ASN C 21 -29.88 41.91 9.69
C ASN C 21 -30.50 40.70 9.00
N ALA C 22 -31.83 40.65 8.99
CA ALA C 22 -32.56 39.54 8.38
C ALA C 22 -33.26 39.92 7.09
N THR C 23 -33.38 41.23 6.79
CA THR C 23 -34.07 41.66 5.59
C THR C 23 -33.33 41.20 4.33
N GLU C 24 -32.00 41.25 4.35
CA GLU C 24 -31.23 40.88 3.17
C GLU C 24 -31.40 39.40 2.84
N ILE C 25 -31.39 38.53 3.86
CA ILE C 25 -31.59 37.11 3.64
C ILE C 25 -32.98 36.85 3.06
N ARG C 26 -33.99 37.54 3.61
CA ARG C 26 -35.35 37.39 3.10
C ARG C 26 -35.44 37.83 1.66
N ALA C 27 -34.81 38.95 1.31
CA ALA C 27 -34.83 39.43 -0.07
C ALA C 27 -34.13 38.43 -1.00
N SER C 28 -33.01 37.87 -0.56
CA SER C 28 -32.28 36.92 -1.38
C SER C 28 -33.11 35.66 -1.64
N VAL C 29 -33.72 35.10 -0.58
CA VAL C 29 -34.51 33.89 -0.78
C VAL C 29 -35.77 34.19 -1.60
N GLY C 30 -36.34 35.38 -1.42
CA GLY C 30 -37.47 35.76 -2.24
C GLY C 30 -37.12 35.86 -3.71
N LYS C 31 -35.97 36.48 -4.02
CA LYS C 31 -35.51 36.53 -5.40
C LYS C 31 -35.27 35.13 -5.96
N MET C 32 -34.65 34.27 -5.16
CA MET C 32 -34.38 32.91 -5.59
C MET C 32 -35.66 32.15 -5.92
N ILE C 33 -36.64 32.18 -5.02
CA ILE C 33 -37.86 31.44 -5.26
C ILE C 33 -38.68 32.08 -6.38
N ASP C 34 -38.57 33.40 -6.54
CA ASP C 34 -39.21 34.05 -7.68
C ASP C 34 -38.62 33.56 -9.00
N GLY C 35 -37.29 33.43 -9.06
CA GLY C 35 -36.67 32.88 -10.25
C GLY C 35 -37.10 31.44 -10.50
N ILE C 36 -37.19 30.65 -9.42
CA ILE C 36 -37.63 29.27 -9.55
C ILE C 36 -39.05 29.21 -10.10
N GLY C 37 -39.94 30.05 -9.57
CA GLY C 37 -41.32 30.06 -10.03
C GLY C 37 -41.46 30.53 -11.46
N ARG C 38 -40.64 31.51 -11.86
CA ARG C 38 -40.64 31.94 -13.25
C ARG C 38 -40.10 30.88 -14.18
N PHE C 39 -39.10 30.10 -13.75
CA PHE C 39 -38.67 28.96 -14.55
C PHE C 39 -39.78 27.91 -14.67
N TYR C 40 -40.55 27.71 -13.60
CA TYR C 40 -41.69 26.82 -13.70
C TYR C 40 -42.73 27.35 -14.69
N ILE C 41 -42.96 28.67 -14.68
CA ILE C 41 -43.88 29.27 -15.63
C ILE C 41 -43.41 29.03 -17.05
N GLN C 42 -42.10 29.21 -17.30
CA GLN C 42 -41.62 29.06 -18.67
C GLN C 42 -41.63 27.60 -19.10
N MET C 43 -41.40 26.66 -18.18
CA MET C 43 -41.48 25.26 -18.59
C MET C 43 -42.92 24.89 -18.91
N CYS C 44 -43.87 25.45 -18.16
CA CYS C 44 -45.28 25.24 -18.49
C CYS C 44 -45.60 25.82 -19.86
N THR C 45 -45.04 26.98 -20.18
CA THR C 45 -45.26 27.58 -21.49
C THR C 45 -44.66 26.71 -22.60
N GLU C 46 -43.44 26.22 -22.41
CA GLU C 46 -42.72 25.47 -23.43
C GLU C 46 -43.24 24.05 -23.63
N LEU C 47 -43.71 23.39 -22.57
CA LEU C 47 -44.16 22.01 -22.67
C LEU C 47 -45.57 21.88 -23.24
N LYS C 48 -46.28 22.99 -23.41
CA LYS C 48 -47.63 22.98 -23.97
C LYS C 48 -48.57 22.12 -23.13
N LEU C 49 -48.40 22.18 -21.82
CA LEU C 49 -49.25 21.41 -20.90
C LEU C 49 -50.47 22.22 -20.50
N SER C 50 -51.53 21.52 -20.11
CA SER C 50 -52.75 22.16 -19.68
C SER C 50 -52.62 22.68 -18.26
N ASP C 51 -53.67 23.36 -17.80
CA ASP C 51 -53.67 23.92 -16.44
C ASP C 51 -53.57 22.82 -15.40
N TYR C 52 -54.35 21.74 -15.57
CA TYR C 52 -54.30 20.63 -14.63
C TYR C 52 -52.95 19.93 -14.66
N GLU C 53 -52.41 19.70 -15.85
CA GLU C 53 -51.13 19.02 -15.99
C GLU C 53 -49.98 19.83 -15.40
N GLY C 54 -50.15 21.14 -15.24
CA GLY C 54 -49.16 21.95 -14.58
C GLY C 54 -49.18 21.87 -13.07
N ARG C 55 -50.17 21.16 -12.51
CA ARG C 55 -50.28 20.97 -11.07
C ARG C 55 -50.02 19.51 -10.68
N LEU C 56 -49.22 18.80 -11.47
CA LEU C 56 -48.89 17.41 -11.21
C LEU C 56 -47.49 17.32 -10.60
N ILE C 57 -47.38 16.54 -9.53
CA ILE C 57 -46.08 16.38 -8.87
C ILE C 57 -45.11 15.59 -9.75
N GLN C 58 -45.59 14.60 -10.50
CA GLN C 58 -44.71 13.75 -11.29
C GLN C 58 -43.93 14.55 -12.33
N ASN C 59 -44.60 15.49 -12.99
CA ASN C 59 -43.93 16.29 -14.00
C ASN C 59 -42.79 17.11 -13.39
N SER C 60 -43.07 17.74 -12.24
CA SER C 60 -42.03 18.51 -11.55
C SER C 60 -40.89 17.61 -11.10
N LEU C 61 -41.21 16.41 -10.62
CA LEU C 61 -40.18 15.47 -10.18
C LEU C 61 -39.24 15.09 -11.32
N THR C 62 -39.81 14.72 -12.46
CA THR C 62 -38.97 14.36 -13.61
C THR C 62 -38.16 15.55 -14.09
N ILE C 63 -38.79 16.73 -14.15
CA ILE C 63 -38.08 17.94 -14.58
C ILE C 63 -36.94 18.26 -13.63
N GLU C 64 -37.11 18.00 -12.34
CA GLU C 64 -36.05 18.33 -11.38
C GLU C 64 -34.92 17.29 -11.36
N ARG C 65 -35.20 16.01 -11.63
CA ARG C 65 -34.07 15.13 -11.94
C ARG C 65 -33.35 15.56 -13.21
N MET C 66 -34.07 16.08 -14.20
CA MET C 66 -33.41 16.71 -15.34
C MET C 66 -32.54 17.88 -14.88
N VAL C 67 -33.03 18.65 -13.92
CA VAL C 67 -32.29 19.79 -13.38
C VAL C 67 -30.97 19.34 -12.77
N LEU C 68 -31.04 18.34 -11.89
CA LEU C 68 -29.82 17.88 -11.21
C LEU C 68 -28.88 17.21 -12.19
N SER C 69 -29.42 16.46 -13.16
CA SER C 69 -28.58 15.86 -14.19
C SER C 69 -27.96 16.90 -15.11
N ALA C 70 -28.51 18.12 -15.14
CA ALA C 70 -27.89 19.16 -15.96
C ALA C 70 -26.83 19.95 -15.19
N PHE C 71 -27.03 20.17 -13.88
CA PHE C 71 -25.96 20.79 -13.08
C PHE C 71 -25.03 19.80 -12.39
N ASP C 72 -25.12 18.51 -12.65
CA ASP C 72 -24.16 17.58 -12.04
C ASP C 72 -22.86 17.62 -12.87
N GLU C 73 -22.18 18.76 -12.79
CA GLU C 73 -21.02 19.00 -13.65
C GLU C 73 -19.96 17.92 -13.48
N ARG C 74 -19.80 17.42 -12.25
CA ARG C 74 -18.89 16.30 -12.03
C ARG C 74 -19.33 15.07 -12.81
N ARG C 75 -20.60 14.71 -12.70
CA ARG C 75 -21.10 13.57 -13.48
C ARG C 75 -21.13 13.88 -14.97
N ASN C 76 -21.37 15.13 -15.36
CA ASN C 76 -21.27 15.47 -16.77
C ASN C 76 -19.88 15.17 -17.32
N LYS C 77 -18.86 15.62 -16.58
CA LYS C 77 -17.48 15.33 -16.97
C LYS C 77 -17.18 13.84 -16.96
N TYR C 78 -17.69 13.11 -15.98
CA TYR C 78 -17.48 11.66 -15.93
C TYR C 78 -18.17 10.92 -17.06
N LEU C 79 -19.35 11.35 -17.50
CA LEU C 79 -20.08 10.65 -18.54
C LEU C 79 -19.63 11.06 -19.94
N GLU C 80 -19.07 12.25 -20.12
CA GLU C 80 -18.54 12.61 -21.42
C GLU C 80 -17.39 11.69 -21.81
N GLU C 81 -16.56 11.30 -20.84
CA GLU C 81 -15.51 10.33 -21.09
C GLU C 81 -16.01 8.89 -21.01
N HIS C 82 -17.27 8.68 -20.64
CA HIS C 82 -17.82 7.34 -20.49
C HIS C 82 -19.12 7.20 -21.28
N PRO C 83 -19.05 7.08 -22.61
CA PRO C 83 -20.27 6.95 -23.42
C PRO C 83 -20.86 5.55 -23.37
N SER C 84 -21.67 5.27 -22.36
CA SER C 84 -22.30 3.96 -22.20
C SER C 84 -23.81 4.15 -22.07
N ALA C 85 -24.48 3.08 -21.64
CA ALA C 85 -25.93 3.07 -21.44
C ALA C 85 -26.68 3.41 -22.73
N GLY C 86 -26.16 2.93 -23.86
CA GLY C 86 -26.80 3.14 -25.15
C GLY C 86 -26.91 4.59 -25.54
N LYS C 87 -28.12 5.03 -25.89
CA LYS C 87 -28.38 6.41 -26.31
C LYS C 87 -28.36 7.31 -25.08
N ASP C 88 -27.16 7.79 -24.75
CA ASP C 88 -27.01 8.71 -23.65
C ASP C 88 -25.96 9.80 -23.93
N PRO C 89 -26.07 10.54 -25.05
CA PRO C 89 -25.11 11.64 -25.27
C PRO C 89 -25.27 12.75 -24.25
N LYS C 90 -26.47 13.34 -24.18
CA LYS C 90 -26.77 14.41 -23.24
C LYS C 90 -28.14 14.26 -22.60
N LYS C 91 -28.92 13.24 -22.98
CA LYS C 91 -30.33 13.17 -22.64
C LYS C 91 -30.61 11.92 -21.80
N THR C 92 -31.39 12.09 -20.74
CA THR C 92 -31.76 11.00 -19.85
C THR C 92 -33.25 11.05 -19.55
N GLY C 93 -33.90 9.89 -19.54
CA GLY C 93 -35.26 9.74 -19.07
C GLY C 93 -36.26 10.67 -19.72
N GLY C 94 -37.05 11.33 -18.87
CA GLY C 94 -38.05 12.27 -19.30
C GLY C 94 -39.44 11.67 -19.50
N PRO C 95 -39.98 11.00 -18.47
CA PRO C 95 -41.33 10.40 -18.61
C PRO C 95 -42.47 11.39 -18.32
N ILE C 96 -42.80 12.18 -19.33
CA ILE C 96 -43.82 13.22 -19.19
C ILE C 96 -45.21 12.57 -19.26
N TYR C 97 -46.04 12.88 -18.27
CA TYR C 97 -47.39 12.35 -18.18
C TYR C 97 -48.39 13.37 -18.71
N ARG C 98 -49.31 12.92 -19.57
CA ARG C 98 -50.26 13.80 -20.24
C ARG C 98 -51.66 13.21 -20.21
N ARG C 99 -52.67 14.09 -20.29
CA ARG C 99 -54.06 13.69 -20.25
C ARG C 99 -54.70 13.71 -21.63
N VAL C 100 -55.34 12.61 -22.01
CA VAL C 100 -56.32 12.61 -23.11
C VAL C 100 -57.71 12.31 -22.59
N ASP C 101 -58.53 13.35 -22.44
CA ASP C 101 -59.96 13.21 -22.16
C ASP C 101 -60.21 12.28 -20.98
N GLY C 102 -59.45 12.49 -19.92
CA GLY C 102 -59.59 11.68 -18.73
C GLY C 102 -58.50 10.63 -18.54
N LYS C 103 -58.06 10.01 -19.63
CA LYS C 103 -57.05 8.97 -19.51
C LYS C 103 -55.65 9.57 -19.50
N TRP C 104 -54.64 8.75 -19.20
CA TRP C 104 -53.27 9.23 -18.98
C TRP C 104 -52.33 8.45 -19.89
N ARG C 105 -51.28 9.14 -20.35
CA ARG C 105 -50.26 8.51 -21.24
C ARG C 105 -48.88 9.10 -20.93
N ARG C 106 -47.85 8.27 -20.89
CA ARG C 106 -46.48 8.71 -20.62
C ARG C 106 -45.70 8.71 -21.93
N GLU C 107 -44.96 9.79 -22.18
CA GLU C 107 -44.08 9.90 -23.31
C GLU C 107 -42.65 10.08 -22.81
N LEU C 108 -41.74 9.30 -23.38
CA LEU C 108 -40.32 9.36 -23.04
C LEU C 108 -39.70 10.43 -23.91
N ILE C 109 -39.89 11.69 -23.52
CA ILE C 109 -39.34 12.83 -24.25
C ILE C 109 -37.97 13.16 -23.67
N LEU C 110 -36.98 13.23 -24.54
CA LEU C 110 -35.59 13.42 -24.14
C LEU C 110 -35.19 14.87 -24.36
N TYR C 111 -34.67 15.50 -23.30
CA TYR C 111 -34.22 16.88 -23.35
C TYR C 111 -32.72 16.91 -23.09
N ASP C 112 -31.98 17.64 -23.93
CA ASP C 112 -30.57 17.82 -23.67
C ASP C 112 -30.35 18.87 -22.58
N LYS C 113 -29.18 18.82 -21.96
CA LYS C 113 -28.93 19.65 -20.79
C LYS C 113 -28.76 21.12 -21.17
N GLU C 114 -28.11 21.38 -22.29
CA GLU C 114 -27.48 22.69 -22.52
C GLU C 114 -28.51 23.81 -22.69
N GLU C 115 -29.59 23.55 -23.43
CA GLU C 115 -30.61 24.57 -23.61
C GLU C 115 -31.27 24.93 -22.28
N ILE C 116 -31.51 23.92 -21.44
CA ILE C 116 -32.07 24.16 -20.12
C ILE C 116 -31.06 24.91 -19.25
N ARG C 117 -29.76 24.67 -19.48
CA ARG C 117 -28.74 25.47 -18.80
C ARG C 117 -28.92 26.96 -19.11
N ARG C 118 -29.01 27.32 -20.39
CA ARG C 118 -29.26 28.73 -20.71
C ARG C 118 -30.64 29.23 -20.25
N ILE C 119 -31.64 28.36 -20.19
CA ILE C 119 -32.95 28.85 -19.77
C ILE C 119 -32.94 29.20 -18.29
N TRP C 120 -32.29 28.37 -17.47
CA TRP C 120 -31.91 28.79 -16.12
C TRP C 120 -31.13 30.09 -16.09
N ARG C 121 -30.10 30.22 -16.94
CA ARG C 121 -29.27 31.42 -16.90
C ARG C 121 -30.09 32.67 -17.13
N GLN C 122 -31.07 32.58 -18.03
CA GLN C 122 -32.01 33.68 -18.24
C GLN C 122 -33.09 33.77 -17.17
N ALA C 123 -33.33 32.69 -16.42
CA ALA C 123 -34.37 32.68 -15.40
C ALA C 123 -33.94 33.32 -14.09
N ASN C 124 -32.63 33.35 -13.80
CA ASN C 124 -32.12 33.96 -12.57
C ASN C 124 -31.38 35.26 -12.86
N ASN C 125 -31.70 35.92 -13.98
CA ASN C 125 -31.11 37.20 -14.36
C ASN C 125 -29.59 37.08 -14.51
N GLY C 126 -29.16 36.10 -15.31
CA GLY C 126 -27.76 35.92 -15.63
C GLY C 126 -26.94 35.17 -14.61
N ASP C 127 -27.56 34.63 -13.57
CA ASP C 127 -26.84 33.94 -12.51
C ASP C 127 -27.02 32.43 -12.62
N ASP C 128 -26.15 31.69 -11.93
CA ASP C 128 -26.17 30.24 -12.03
C ASP C 128 -27.30 29.62 -11.19
N ALA C 129 -27.66 30.27 -10.09
CA ALA C 129 -28.71 29.78 -9.18
C ALA C 129 -28.37 28.42 -8.59
N THR C 130 -27.18 28.31 -8.00
CA THR C 130 -26.77 27.05 -7.38
C THR C 130 -27.45 26.84 -6.03
N ALA C 131 -27.78 27.91 -5.32
CA ALA C 131 -28.49 27.75 -4.07
C ALA C 131 -29.84 27.09 -4.29
N GLY C 132 -30.60 27.58 -5.27
CA GLY C 132 -31.86 26.93 -5.60
C GLY C 132 -31.65 25.46 -5.90
N LEU C 133 -30.55 25.14 -6.58
CA LEU C 133 -30.20 23.75 -6.82
C LEU C 133 -30.08 22.98 -5.51
N THR C 134 -29.40 23.58 -4.53
CA THR C 134 -29.26 22.92 -3.25
C THR C 134 -30.61 22.67 -2.61
N HIS C 135 -31.51 23.66 -2.66
CA HIS C 135 -32.83 23.43 -2.06
C HIS C 135 -33.63 22.37 -2.80
N MET C 136 -33.60 22.35 -4.14
CA MET C 136 -34.32 21.28 -4.82
C MET C 136 -33.71 19.90 -4.51
N MET C 137 -32.38 19.79 -4.48
CA MET C 137 -31.80 18.48 -4.19
C MET C 137 -32.07 18.06 -2.75
N ILE C 138 -32.09 19.00 -1.81
CA ILE C 138 -32.52 18.70 -0.44
C ILE C 138 -33.96 18.24 -0.37
N TRP C 139 -34.86 18.88 -1.12
CA TRP C 139 -36.26 18.47 -1.18
C TRP C 139 -36.45 17.09 -1.79
N HIS C 140 -35.63 16.74 -2.80
CA HIS C 140 -35.59 15.35 -3.24
C HIS C 140 -35.11 14.43 -2.13
N SER C 141 -34.09 14.86 -1.38
CA SER C 141 -33.64 14.06 -0.24
C SER C 141 -34.75 13.92 0.80
N ASN C 142 -35.51 14.99 1.02
CA ASN C 142 -36.63 14.94 1.96
C ASN C 142 -37.68 13.93 1.52
N LEU C 143 -38.06 13.96 0.24
CA LEU C 143 -39.06 13.00 -0.23
C LEU C 143 -38.52 11.58 -0.17
N ASN C 144 -37.24 11.39 -0.49
CA ASN C 144 -36.65 10.05 -0.42
C ASN C 144 -36.65 9.54 1.00
N ASP C 145 -36.30 10.39 1.97
CA ASP C 145 -36.33 9.98 3.37
C ASP C 145 -37.75 9.67 3.82
N ALA C 146 -38.73 10.45 3.34
CA ALA C 146 -40.12 10.18 3.69
C ALA C 146 -40.59 8.84 3.13
N THR C 147 -40.22 8.53 1.89
CA THR C 147 -40.73 7.33 1.25
C THR C 147 -39.96 6.08 1.65
N TYR C 148 -38.66 6.01 1.34
CA TYR C 148 -37.88 4.82 1.56
C TYR C 148 -36.54 5.14 2.21
N GLN C 149 -36.21 4.37 3.23
CA GLN C 149 -34.91 4.46 3.91
C GLN C 149 -34.14 3.16 3.70
N ARG C 150 -32.83 3.26 3.53
CA ARG C 150 -32.01 2.10 3.17
C ARG C 150 -31.32 1.50 4.39
N THR C 151 -31.98 0.48 4.97
CA THR C 151 -31.23 -0.42 5.84
C THR C 151 -30.31 -1.32 5.05
N ARG C 152 -30.50 -1.40 3.73
CA ARG C 152 -29.63 -2.19 2.87
C ARG C 152 -28.18 -1.74 2.99
N ALA C 153 -27.93 -0.44 2.77
CA ALA C 153 -26.58 0.08 2.95
C ALA C 153 -26.19 0.15 4.43
N LEU C 154 -27.17 0.39 5.30
CA LEU C 154 -26.89 0.49 6.73
C LEU C 154 -26.32 -0.82 7.27
N VAL C 155 -26.72 -1.95 6.69
CA VAL C 155 -26.17 -3.23 7.08
C VAL C 155 -25.07 -3.68 6.13
N ARG C 156 -24.98 -3.07 4.95
CA ARG C 156 -23.80 -3.24 4.10
C ARG C 156 -22.55 -2.75 4.83
N THR C 157 -22.68 -1.63 5.54
CA THR C 157 -21.61 -1.22 6.44
C THR C 157 -21.67 -1.97 7.78
N GLY C 158 -22.70 -2.79 7.99
CA GLY C 158 -22.80 -3.61 9.18
C GLY C 158 -23.49 -2.96 10.36
N MET C 159 -23.89 -1.71 10.25
CA MET C 159 -24.51 -1.02 11.38
C MET C 159 -25.93 -1.55 11.52
N ASP C 160 -26.44 -1.61 12.76
CA ASP C 160 -27.73 -2.25 12.95
C ASP C 160 -28.84 -1.41 12.32
N PRO C 161 -29.96 -2.03 11.95
CA PRO C 161 -31.09 -1.26 11.38
C PRO C 161 -31.95 -0.53 12.40
N ARG C 162 -31.48 -0.34 13.64
CA ARG C 162 -32.25 0.37 14.64
C ARG C 162 -32.19 1.89 14.47
N MET C 163 -31.27 2.40 13.66
CA MET C 163 -30.99 3.83 13.61
C MET C 163 -31.53 4.49 12.34
N CYS C 164 -32.58 3.93 11.74
CA CYS C 164 -33.18 4.50 10.54
C CYS C 164 -33.58 5.95 10.72
N SER C 165 -33.72 6.42 11.97
CA SER C 165 -34.12 7.79 12.23
C SER C 165 -33.04 8.80 11.87
N LEU C 166 -31.77 8.38 11.76
CA LEU C 166 -30.70 9.30 11.44
C LEU C 166 -30.26 9.21 9.98
N MET C 167 -31.18 8.86 9.07
CA MET C 167 -30.89 8.82 7.64
C MET C 167 -31.37 10.09 6.92
N GLN C 168 -31.51 11.19 7.66
CA GLN C 168 -31.96 12.44 7.04
C GLN C 168 -30.91 12.97 6.08
N GLY C 169 -31.36 13.39 4.90
CA GLY C 169 -30.43 13.88 3.88
C GLY C 169 -29.46 12.84 3.39
N SER C 170 -29.84 11.55 3.43
CA SER C 170 -28.92 10.49 3.04
C SER C 170 -28.63 10.51 1.55
N THR C 171 -29.65 10.82 0.73
CA THR C 171 -29.46 10.76 -0.71
C THR C 171 -28.66 11.96 -1.24
N LEU C 172 -28.39 12.94 -0.38
CA LEU C 172 -27.67 14.12 -0.83
C LEU C 172 -26.22 13.78 -1.17
N PRO C 173 -25.77 14.05 -2.40
CA PRO C 173 -24.36 13.89 -2.71
C PRO C 173 -23.52 15.05 -2.18
N ARG C 174 -22.20 14.89 -2.31
CA ARG C 174 -21.25 15.84 -1.74
C ARG C 174 -21.34 17.22 -2.41
N ARG C 175 -21.83 17.29 -3.64
CA ARG C 175 -21.74 18.52 -4.43
C ARG C 175 -22.47 19.70 -3.80
N SER C 176 -23.39 19.45 -2.87
CA SER C 176 -24.10 20.55 -2.21
C SER C 176 -23.15 21.35 -1.32
N GLY C 177 -23.53 22.61 -1.07
CA GLY C 177 -22.73 23.51 -0.29
C GLY C 177 -23.02 23.42 1.19
N ALA C 178 -22.70 24.52 1.89
CA ALA C 178 -22.89 24.57 3.34
C ALA C 178 -24.37 24.46 3.72
N ALA C 179 -25.24 25.10 2.94
CA ALA C 179 -26.67 25.01 3.20
C ALA C 179 -27.15 23.57 3.07
N GLY C 180 -26.67 22.86 2.07
CA GLY C 180 -26.97 21.44 1.96
C GLY C 180 -26.34 20.62 3.08
N ALA C 181 -25.12 20.99 3.48
CA ALA C 181 -24.44 20.27 4.56
C ALA C 181 -25.14 20.43 5.89
N ALA C 182 -25.89 21.52 6.08
CA ALA C 182 -26.55 21.76 7.37
C ALA C 182 -27.65 20.74 7.62
N VAL C 183 -28.35 20.31 6.58
CA VAL C 183 -29.54 19.49 6.77
C VAL C 183 -29.24 18.00 6.75
N LYS C 184 -28.06 17.60 6.27
CA LYS C 184 -27.71 16.19 6.29
C LYS C 184 -27.62 15.69 7.73
N GLY C 185 -28.16 14.49 7.96
CA GLY C 185 -28.19 13.93 9.30
C GLY C 185 -26.84 13.44 9.76
N VAL C 186 -26.76 13.17 11.06
CA VAL C 186 -25.54 12.64 11.64
C VAL C 186 -25.23 11.26 11.05
N GLY C 187 -26.26 10.42 10.95
CA GLY C 187 -26.07 9.09 10.38
C GLY C 187 -25.64 9.11 8.93
N THR C 188 -26.11 10.11 8.16
CA THR C 188 -25.64 10.25 6.79
C THR C 188 -24.14 10.50 6.74
N MET C 189 -23.64 11.38 7.60
CA MET C 189 -22.20 11.62 7.68
C MET C 189 -21.47 10.38 8.16
N VAL C 190 -22.06 9.63 9.10
CA VAL C 190 -21.42 8.40 9.56
C VAL C 190 -21.27 7.42 8.39
N MET C 191 -22.31 7.26 7.59
CA MET C 191 -22.24 6.37 6.44
C MET C 191 -21.20 6.85 5.44
N GLU C 192 -21.19 8.16 5.15
CA GLU C 192 -20.23 8.70 4.18
C GLU C 192 -18.79 8.51 4.64
N LEU C 193 -18.51 8.73 5.93
CA LEU C 193 -17.16 8.55 6.43
C LEU C 193 -16.77 7.08 6.50
N ILE C 194 -17.70 6.18 6.84
CA ILE C 194 -17.35 4.76 6.86
C ILE C 194 -17.06 4.26 5.45
N ARG C 195 -17.75 4.81 4.45
CA ARG C 195 -17.43 4.45 3.07
C ARG C 195 -15.98 4.78 2.74
N MET C 196 -15.54 6.00 3.10
CA MET C 196 -14.16 6.40 2.84
C MET C 196 -13.18 5.56 3.65
N ILE C 197 -13.52 5.25 4.90
CA ILE C 197 -12.64 4.43 5.72
C ILE C 197 -12.49 3.02 5.16
N LYS C 198 -13.59 2.41 4.71
CA LYS C 198 -13.50 1.08 4.11
C LYS C 198 -12.73 1.11 2.81
N ARG C 199 -12.89 2.17 2.01
CA ARG C 199 -12.11 2.29 0.79
C ARG C 199 -10.62 2.44 1.09
N GLY C 200 -10.28 3.19 2.14
CA GLY C 200 -8.88 3.32 2.51
C GLY C 200 -8.30 2.09 3.18
N ILE C 201 -9.17 1.24 3.74
CA ILE C 201 -8.71 -0.04 4.28
C ILE C 201 -8.51 -1.07 3.19
N ASN C 202 -9.38 -1.09 2.16
CA ASN C 202 -9.26 -2.08 1.09
C ASN C 202 -7.94 -1.91 0.34
N ASP C 203 -7.54 -0.67 0.07
CA ASP C 203 -6.31 -0.39 -0.66
C ASP C 203 -5.58 0.75 0.03
N ARG C 204 -4.25 0.78 -0.16
CA ARG C 204 -3.37 1.76 0.49
C ARG C 204 -3.54 3.14 -0.15
N ASN C 205 -4.72 3.74 0.05
CA ASN C 205 -5.10 4.91 -0.74
C ASN C 205 -4.65 6.23 -0.11
N PHE C 206 -4.08 6.21 1.08
CA PHE C 206 -3.70 7.45 1.76
C PHE C 206 -2.28 7.92 1.43
N TRP C 207 -1.75 7.58 0.25
CA TRP C 207 -0.39 7.97 -0.09
C TRP C 207 -0.26 9.50 -0.14
N ARG C 208 0.99 9.94 -0.26
CA ARG C 208 1.33 11.37 -0.33
C ARG C 208 0.92 12.02 -1.65
N GLY C 209 0.19 11.31 -2.51
CA GLY C 209 -0.26 11.90 -3.76
C GLY C 209 -1.41 12.86 -3.56
N GLU C 210 -1.82 13.48 -4.68
CA GLU C 210 -2.89 14.48 -4.62
C GLU C 210 -4.23 13.87 -4.22
N ASN C 211 -4.49 12.63 -4.63
CA ASN C 211 -5.75 11.98 -4.27
C ASN C 211 -5.86 11.82 -2.76
N GLY C 212 -4.79 11.38 -2.12
CA GLY C 212 -4.79 11.25 -0.68
C GLY C 212 -4.97 12.58 0.02
N ARG C 213 -4.30 13.62 -0.48
CA ARG C 213 -4.44 14.94 0.12
C ARG C 213 -5.88 15.45 0.01
N ARG C 214 -6.50 15.24 -1.16
CA ARG C 214 -7.86 15.73 -1.36
C ARG C 214 -8.88 14.94 -0.54
N THR C 215 -8.74 13.62 -0.45
CA THR C 215 -9.65 12.86 0.40
C THR C 215 -9.43 13.22 1.87
N ARG C 216 -8.18 13.50 2.25
CA ARG C 216 -7.90 14.00 3.59
C ARG C 216 -8.67 15.29 3.84
N ILE C 217 -8.59 16.24 2.90
CA ILE C 217 -9.25 17.53 3.04
C ILE C 217 -10.76 17.36 3.18
N ALA C 218 -11.35 16.57 2.29
CA ALA C 218 -12.78 16.29 2.40
C ALA C 218 -13.10 15.66 3.75
N TYR C 219 -12.17 14.87 4.29
CA TYR C 219 -12.41 14.25 5.58
C TYR C 219 -12.49 15.28 6.69
N GLU C 220 -11.54 16.23 6.75
CA GLU C 220 -11.68 17.19 7.86
C GLU C 220 -12.85 18.12 7.63
N ARG C 221 -13.21 18.40 6.37
CA ARG C 221 -14.39 19.23 6.14
C ARG C 221 -15.64 18.55 6.64
N MET C 222 -15.79 17.25 6.35
CA MET C 222 -16.95 16.52 6.86
C MET C 222 -16.91 16.42 8.39
N CYS C 223 -15.71 16.33 8.96
CA CYS C 223 -15.60 16.18 10.40
C CYS C 223 -15.92 17.47 11.15
N ASN C 224 -15.50 18.63 10.63
CA ASN C 224 -15.87 19.85 11.35
C ASN C 224 -17.34 20.19 11.09
N ILE C 225 -17.89 19.75 9.96
CA ILE C 225 -19.35 19.78 9.84
C ILE C 225 -19.99 18.95 10.96
N LEU C 226 -19.47 17.74 11.19
CA LEU C 226 -19.99 16.90 12.26
C LEU C 226 -19.92 17.60 13.61
N LYS C 227 -18.74 18.10 13.99
CA LYS C 227 -18.57 18.67 15.32
C LYS C 227 -19.35 19.98 15.46
N GLY C 228 -19.60 20.68 14.35
CA GLY C 228 -20.54 21.79 14.40
C GLY C 228 -21.96 21.33 14.65
N LYS C 229 -22.32 20.16 14.13
CA LYS C 229 -23.69 19.65 14.29
C LYS C 229 -24.02 19.29 15.73
N PHE C 230 -23.05 18.86 16.53
CA PHE C 230 -23.32 18.42 17.90
C PHE C 230 -23.42 19.61 18.84
N GLN C 231 -23.85 19.35 20.08
CA GLN C 231 -24.10 20.40 21.05
C GLN C 231 -23.33 20.22 22.35
N THR C 232 -23.20 19.00 22.85
CA THR C 232 -22.52 18.78 24.12
C THR C 232 -21.01 18.65 23.89
N ALA C 233 -20.24 19.07 24.90
CA ALA C 233 -18.79 19.18 24.73
C ALA C 233 -18.11 17.82 24.61
N ALA C 234 -18.64 16.80 25.29
CA ALA C 234 -17.96 15.50 25.32
C ALA C 234 -17.86 14.89 23.93
N GLN C 235 -18.97 14.89 23.18
CA GLN C 235 -18.93 14.32 21.84
C GLN C 235 -18.09 15.17 20.89
N ARG C 236 -18.10 16.49 21.06
CA ARG C 236 -17.22 17.34 20.25
C ARG C 236 -15.76 16.99 20.50
N THR C 237 -15.38 16.81 21.77
CA THR C 237 -14.01 16.46 22.11
C THR C 237 -13.63 15.09 21.57
N MET C 238 -14.53 14.11 21.64
CA MET C 238 -14.18 12.79 21.14
C MET C 238 -14.10 12.77 19.62
N VAL C 239 -14.89 13.60 18.94
CA VAL C 239 -14.73 13.78 17.51
C VAL C 239 -13.39 14.44 17.21
N ASP C 240 -12.99 15.41 18.03
CA ASP C 240 -11.68 16.02 17.89
C ASP C 240 -10.57 14.98 17.99
N GLN C 241 -10.70 14.06 18.95
CA GLN C 241 -9.66 13.07 19.17
C GLN C 241 -9.69 11.96 18.13
N VAL C 242 -10.86 11.68 17.52
CA VAL C 242 -10.92 10.71 16.43
C VAL C 242 -10.07 11.19 15.26
N ARG C 243 -10.04 12.50 15.04
CA ARG C 243 -9.20 13.13 14.02
C ARG C 243 -7.72 12.81 14.21
N GLU C 244 -7.25 12.64 15.46
CA GLU C 244 -5.83 12.47 15.70
C GLU C 244 -5.26 11.21 15.06
N SER C 245 -6.11 10.27 14.65
CA SER C 245 -5.65 9.06 13.96
C SER C 245 -5.34 9.41 12.51
N ARG C 246 -4.04 9.41 12.15
CA ARG C 246 -3.67 9.72 10.78
C ARG C 246 -3.99 8.57 9.83
N ASN C 247 -4.08 7.35 10.34
CA ASN C 247 -4.38 6.16 9.54
C ASN C 247 -5.68 5.51 10.02
N PRO C 248 -6.81 5.87 9.40
CA PRO C 248 -8.10 5.30 9.83
C PRO C 248 -8.17 3.81 9.53
N GLY C 249 -8.16 3.00 10.60
CA GLY C 249 -8.24 1.57 10.45
C GLY C 249 -9.55 1.00 10.93
N ASN C 250 -9.48 -0.01 11.80
CA ASN C 250 -10.69 -0.66 12.30
C ASN C 250 -11.21 -0.06 13.59
N ALA C 251 -10.32 0.41 14.47
CA ALA C 251 -10.76 0.91 15.77
C ALA C 251 -11.69 2.12 15.62
N GLU C 252 -11.35 3.02 14.70
CA GLU C 252 -12.20 4.18 14.44
C GLU C 252 -13.60 3.79 13.97
N PHE C 253 -13.74 2.62 13.36
CA PHE C 253 -15.06 2.17 12.92
C PHE C 253 -16.02 2.01 14.10
N GLU C 254 -15.61 1.24 15.12
CA GLU C 254 -16.44 1.12 16.31
C GLU C 254 -16.46 2.42 17.11
N ASP C 255 -15.38 3.20 17.04
CA ASP C 255 -15.40 4.51 17.72
C ASP C 255 -16.53 5.38 17.21
N LEU C 256 -16.67 5.49 15.90
CA LEU C 256 -17.71 6.32 15.31
C LEU C 256 -19.08 5.65 15.34
N ILE C 257 -19.14 4.31 15.41
CA ILE C 257 -20.41 3.66 15.73
C ILE C 257 -20.88 4.04 17.12
N PHE C 258 -19.97 4.07 18.09
CA PHE C 258 -20.30 4.54 19.43
C PHE C 258 -20.74 5.99 19.40
N LEU C 259 -20.07 6.82 18.58
CA LEU C 259 -20.49 8.20 18.38
C LEU C 259 -21.94 8.26 17.87
N ALA C 260 -22.26 7.39 16.91
CA ALA C 260 -23.61 7.39 16.34
C ALA C 260 -24.66 6.97 17.36
N ARG C 261 -24.39 5.89 18.11
CA ARG C 261 -25.38 5.44 19.09
C ARG C 261 -25.44 6.38 20.29
N SER C 262 -24.42 7.21 20.48
CA SER C 262 -24.52 8.29 21.46
C SER C 262 -25.37 9.44 20.93
N ALA C 263 -25.22 9.75 19.65
CA ALA C 263 -26.06 10.77 19.02
C ALA C 263 -27.50 10.32 18.89
N LEU C 264 -27.77 9.02 19.05
CA LEU C 264 -29.14 8.55 19.13
C LEU C 264 -29.93 9.34 20.16
N ILE C 265 -29.33 9.58 21.32
CA ILE C 265 -29.96 10.39 22.36
C ILE C 265 -29.37 11.79 22.41
N LEU C 266 -28.04 11.90 22.38
CA LEU C 266 -27.37 13.21 22.30
C LEU C 266 -27.37 13.66 20.84
N ARG C 267 -28.57 14.00 20.37
CA ARG C 267 -28.78 14.31 18.96
C ARG C 267 -28.07 15.60 18.58
N GLY C 268 -27.68 15.68 17.31
CA GLY C 268 -27.05 16.87 16.77
C GLY C 268 -28.06 17.89 16.30
N SER C 269 -27.65 19.16 16.36
CA SER C 269 -28.51 20.27 15.94
C SER C 269 -28.51 20.35 14.42
N VAL C 270 -29.45 19.62 13.82
CA VAL C 270 -29.58 19.54 12.36
C VAL C 270 -30.80 20.33 11.93
N ALA C 271 -30.62 21.15 10.89
CA ALA C 271 -31.69 22.01 10.42
C ALA C 271 -32.72 21.22 9.63
N HIS C 272 -33.89 21.84 9.42
CA HIS C 272 -34.98 21.25 8.64
C HIS C 272 -35.43 22.30 7.63
N LYS C 273 -34.94 22.19 6.40
CA LYS C 273 -35.20 23.18 5.36
C LYS C 273 -36.54 22.88 4.71
N SER C 274 -37.42 23.88 4.69
CA SER C 274 -38.81 23.71 4.25
C SER C 274 -38.93 24.06 2.76
N CYS C 275 -38.69 23.06 1.93
CA CYS C 275 -38.89 23.22 0.49
C CYS C 275 -40.24 22.63 0.08
N LEU C 276 -40.80 23.19 -1.01
CA LEU C 276 -42.16 22.74 -1.43
C LEU C 276 -42.13 22.33 -2.91
N PRO C 277 -43.19 21.61 -3.37
CA PRO C 277 -43.24 21.09 -4.74
C PRO C 277 -42.84 22.12 -5.79
N ALA C 278 -42.36 21.62 -6.92
CA ALA C 278 -41.95 22.51 -8.01
C ALA C 278 -43.14 23.38 -8.44
N CYS C 279 -44.36 22.84 -8.39
CA CYS C 279 -45.55 23.58 -8.86
C CYS C 279 -45.93 24.69 -7.86
N VAL C 280 -46.07 24.35 -6.57
CA VAL C 280 -46.51 25.33 -5.58
C VAL C 280 -45.83 26.69 -5.77
N TYR C 281 -44.51 26.72 -5.97
CA TYR C 281 -43.82 27.96 -6.26
C TYR C 281 -44.28 28.59 -7.57
N GLY C 282 -44.44 27.77 -8.61
CA GLY C 282 -44.89 28.28 -9.89
C GLY C 282 -46.27 28.88 -9.89
N SER C 283 -47.24 28.25 -9.21
CA SER C 283 -48.59 28.80 -9.10
C SER C 283 -48.59 30.12 -8.32
N ALA C 284 -47.80 30.20 -7.25
CA ALA C 284 -47.71 31.43 -6.48
C ALA C 284 -47.10 32.55 -7.29
N VAL C 285 -46.04 32.26 -8.04
CA VAL C 285 -45.39 33.28 -8.85
C VAL C 285 -46.29 33.72 -10.01
N ALA C 286 -47.03 32.77 -10.60
CA ALA C 286 -47.88 33.09 -11.73
C ALA C 286 -48.99 34.07 -11.34
N SER C 287 -49.52 33.92 -10.12
CA SER C 287 -50.59 34.80 -9.65
C SER C 287 -50.13 36.22 -9.37
N GLY C 288 -48.83 36.47 -9.38
CA GLY C 288 -48.31 37.81 -9.15
C GLY C 288 -47.86 38.10 -7.74
N TYR C 289 -47.77 37.08 -6.88
CA TYR C 289 -47.31 37.27 -5.51
C TYR C 289 -45.79 37.36 -5.50
N ASP C 290 -45.29 38.57 -5.69
CA ASP C 290 -43.85 38.81 -5.66
C ASP C 290 -43.32 38.62 -4.25
N PHE C 291 -42.29 37.79 -4.11
CA PHE C 291 -41.74 37.49 -2.80
C PHE C 291 -40.66 38.48 -2.38
N GLU C 292 -40.06 39.18 -3.35
CA GLU C 292 -39.03 40.17 -3.03
C GLU C 292 -39.61 41.33 -2.23
N ARG C 293 -40.82 41.76 -2.59
CA ARG C 293 -41.40 42.97 -1.99
C ARG C 293 -41.79 42.72 -0.54
N GLU C 294 -42.67 41.74 -0.29
CA GLU C 294 -43.14 41.45 1.05
C GLU C 294 -42.16 40.63 1.86
N GLY C 295 -41.11 40.09 1.24
CA GLY C 295 -40.14 39.30 1.95
C GLY C 295 -40.54 37.84 2.04
N TYR C 296 -39.55 36.94 2.16
CA TYR C 296 -39.83 35.52 2.27
C TYR C 296 -38.92 34.90 3.33
N SER C 297 -39.41 33.85 3.96
CA SER C 297 -38.66 33.13 4.98
C SER C 297 -38.81 31.64 4.73
N LEU C 298 -37.80 30.88 5.16
CA LEU C 298 -37.77 29.44 4.97
C LEU C 298 -38.13 28.67 6.23
N VAL C 299 -38.15 29.35 7.39
CA VAL C 299 -38.44 28.70 8.66
C VAL C 299 -39.77 29.14 9.25
N GLY C 300 -40.23 30.35 8.95
CA GLY C 300 -41.42 30.90 9.57
C GLY C 300 -42.70 30.40 8.94
N ILE C 301 -43.72 31.28 8.97
CA ILE C 301 -45.06 30.95 8.51
C ILE C 301 -45.11 30.68 7.02
N ASP C 302 -44.12 31.18 6.27
CA ASP C 302 -44.24 31.31 4.82
C ASP C 302 -44.69 30.03 4.13
N PRO C 303 -43.91 28.92 4.16
CA PRO C 303 -44.33 27.73 3.41
C PRO C 303 -45.65 27.16 3.87
N PHE C 304 -46.08 27.49 5.08
CA PHE C 304 -47.39 27.09 5.57
C PHE C 304 -48.51 27.84 4.86
N ARG C 305 -48.39 29.17 4.72
CA ARG C 305 -49.53 29.91 4.17
C ARG C 305 -49.60 29.76 2.65
N LEU C 306 -48.47 29.51 1.99
CA LEU C 306 -48.50 29.26 0.56
C LEU C 306 -49.23 27.95 0.26
N LEU C 307 -49.17 26.98 1.18
CA LEU C 307 -49.93 25.75 1.01
C LEU C 307 -51.37 25.89 1.46
N GLN C 308 -51.72 26.96 2.17
CA GLN C 308 -53.11 27.18 2.58
C GLN C 308 -54.02 27.46 1.40
N ASN C 309 -53.48 27.98 0.29
CA ASN C 309 -54.26 28.27 -0.90
C ASN C 309 -53.60 27.67 -2.14
N SER C 310 -53.05 26.46 -2.00
CA SER C 310 -52.39 25.77 -3.09
C SER C 310 -53.19 24.53 -3.47
N GLN C 311 -53.33 24.31 -4.77
CA GLN C 311 -54.02 23.14 -5.32
C GLN C 311 -52.99 22.22 -5.95
N VAL C 312 -53.03 20.94 -5.60
CA VAL C 312 -52.07 19.97 -6.09
C VAL C 312 -52.81 18.73 -6.55
N TYR C 313 -52.49 18.27 -7.76
CA TYR C 313 -53.00 17.03 -8.30
C TYR C 313 -51.89 16.00 -8.35
N SER C 314 -52.26 14.73 -8.20
CA SER C 314 -51.28 13.67 -8.13
C SER C 314 -51.86 12.40 -8.73
N LEU C 315 -50.96 11.48 -9.07
CA LEU C 315 -51.32 10.21 -9.67
C LEU C 315 -51.33 9.11 -8.61
N ILE C 316 -52.38 8.28 -8.64
CA ILE C 316 -52.66 7.28 -7.62
C ILE C 316 -53.02 5.97 -8.31
N ARG C 317 -52.50 4.86 -7.79
CA ARG C 317 -52.79 3.50 -8.24
C ARG C 317 -54.24 3.11 -7.96
N PRO C 318 -54.80 2.13 -8.67
CA PRO C 318 -56.17 1.70 -8.37
C PRO C 318 -56.34 1.10 -6.98
N ASN C 319 -55.26 0.64 -6.34
CA ASN C 319 -55.32 0.11 -4.99
C ASN C 319 -54.91 1.13 -3.95
N GLU C 320 -54.05 2.08 -4.32
CA GLU C 320 -53.62 3.14 -3.41
C GLU C 320 -54.79 4.06 -3.06
N ASN C 321 -54.80 4.52 -1.81
CA ASN C 321 -55.80 5.49 -1.40
C ASN C 321 -55.17 6.89 -1.33
N PRO C 322 -55.95 7.93 -1.65
CA PRO C 322 -55.39 9.29 -1.64
C PRO C 322 -55.23 9.87 -0.25
N ALA C 323 -55.98 9.33 0.72
CA ALA C 323 -55.93 9.85 2.08
C ALA C 323 -54.55 9.71 2.70
N HIS C 324 -53.90 8.56 2.56
CA HIS C 324 -52.53 8.41 3.05
C HIS C 324 -51.53 9.09 2.14
N LYS C 325 -51.83 9.20 0.85
CA LYS C 325 -50.92 9.87 -0.08
C LYS C 325 -50.77 11.34 0.25
N SER C 326 -51.86 12.02 0.61
CA SER C 326 -51.77 13.43 0.99
C SER C 326 -50.91 13.61 2.23
N GLN C 327 -51.08 12.73 3.23
CA GLN C 327 -50.27 12.81 4.43
C GLN C 327 -48.80 12.55 4.14
N LEU C 328 -48.51 11.58 3.27
CA LEU C 328 -47.12 11.32 2.88
C LEU C 328 -46.52 12.49 2.12
N VAL C 329 -47.34 13.16 1.30
CA VAL C 329 -46.87 14.36 0.60
C VAL C 329 -46.57 15.47 1.58
N TRP C 330 -47.38 15.59 2.64
CA TRP C 330 -47.12 16.61 3.65
C TRP C 330 -45.83 16.27 4.41
N MET C 331 -45.62 14.99 4.69
CA MET C 331 -44.32 14.51 5.20
C MET C 331 -43.18 14.98 4.32
N ALA C 332 -43.27 14.71 3.00
CA ALA C 332 -42.19 15.06 2.09
C ALA C 332 -41.96 16.57 2.05
N CYS C 333 -43.05 17.34 2.04
CA CYS C 333 -42.93 18.79 1.94
C CYS C 333 -42.27 19.39 3.18
N HIS C 334 -42.71 18.98 4.37
CA HIS C 334 -42.23 19.57 5.60
C HIS C 334 -41.18 18.73 6.31
N SER C 335 -40.73 17.62 5.71
CA SER C 335 -39.66 16.78 6.25
C SER C 335 -39.94 16.38 7.70
N ALA C 336 -41.17 15.91 7.93
CA ALA C 336 -41.62 15.51 9.26
C ALA C 336 -41.77 14.00 9.37
N ALA C 337 -41.13 13.26 8.46
CA ALA C 337 -41.22 11.81 8.49
C ALA C 337 -40.43 11.20 9.63
N PHE C 338 -39.48 11.94 10.21
CA PHE C 338 -38.67 11.46 11.33
C PHE C 338 -39.13 12.04 12.66
N GLU C 339 -40.27 12.74 12.68
CA GLU C 339 -40.77 13.36 13.89
C GLU C 339 -41.79 12.44 14.56
N ASP C 340 -42.25 12.84 15.74
CA ASP C 340 -43.30 12.13 16.46
C ASP C 340 -44.60 12.21 15.68
N LEU C 341 -45.31 11.09 15.62
CA LEU C 341 -46.57 11.05 14.87
C LEU C 341 -47.64 11.90 15.55
N ARG C 342 -47.62 11.93 16.88
CA ARG C 342 -48.64 12.68 17.62
C ARG C 342 -48.59 14.16 17.31
N VAL C 343 -47.38 14.73 17.28
CA VAL C 343 -47.23 16.15 16.99
C VAL C 343 -47.69 16.46 15.57
N SER C 344 -47.28 15.64 14.59
CA SER C 344 -47.70 15.85 13.22
C SER C 344 -49.21 15.76 13.10
N SER C 345 -49.84 14.85 13.85
CA SER C 345 -51.30 14.78 13.88
C SER C 345 -51.90 16.05 14.46
N PHE C 346 -51.27 16.61 15.51
CA PHE C 346 -51.80 17.82 16.12
C PHE C 346 -51.78 18.98 15.13
N ILE C 347 -50.66 19.20 14.46
CA ILE C 347 -50.65 20.27 13.44
C ILE C 347 -51.61 19.94 12.29
N ARG C 348 -51.68 18.68 11.87
CA ARG C 348 -52.66 18.30 10.86
C ARG C 348 -54.08 18.50 11.34
N GLY C 349 -54.35 18.13 12.59
CA GLY C 349 -55.69 18.05 13.13
C GLY C 349 -56.36 16.71 12.88
N THR C 350 -55.76 15.87 12.05
CA THR C 350 -56.23 14.52 11.78
C THR C 350 -55.12 13.53 12.10
N LYS C 351 -55.53 12.30 12.39
CA LYS C 351 -54.57 11.26 12.76
C LYS C 351 -53.66 10.94 11.57
N VAL C 352 -52.37 10.81 11.83
CA VAL C 352 -51.38 10.46 10.82
C VAL C 352 -51.02 8.99 10.97
N VAL C 353 -51.30 8.21 9.93
CA VAL C 353 -51.08 6.76 9.96
C VAL C 353 -49.59 6.46 9.83
N PRO C 354 -49.03 5.64 10.72
CA PRO C 354 -47.62 5.25 10.57
C PRO C 354 -47.41 4.36 9.36
N ARG C 355 -46.13 4.20 8.99
CA ARG C 355 -45.79 3.45 7.79
C ARG C 355 -46.10 1.96 7.90
N GLY C 356 -46.42 1.47 9.10
CA GLY C 356 -46.72 0.05 9.25
C GLY C 356 -47.94 -0.38 8.47
N LYS C 357 -48.99 0.46 8.47
CA LYS C 357 -50.26 0.13 7.84
C LYS C 357 -50.64 1.11 6.74
N LEU C 358 -49.66 1.69 6.07
CA LEU C 358 -49.93 2.55 4.93
C LEU C 358 -50.20 1.70 3.70
N SER C 359 -51.45 1.70 3.23
CA SER C 359 -51.83 0.93 2.05
C SER C 359 -51.56 1.75 0.79
N THR C 360 -50.32 2.22 0.70
CA THR C 360 -49.87 3.03 -0.43
C THR C 360 -48.44 2.59 -0.77
N ARG C 361 -47.92 3.11 -1.88
CA ARG C 361 -46.57 2.82 -2.32
C ARG C 361 -45.79 4.10 -2.54
N GLY C 362 -44.61 4.01 -3.14
CA GLY C 362 -43.82 5.19 -3.40
C GLY C 362 -44.51 6.13 -4.36
N VAL C 363 -44.20 7.42 -4.18
CA VAL C 363 -44.81 8.47 -5.01
C VAL C 363 -44.41 8.30 -6.46
N GLN C 364 -43.13 8.03 -6.71
CA GLN C 364 -42.66 7.86 -8.08
C GLN C 364 -43.24 6.59 -8.69
N ILE C 365 -43.50 6.65 -10.00
CA ILE C 365 -44.13 5.55 -10.73
C ILE C 365 -43.06 4.75 -11.45
N ALA C 366 -43.13 3.43 -11.34
CA ALA C 366 -42.18 2.55 -12.01
C ALA C 366 -42.31 2.66 -13.52
N SER C 367 -41.19 2.41 -14.21
CA SER C 367 -41.14 2.57 -15.66
C SER C 367 -41.98 1.53 -16.41
N ASN C 368 -42.39 0.45 -15.75
CA ASN C 368 -43.12 -0.62 -16.41
C ASN C 368 -44.61 -0.64 -16.09
N GLU C 369 -45.07 0.22 -15.19
CA GLU C 369 -46.47 0.19 -14.76
C GLU C 369 -47.38 0.67 -15.90
N ASN C 370 -48.51 -0.01 -16.07
CA ASN C 370 -49.44 0.32 -17.13
C ASN C 370 -50.22 1.60 -16.79
N MET C 371 -50.94 2.12 -17.79
CA MET C 371 -51.55 3.43 -17.64
C MET C 371 -53.07 3.39 -17.55
N GLU C 372 -53.70 2.27 -17.91
CA GLU C 372 -55.15 2.19 -17.83
C GLU C 372 -55.64 2.18 -16.38
N THR C 373 -54.78 1.76 -15.45
CA THR C 373 -55.17 1.68 -14.05
C THR C 373 -54.93 2.98 -13.28
N MET C 374 -54.19 3.92 -13.85
CA MET C 374 -53.68 5.07 -13.12
C MET C 374 -54.75 6.15 -13.06
N GLU C 375 -54.92 6.78 -11.90
CA GLU C 375 -56.01 7.74 -11.74
C GLU C 375 -55.52 8.98 -11.00
N SER C 376 -55.91 10.16 -11.48
CA SER C 376 -55.42 11.41 -10.91
C SER C 376 -56.45 12.05 -10.00
N SER C 377 -55.98 12.59 -8.87
CA SER C 377 -56.87 13.21 -7.90
C SER C 377 -56.12 14.24 -7.07
N THR C 378 -56.89 15.05 -6.33
CA THR C 378 -56.35 16.13 -5.53
C THR C 378 -55.60 15.61 -4.31
N LEU C 379 -54.82 16.49 -3.69
CA LEU C 379 -54.13 16.22 -2.44
C LEU C 379 -54.48 17.30 -1.42
N GLU C 380 -54.65 16.89 -0.16
CA GLU C 380 -54.94 17.82 0.91
C GLU C 380 -53.64 18.21 1.63
N LEU C 381 -53.38 19.51 1.70
CA LEU C 381 -52.22 20.04 2.40
C LEU C 381 -52.56 21.01 3.51
N ARG C 382 -53.85 21.31 3.72
CA ARG C 382 -54.25 22.24 4.77
C ARG C 382 -53.94 21.68 6.14
N SER C 383 -53.37 22.52 7.00
CA SER C 383 -53.07 22.17 8.38
C SER C 383 -53.73 23.18 9.30
N ARG C 384 -54.23 22.68 10.44
CA ARG C 384 -54.95 23.55 11.37
C ARG C 384 -54.00 24.54 12.06
N TYR C 385 -52.76 24.15 12.26
CA TYR C 385 -51.82 24.97 13.01
C TYR C 385 -50.49 25.09 12.27
N TRP C 386 -49.59 25.88 12.86
CA TRP C 386 -48.26 26.13 12.33
C TRP C 386 -47.29 26.26 13.49
N ALA C 387 -46.04 25.89 13.24
CA ALA C 387 -45.00 25.94 14.27
C ALA C 387 -43.66 26.27 13.62
N ILE C 388 -42.77 26.86 14.43
CA ILE C 388 -41.42 27.18 14.01
C ILE C 388 -40.60 25.90 14.03
N ARG C 389 -39.65 25.77 13.11
CA ARG C 389 -38.79 24.59 13.03
C ARG C 389 -37.34 25.04 13.11
N THR C 390 -36.83 25.17 14.34
CA THR C 390 -35.46 25.63 14.56
C THR C 390 -34.49 24.44 14.50
N ARG C 391 -33.22 24.77 14.29
CA ARG C 391 -32.16 23.77 14.27
C ARG C 391 -31.53 23.61 15.65
N SER C 392 -32.37 23.40 16.67
CA SER C 392 -31.92 23.23 18.04
C SER C 392 -32.18 21.79 18.49
N GLY C 393 -31.74 21.48 19.70
CA GLY C 393 -31.93 20.15 20.27
C GLY C 393 -32.89 20.21 21.44
N GLY C 394 -33.26 19.04 21.95
CA GLY C 394 -34.15 18.94 23.09
C GLY C 394 -33.57 19.59 24.33
N ASN C 395 -34.46 20.14 25.18
CA ASN C 395 -34.00 20.77 26.41
C ASN C 395 -33.44 19.76 27.40
N THR C 396 -33.63 18.47 27.15
CA THR C 396 -33.17 17.42 28.05
C THR C 396 -31.65 17.43 28.21
N ASN C 397 -30.92 17.78 27.14
CA ASN C 397 -29.47 17.88 27.25
C ASN C 397 -29.07 19.01 28.18
N GLN C 398 -29.80 20.14 28.10
CA GLN C 398 -29.54 21.24 29.02
C GLN C 398 -29.92 20.86 30.44
N GLN C 399 -30.94 20.01 30.61
CA GLN C 399 -31.27 19.51 31.93
C GLN C 399 -30.15 18.65 32.50
N ARG C 400 -29.56 17.79 31.66
CA ARG C 400 -28.44 16.96 32.10
C ARG C 400 -27.22 17.82 32.45
N GLY C 435 -7.28 10.01 26.77
CA GLY C 435 -6.36 9.10 26.12
C GLY C 435 -6.92 8.43 24.89
N ARG C 436 -8.14 7.92 24.99
CA ARG C 436 -8.76 7.18 23.90
C ARG C 436 -10.25 7.53 23.87
N THR C 437 -11.02 6.71 23.15
CA THR C 437 -12.45 6.96 23.02
C THR C 437 -13.24 6.35 24.17
N SER C 438 -12.74 5.26 24.75
CA SER C 438 -13.52 4.53 25.76
C SER C 438 -13.70 5.35 27.03
N ASP C 439 -12.69 6.14 27.41
CA ASP C 439 -12.80 6.95 28.62
C ASP C 439 -13.97 7.93 28.50
N MET C 440 -14.15 8.51 27.31
CA MET C 440 -15.32 9.36 27.06
C MET C 440 -16.58 8.54 26.85
N ARG C 441 -16.45 7.29 26.40
CA ARG C 441 -17.60 6.40 26.33
C ARG C 441 -18.20 6.20 27.72
N THR C 442 -17.34 6.27 28.75
CA THR C 442 -17.85 6.17 30.11
C THR C 442 -18.84 7.29 30.44
N GLU C 443 -18.47 8.54 30.11
CA GLU C 443 -19.43 9.63 30.31
C GLU C 443 -20.61 9.50 29.36
N ILE C 444 -20.41 8.93 28.17
CA ILE C 444 -21.55 8.64 27.31
C ILE C 444 -22.55 7.75 28.04
N ILE C 445 -22.05 6.68 28.65
CA ILE C 445 -22.94 5.74 29.34
C ILE C 445 -23.62 6.40 30.52
N ARG C 446 -22.89 7.20 31.30
CA ARG C 446 -23.53 7.81 32.46
C ARG C 446 -24.56 8.86 32.05
N LEU C 447 -24.31 9.61 30.96
CA LEU C 447 -25.32 10.52 30.44
C LEU C 447 -26.54 9.76 29.93
N MET C 448 -26.32 8.62 29.27
CA MET C 448 -27.45 7.82 28.79
C MET C 448 -28.29 7.32 29.96
N GLU C 449 -27.63 6.89 31.04
CA GLU C 449 -28.35 6.49 32.23
C GLU C 449 -29.10 7.65 32.87
N SER C 450 -28.50 8.85 32.85
CA SER C 450 -29.19 10.02 33.38
C SER C 450 -30.39 10.40 32.51
N ALA C 451 -30.34 10.09 31.22
CA ALA C 451 -31.43 10.41 30.31
C ALA C 451 -32.68 9.60 30.66
N ARG C 452 -33.84 10.24 30.49
CA ARG C 452 -35.11 9.61 30.79
C ARG C 452 -36.10 9.81 29.63
N PRO C 453 -37.05 8.89 29.45
CA PRO C 453 -38.06 9.07 28.40
C PRO C 453 -39.18 10.00 28.84
N GLU C 454 -38.96 10.75 29.92
CA GLU C 454 -39.96 11.64 30.49
C GLU C 454 -39.61 13.11 30.32
N ASP C 455 -38.32 13.44 30.17
CA ASP C 455 -37.84 14.82 30.13
C ASP C 455 -38.53 15.59 29.01
N VAL C 456 -39.31 16.62 29.40
CA VAL C 456 -39.96 17.47 28.42
C VAL C 456 -38.96 18.47 27.86
N SER C 457 -39.05 18.75 26.56
CA SER C 457 -38.11 19.61 25.86
C SER C 457 -38.84 20.82 25.30
N PHE C 458 -38.06 21.73 24.70
CA PHE C 458 -38.58 22.92 24.02
C PHE C 458 -39.43 23.79 24.94
N GLN C 459 -38.89 24.09 26.13
CA GLN C 459 -39.58 24.98 27.05
C GLN C 459 -39.62 26.40 26.50
N GLY C 460 -40.75 27.08 26.72
CA GLY C 460 -40.92 28.45 26.30
C GLY C 460 -41.40 28.63 24.87
N ARG C 461 -41.66 27.56 24.14
CA ARG C 461 -42.14 27.61 22.76
C ARG C 461 -43.39 26.74 22.65
N GLY C 462 -44.27 27.10 21.71
CA GLY C 462 -45.52 26.39 21.56
C GLY C 462 -46.03 26.42 20.14
N VAL C 463 -47.14 25.71 19.92
CA VAL C 463 -47.82 25.64 18.63
C VAL C 463 -48.72 26.85 18.47
N PHE C 464 -48.77 27.40 17.26
CA PHE C 464 -49.45 28.67 17.02
C PHE C 464 -50.62 28.45 16.08
N GLU C 465 -51.53 29.42 16.06
CA GLU C 465 -52.67 29.41 15.16
C GLU C 465 -52.34 30.11 13.85
N LEU C 466 -53.12 29.79 12.82
CA LEU C 466 -52.87 30.35 11.49
C LEU C 466 -53.13 31.85 11.44
N SER C 467 -54.16 32.32 12.16
CA SER C 467 -54.58 33.72 12.04
C SER C 467 -53.53 34.70 12.55
N ASP C 468 -52.58 34.25 13.36
CA ASP C 468 -51.57 35.14 13.93
C ASP C 468 -50.36 35.17 13.00
N GLU C 469 -49.74 36.35 12.88
CA GLU C 469 -48.63 36.55 11.95
C GLU C 469 -47.32 36.90 12.65
N LYS C 470 -47.36 37.42 13.87
CA LYS C 470 -46.17 37.93 14.53
C LYS C 470 -45.78 37.13 15.77
N ALA C 471 -46.27 35.90 15.90
CA ALA C 471 -45.93 35.01 17.01
C ALA C 471 -46.29 35.66 18.36
N THR C 472 -47.59 35.87 18.55
CA THR C 472 -48.09 36.58 19.72
C THR C 472 -48.41 35.63 20.88
N SER C 473 -49.34 34.69 20.68
CA SER C 473 -49.78 33.84 21.77
C SER C 473 -49.99 32.40 21.31
N PRO C 474 -49.26 31.43 21.86
CA PRO C 474 -49.46 30.03 21.48
C PRO C 474 -50.45 29.29 22.36
N ILE C 475 -50.75 28.04 22.01
CA ILE C 475 -51.57 27.17 22.83
C ILE C 475 -50.72 25.93 23.14
N VAL C 476 -50.72 25.53 24.41
CA VAL C 476 -49.90 24.40 24.85
C VAL C 476 -50.62 23.08 24.58
N PRO C 477 -50.07 22.20 23.74
CA PRO C 477 -50.71 20.91 23.52
C PRO C 477 -50.45 19.96 24.69
N SER C 478 -51.32 18.94 24.80
CA SER C 478 -51.23 17.97 25.87
C SER C 478 -51.88 16.68 25.40
N PHE C 479 -51.09 15.62 25.29
CA PHE C 479 -51.57 14.31 24.84
C PHE C 479 -51.51 13.32 26.01
N ASP C 480 -52.64 12.66 26.26
CA ASP C 480 -52.72 11.56 27.22
C ASP C 480 -53.28 10.30 26.58
N MET C 481 -53.12 10.18 25.26
CA MET C 481 -53.73 9.09 24.49
C MET C 481 -52.84 7.85 24.50
N SER C 482 -52.56 7.34 25.71
CA SER C 482 -51.85 6.09 25.92
C SER C 482 -50.58 5.96 25.09
N ASN C 483 -50.50 4.89 24.28
CA ASN C 483 -49.30 4.56 23.54
C ASN C 483 -49.61 4.32 22.07
N GLU C 484 -50.32 5.26 21.42
CA GLU C 484 -50.67 5.16 20.02
C GLU C 484 -49.48 4.81 19.13
N GLY C 485 -48.28 5.18 19.57
CA GLY C 485 -47.07 4.83 18.84
C GLY C 485 -46.38 6.03 18.21
N SER C 486 -45.33 6.52 18.86
CA SER C 486 -44.51 7.61 18.35
C SER C 486 -43.32 7.10 17.54
N TYR C 487 -43.57 6.25 16.54
CA TYR C 487 -42.49 5.59 15.79
C TYR C 487 -43.02 5.33 14.38
N PHE C 488 -42.48 6.09 13.41
CA PHE C 488 -42.97 5.98 12.04
C PHE C 488 -42.65 4.64 11.41
N PHE C 489 -41.50 4.05 11.73
CA PHE C 489 -41.12 2.74 11.23
C PHE C 489 -41.27 1.70 12.34
N GLY C 490 -41.93 0.59 12.01
CA GLY C 490 -42.16 -0.47 12.96
C GLY C 490 -43.40 -0.28 13.81
N ASN D 21 -19.54 -8.17 -15.11
CA ASN D 21 -19.96 -8.75 -16.37
C ASN D 21 -20.18 -10.26 -16.22
N ALA D 22 -21.14 -10.80 -16.97
CA ALA D 22 -21.44 -12.22 -16.92
C ALA D 22 -21.01 -12.98 -18.17
N THR D 23 -20.65 -12.27 -19.25
CA THR D 23 -20.26 -12.94 -20.48
C THR D 23 -18.97 -13.73 -20.30
N GLU D 24 -18.01 -13.19 -19.53
CA GLU D 24 -16.75 -13.88 -19.34
C GLU D 24 -16.92 -15.19 -18.58
N ILE D 25 -17.77 -15.20 -17.54
CA ILE D 25 -18.02 -16.43 -16.80
C ILE D 25 -18.68 -17.46 -17.69
N ARG D 26 -19.65 -17.02 -18.51
CA ARG D 26 -20.30 -17.93 -19.44
C ARG D 26 -19.31 -18.52 -20.44
N ALA D 27 -18.42 -17.69 -20.97
CA ALA D 27 -17.41 -18.18 -21.91
C ALA D 27 -16.47 -19.18 -21.23
N SER D 28 -16.07 -18.90 -19.99
CA SER D 28 -15.19 -19.80 -19.27
C SER D 28 -15.84 -21.16 -19.03
N VAL D 29 -17.09 -21.15 -18.57
CA VAL D 29 -17.76 -22.43 -18.29
C VAL D 29 -18.05 -23.17 -19.59
N GLY D 30 -18.36 -22.43 -20.66
CA GLY D 30 -18.54 -23.07 -21.95
C GLY D 30 -17.28 -23.74 -22.45
N LYS D 31 -16.13 -23.07 -22.33
CA LYS D 31 -14.86 -23.68 -22.70
C LYS D 31 -14.58 -24.91 -21.86
N MET D 32 -14.84 -24.82 -20.56
CA MET D 32 -14.61 -25.94 -19.66
C MET D 32 -15.45 -27.17 -20.05
N ILE D 33 -16.76 -26.97 -20.25
CA ILE D 33 -17.61 -28.10 -20.58
C ILE D 33 -17.33 -28.60 -21.98
N ASP D 34 -16.87 -27.72 -22.88
CA ASP D 34 -16.46 -28.18 -24.21
C ASP D 34 -15.24 -29.09 -24.11
N GLY D 35 -14.27 -28.72 -23.27
CA GLY D 35 -13.14 -29.59 -23.04
C GLY D 35 -13.54 -30.92 -22.43
N ILE D 36 -14.48 -30.88 -21.48
CA ILE D 36 -14.97 -32.11 -20.86
C ILE D 36 -15.64 -33.01 -21.91
N GLY D 37 -16.47 -32.41 -22.76
CA GLY D 37 -17.15 -33.20 -23.79
C GLY D 37 -16.18 -33.77 -24.81
N ARG D 38 -15.15 -33.01 -25.16
CA ARG D 38 -14.14 -33.52 -26.08
C ARG D 38 -13.32 -34.64 -25.44
N PHE D 39 -13.04 -34.56 -24.14
CA PHE D 39 -12.41 -35.69 -23.46
C PHE D 39 -13.32 -36.92 -23.47
N TYR D 40 -14.63 -36.71 -23.31
CA TYR D 40 -15.56 -37.83 -23.43
C TYR D 40 -15.53 -38.43 -24.83
N ILE D 41 -15.46 -37.56 -25.85
CA ILE D 41 -15.36 -38.05 -27.23
C ILE D 41 -14.11 -38.89 -27.42
N GLN D 42 -12.98 -38.43 -26.87
CA GLN D 42 -11.74 -39.17 -27.08
C GLN D 42 -11.73 -40.46 -26.30
N MET D 43 -12.37 -40.50 -25.12
CA MET D 43 -12.41 -41.77 -24.39
C MET D 43 -13.30 -42.76 -25.14
N CYS D 44 -14.37 -42.27 -25.74
CA CYS D 44 -15.20 -43.15 -26.59
C CYS D 44 -14.40 -43.66 -27.77
N THR D 45 -13.56 -42.82 -28.37
CA THR D 45 -12.72 -43.26 -29.47
C THR D 45 -11.72 -44.31 -29.03
N GLU D 46 -11.08 -44.09 -27.88
CA GLU D 46 -10.00 -44.98 -27.41
C GLU D 46 -10.51 -46.29 -26.84
N LEU D 47 -11.67 -46.31 -26.20
CA LEU D 47 -12.20 -47.52 -25.58
C LEU D 47 -12.85 -48.47 -26.56
N LYS D 48 -13.02 -48.05 -27.82
CA LYS D 48 -13.62 -48.89 -28.86
C LYS D 48 -15.02 -49.35 -28.46
N LEU D 49 -15.78 -48.47 -27.82
CA LEU D 49 -17.14 -48.77 -27.40
C LEU D 49 -18.14 -48.41 -28.49
N SER D 50 -19.28 -49.09 -28.47
CA SER D 50 -20.32 -48.82 -29.45
C SER D 50 -21.10 -47.55 -29.09
N ASP D 51 -22.03 -47.19 -29.97
CA ASP D 51 -22.82 -45.98 -29.75
C ASP D 51 -23.68 -46.10 -28.48
N TYR D 52 -24.32 -47.26 -28.29
CA TYR D 52 -25.13 -47.47 -27.10
C TYR D 52 -24.27 -47.49 -25.84
N GLU D 53 -23.12 -48.17 -25.90
CA GLU D 53 -22.24 -48.26 -24.73
C GLU D 53 -21.67 -46.90 -24.35
N GLY D 54 -21.65 -45.94 -25.27
CA GLY D 54 -21.22 -44.58 -24.93
C GLY D 54 -22.28 -43.76 -24.23
N ARG D 55 -23.48 -44.30 -24.08
CA ARG D 55 -24.58 -43.63 -23.38
C ARG D 55 -24.92 -44.32 -22.08
N LEU D 56 -23.95 -45.01 -21.47
CA LEU D 56 -24.16 -45.72 -20.23
C LEU D 56 -23.58 -44.91 -19.07
N ILE D 57 -24.36 -44.78 -17.99
CA ILE D 57 -23.91 -44.01 -16.83
C ILE D 57 -22.76 -44.74 -16.12
N GLN D 58 -22.80 -46.07 -16.06
CA GLN D 58 -21.80 -46.82 -15.31
C GLN D 58 -20.39 -46.58 -15.84
N ASN D 59 -20.24 -46.56 -17.17
CA ASN D 59 -18.93 -46.33 -17.76
C ASN D 59 -18.38 -44.96 -17.38
N SER D 60 -19.22 -43.93 -17.46
CA SER D 60 -18.80 -42.60 -17.07
C SER D 60 -18.46 -42.54 -15.59
N LEU D 61 -19.24 -43.23 -14.75
CA LEU D 61 -18.98 -43.25 -13.31
C LEU D 61 -17.61 -43.85 -13.01
N THR D 62 -17.31 -45.01 -13.59
CA THR D 62 -16.01 -45.64 -13.36
C THR D 62 -14.89 -44.77 -13.89
N ILE D 63 -15.07 -44.20 -15.09
CA ILE D 63 -14.05 -43.34 -15.68
C ILE D 63 -13.81 -42.11 -14.80
N GLU D 64 -14.85 -41.59 -14.15
CA GLU D 64 -14.66 -40.39 -13.33
C GLU D 64 -14.07 -40.70 -11.96
N ARG D 65 -14.34 -41.87 -11.37
CA ARG D 65 -13.48 -42.27 -10.25
C ARG D 65 -12.02 -42.45 -10.67
N MET D 66 -11.79 -42.95 -11.88
CA MET D 66 -10.42 -42.92 -12.41
C MET D 66 -9.89 -41.50 -12.49
N VAL D 67 -10.74 -40.56 -12.88
CA VAL D 67 -10.36 -39.15 -12.98
C VAL D 67 -9.91 -38.62 -11.63
N LEU D 68 -10.73 -38.83 -10.60
CA LEU D 68 -10.42 -38.30 -9.28
C LEU D 68 -9.20 -39.02 -8.69
N SER D 69 -9.08 -40.32 -8.93
CA SER D 69 -7.90 -41.05 -8.48
C SER D 69 -6.64 -40.64 -9.23
N ALA D 70 -6.78 -39.98 -10.39
CA ALA D 70 -5.60 -39.51 -11.09
C ALA D 70 -5.20 -38.09 -10.66
N PHE D 71 -6.18 -37.22 -10.35
CA PHE D 71 -5.84 -35.92 -9.78
C PHE D 71 -5.83 -35.85 -8.26
N ASP D 72 -5.96 -36.97 -7.55
CA ASP D 72 -5.85 -36.91 -6.09
C ASP D 72 -4.36 -36.89 -5.71
N GLU D 73 -3.71 -35.78 -6.05
CA GLU D 73 -2.26 -35.68 -5.91
C GLU D 73 -1.82 -35.95 -4.47
N ARG D 74 -2.62 -35.52 -3.49
CA ARG D 74 -2.33 -35.85 -2.10
C ARG D 74 -2.35 -37.36 -1.88
N ARG D 75 -3.41 -38.02 -2.34
CA ARG D 75 -3.45 -39.47 -2.20
C ARG D 75 -2.41 -40.15 -3.08
N ASN D 76 -2.09 -39.59 -4.25
CA ASN D 76 -1.01 -40.16 -5.05
C ASN D 76 0.30 -40.18 -4.26
N LYS D 77 0.62 -39.04 -3.62
CA LYS D 77 1.81 -38.96 -2.79
C LYS D 77 1.75 -39.90 -1.60
N TYR D 78 0.58 -40.04 -0.98
CA TYR D 78 0.43 -40.95 0.15
C TYR D 78 0.55 -42.41 -0.24
N LEU D 79 0.08 -42.80 -1.43
CA LEU D 79 0.13 -44.20 -1.85
C LEU D 79 1.46 -44.58 -2.48
N GLU D 80 2.21 -43.63 -3.03
CA GLU D 80 3.55 -43.94 -3.54
C GLU D 80 4.46 -44.41 -2.41
N GLU D 81 4.31 -43.80 -1.22
CA GLU D 81 5.06 -44.25 -0.05
C GLU D 81 4.37 -45.40 0.66
N HIS D 82 3.18 -45.81 0.21
CA HIS D 82 2.44 -46.87 0.87
C HIS D 82 2.01 -47.93 -0.16
N PRO D 83 2.93 -48.78 -0.61
CA PRO D 83 2.57 -49.80 -1.60
C PRO D 83 1.86 -51.00 -1.00
N SER D 84 0.53 -50.90 -0.83
CA SER D 84 -0.26 -51.96 -0.25
C SER D 84 -1.40 -52.31 -1.21
N ALA D 85 -2.37 -53.08 -0.70
CA ALA D 85 -3.55 -53.50 -1.46
C ALA D 85 -3.15 -54.30 -2.70
N GLY D 86 -2.10 -55.12 -2.57
CA GLY D 86 -1.66 -55.98 -3.65
C GLY D 86 -1.19 -55.22 -4.88
N LYS D 87 -1.75 -55.57 -6.03
CA LYS D 87 -1.39 -54.94 -7.30
C LYS D 87 -2.03 -53.55 -7.37
N ASP D 88 -1.30 -52.57 -6.84
CA ASP D 88 -1.76 -51.19 -6.87
C ASP D 88 -0.62 -50.20 -7.12
N PRO D 89 0.19 -50.37 -8.18
CA PRO D 89 1.24 -49.37 -8.45
C PRO D 89 0.64 -48.03 -8.84
N LYS D 90 -0.15 -48.02 -9.93
CA LYS D 90 -0.80 -46.81 -10.42
C LYS D 90 -2.23 -47.05 -10.84
N LYS D 91 -2.73 -48.28 -10.78
CA LYS D 91 -3.99 -48.65 -11.42
C LYS D 91 -4.98 -49.14 -10.38
N THR D 92 -6.23 -48.68 -10.48
CA THR D 92 -7.29 -49.07 -9.56
C THR D 92 -8.55 -49.40 -10.35
N GLY D 93 -9.23 -50.47 -9.94
CA GLY D 93 -10.55 -50.80 -10.44
C GLY D 93 -10.66 -50.90 -11.95
N GLY D 94 -11.67 -50.21 -12.48
CA GLY D 94 -11.93 -50.17 -13.91
C GLY D 94 -12.90 -51.23 -14.41
N PRO D 95 -14.11 -51.30 -13.82
CA PRO D 95 -15.10 -52.31 -14.27
C PRO D 95 -15.90 -51.86 -15.49
N ILE D 96 -15.32 -52.03 -16.66
CA ILE D 96 -15.95 -51.58 -17.90
C ILE D 96 -17.02 -52.59 -18.31
N TYR D 97 -18.22 -52.09 -18.58
CA TYR D 97 -19.35 -52.92 -18.98
C TYR D 97 -19.51 -52.88 -20.50
N ARG D 98 -19.68 -54.05 -21.10
CA ARG D 98 -19.75 -54.18 -22.56
C ARG D 98 -20.88 -55.10 -22.98
N ARG D 99 -21.38 -54.89 -24.20
CA ARG D 99 -22.49 -55.68 -24.73
C ARG D 99 -22.01 -56.73 -25.73
N VAL D 100 -22.42 -57.97 -25.54
CA VAL D 100 -22.38 -58.98 -26.60
C VAL D 100 -23.79 -59.41 -26.99
N ASP D 101 -24.27 -58.88 -28.11
CA ASP D 101 -25.52 -59.35 -28.75
C ASP D 101 -26.67 -59.40 -27.74
N GLY D 102 -26.78 -58.33 -26.96
CA GLY D 102 -27.85 -58.25 -25.97
C GLY D 102 -27.39 -58.48 -24.55
N LYS D 103 -26.47 -59.42 -24.34
CA LYS D 103 -26.01 -59.71 -22.98
C LYS D 103 -24.91 -58.74 -22.55
N TRP D 104 -24.53 -58.79 -21.27
CA TRP D 104 -23.61 -57.81 -20.69
C TRP D 104 -22.48 -58.54 -20.01
N ARG D 105 -21.28 -57.94 -20.07
CA ARG D 105 -20.08 -58.54 -19.43
C ARG D 105 -19.18 -57.42 -18.88
N ARG D 106 -18.63 -57.60 -17.68
CA ARG D 106 -17.75 -56.63 -17.06
C ARG D 106 -16.31 -57.11 -17.17
N GLU D 107 -15.41 -56.22 -17.57
CA GLU D 107 -13.99 -56.49 -17.61
C GLU D 107 -13.28 -55.53 -16.69
N LEU D 108 -12.39 -56.09 -15.86
CA LEU D 108 -11.58 -55.31 -14.92
C LEU D 108 -10.34 -54.85 -15.65
N ILE D 109 -10.50 -53.78 -16.45
CA ILE D 109 -9.42 -53.20 -17.22
C ILE D 109 -8.76 -52.11 -16.38
N LEU D 110 -7.45 -52.21 -16.22
CA LEU D 110 -6.70 -51.33 -15.34
C LEU D 110 -5.99 -50.27 -16.20
N TYR D 111 -6.20 -49.00 -15.85
CA TYR D 111 -5.58 -47.88 -16.53
C TYR D 111 -4.68 -47.14 -15.56
N ASP D 112 -3.46 -46.86 -15.98
CA ASP D 112 -2.57 -46.04 -15.16
C ASP D 112 -2.96 -44.57 -15.25
N LYS D 113 -2.55 -43.79 -14.25
CA LYS D 113 -3.00 -42.41 -14.16
C LYS D 113 -2.35 -41.53 -15.22
N GLU D 114 -1.07 -41.77 -15.50
CA GLU D 114 -0.23 -40.75 -16.12
C GLU D 114 -0.64 -40.43 -17.56
N GLU D 115 -0.96 -41.45 -18.35
CA GLU D 115 -1.38 -41.22 -19.73
C GLU D 115 -2.68 -40.42 -19.77
N ILE D 116 -3.60 -40.73 -18.86
CA ILE D 116 -4.85 -39.97 -18.77
C ILE D 116 -4.57 -38.54 -18.29
N ARG D 117 -3.52 -38.37 -17.47
CA ARG D 117 -3.09 -37.01 -17.11
C ARG D 117 -2.74 -36.21 -18.36
N ARG D 118 -1.87 -36.76 -19.22
CA ARG D 118 -1.57 -36.03 -20.47
C ARG D 118 -2.78 -35.91 -21.41
N ILE D 119 -3.71 -36.87 -21.38
CA ILE D 119 -4.83 -36.76 -22.31
C ILE D 119 -5.75 -35.61 -21.89
N TRP D 120 -5.99 -35.47 -20.58
CA TRP D 120 -6.55 -34.23 -20.03
C TRP D 120 -5.77 -33.00 -20.45
N ARG D 121 -4.43 -33.03 -20.30
CA ARG D 121 -3.64 -31.85 -20.60
C ARG D 121 -3.83 -31.40 -22.04
N GLN D 122 -3.95 -32.36 -22.96
CA GLN D 122 -4.27 -32.06 -24.35
C GLN D 122 -5.75 -31.76 -24.58
N ALA D 123 -6.63 -32.16 -23.66
CA ALA D 123 -8.06 -31.95 -23.82
C ALA D 123 -8.51 -30.54 -23.42
N ASN D 124 -7.77 -29.88 -22.54
CA ASN D 124 -8.10 -28.52 -22.11
C ASN D 124 -7.13 -27.49 -22.68
N ASN D 125 -6.49 -27.81 -23.81
CA ASN D 125 -5.57 -26.90 -24.48
C ASN D 125 -4.40 -26.51 -23.57
N GLY D 126 -3.75 -27.53 -23.01
CA GLY D 126 -2.56 -27.32 -22.21
C GLY D 126 -2.80 -26.94 -20.76
N ASP D 127 -4.05 -26.93 -20.30
CA ASP D 127 -4.37 -26.52 -18.95
C ASP D 127 -4.71 -27.74 -18.08
N ASP D 128 -4.69 -27.53 -16.76
CA ASP D 128 -4.91 -28.63 -15.82
C ASP D 128 -6.40 -28.99 -15.71
N ALA D 129 -7.29 -28.01 -15.89
CA ALA D 129 -8.74 -28.20 -15.78
C ALA D 129 -9.14 -28.69 -14.39
N THR D 130 -8.71 -27.98 -13.35
CA THR D 130 -9.07 -28.36 -11.99
C THR D 130 -10.50 -27.96 -11.65
N ALA D 131 -11.01 -26.89 -12.26
CA ALA D 131 -12.40 -26.51 -12.02
C ALA D 131 -13.33 -27.63 -12.48
N GLY D 132 -13.12 -28.14 -13.69
CA GLY D 132 -13.92 -29.27 -14.13
C GLY D 132 -13.86 -30.42 -13.15
N LEU D 133 -12.68 -30.65 -12.57
CA LEU D 133 -12.52 -31.65 -11.54
C LEU D 133 -13.46 -31.37 -10.37
N THR D 134 -13.52 -30.11 -9.94
CA THR D 134 -14.41 -29.75 -8.85
C THR D 134 -15.86 -30.06 -9.20
N HIS D 135 -16.29 -29.72 -10.42
CA HIS D 135 -17.67 -30.01 -10.78
C HIS D 135 -17.95 -31.51 -10.87
N MET D 136 -17.03 -32.31 -11.43
CA MET D 136 -17.29 -33.75 -11.42
C MET D 136 -17.32 -34.31 -10.00
N MET D 137 -16.41 -33.89 -9.12
CA MET D 137 -16.43 -34.42 -7.77
C MET D 137 -17.67 -33.97 -7.00
N ILE D 138 -18.14 -32.74 -7.23
CA ILE D 138 -19.42 -32.30 -6.68
C ILE D 138 -20.59 -33.12 -7.20
N TRP D 139 -20.61 -33.44 -8.49
CA TRP D 139 -21.65 -34.29 -9.07
C TRP D 139 -21.64 -35.71 -8.51
N HIS D 140 -20.44 -36.25 -8.23
CA HIS D 140 -20.37 -37.49 -7.47
C HIS D 140 -20.95 -37.31 -6.08
N SER D 141 -20.64 -36.18 -5.44
CA SER D 141 -21.24 -35.91 -4.13
C SER D 141 -22.75 -35.79 -4.23
N ASN D 142 -23.25 -35.18 -5.32
CA ASN D 142 -24.69 -35.07 -5.51
C ASN D 142 -25.33 -36.44 -5.65
N LEU D 143 -24.74 -37.33 -6.46
CA LEU D 143 -25.32 -38.66 -6.61
C LEU D 143 -25.25 -39.45 -5.30
N ASN D 144 -24.14 -39.30 -4.56
CA ASN D 144 -24.03 -39.98 -3.28
C ASN D 144 -25.09 -39.50 -2.30
N ASP D 145 -25.32 -38.19 -2.24
CA ASP D 145 -26.36 -37.66 -1.37
C ASP D 145 -27.73 -38.15 -1.80
N ALA D 146 -27.97 -38.23 -3.11
CA ALA D 146 -29.25 -38.73 -3.61
C ALA D 146 -29.47 -40.19 -3.22
N THR D 147 -28.42 -41.01 -3.33
CA THR D 147 -28.58 -42.45 -3.11
C THR D 147 -28.54 -42.81 -1.63
N TYR D 148 -27.41 -42.56 -0.96
CA TYR D 148 -27.23 -42.99 0.42
C TYR D 148 -26.64 -41.87 1.27
N GLN D 149 -27.23 -41.68 2.44
CA GLN D 149 -26.75 -40.74 3.44
C GLN D 149 -26.31 -41.50 4.68
N ARG D 150 -25.22 -41.04 5.32
CA ARG D 150 -24.62 -41.79 6.43
C ARG D 150 -25.06 -41.23 7.78
N THR D 151 -26.11 -41.84 8.34
CA THR D 151 -26.33 -41.69 9.77
C THR D 151 -25.30 -42.46 10.57
N ARG D 152 -24.57 -43.39 9.94
CA ARG D 152 -23.52 -44.14 10.61
C ARG D 152 -22.48 -43.20 11.22
N ALA D 153 -21.91 -42.31 10.39
CA ALA D 153 -20.96 -41.33 10.91
C ALA D 153 -21.66 -40.26 11.74
N LEU D 154 -22.90 -39.93 11.39
CA LEU D 154 -23.65 -38.91 12.11
C LEU D 154 -23.85 -39.30 13.56
N VAL D 155 -23.96 -40.60 13.83
CA VAL D 155 -24.08 -41.08 15.20
C VAL D 155 -22.72 -41.55 15.74
N ARG D 156 -21.75 -41.79 14.86
CA ARG D 156 -20.38 -41.97 15.31
C ARG D 156 -19.88 -40.74 16.03
N THR D 157 -20.24 -39.56 15.51
CA THR D 157 -20.00 -38.33 16.26
C THR D 157 -21.08 -38.09 17.32
N GLY D 158 -22.11 -38.93 17.36
CA GLY D 158 -23.14 -38.85 18.37
C GLY D 158 -24.30 -37.94 18.06
N MET D 159 -24.28 -37.25 16.91
CA MET D 159 -25.35 -36.33 16.58
C MET D 159 -26.56 -37.15 16.17
N ASP D 160 -27.77 -36.64 16.44
CA ASP D 160 -28.95 -37.46 16.20
C ASP D 160 -29.17 -37.64 14.70
N PRO D 161 -29.83 -38.72 14.29
CA PRO D 161 -30.11 -38.94 12.87
C PRO D 161 -31.27 -38.14 12.30
N ARG D 162 -31.73 -37.08 12.99
CA ARG D 162 -32.83 -36.27 12.50
C ARG D 162 -32.38 -35.27 11.44
N MET D 163 -31.08 -35.04 11.28
CA MET D 163 -30.58 -33.95 10.45
C MET D 163 -29.99 -34.43 9.12
N CYS D 164 -30.44 -35.58 8.62
CA CYS D 164 -29.95 -36.11 7.36
C CYS D 164 -30.10 -35.12 6.22
N SER D 165 -30.94 -34.09 6.37
CA SER D 165 -31.15 -33.12 5.32
C SER D 165 -29.93 -32.21 5.11
N LEU D 166 -29.04 -32.10 6.10
CA LEU D 166 -27.86 -31.24 5.97
C LEU D 166 -26.59 -32.01 5.65
N MET D 167 -26.71 -33.15 4.94
CA MET D 167 -25.55 -33.92 4.51
C MET D 167 -25.17 -33.61 3.06
N GLN D 168 -25.56 -32.45 2.54
CA GLN D 168 -25.23 -32.09 1.17
C GLN D 168 -23.73 -31.90 1.01
N GLY D 169 -23.18 -32.47 -0.05
CA GLY D 169 -21.75 -32.39 -0.29
C GLY D 169 -20.91 -33.06 0.77
N SER D 170 -21.45 -34.09 1.43
CA SER D 170 -20.74 -34.74 2.52
C SER D 170 -19.52 -35.50 2.03
N THR D 171 -19.64 -36.15 0.86
CA THR D 171 -18.54 -36.98 0.36
C THR D 171 -17.40 -36.14 -0.19
N LEU D 172 -17.59 -34.83 -0.32
CA LEU D 172 -16.55 -33.99 -0.89
C LEU D 172 -15.35 -33.90 0.04
N PRO D 173 -14.15 -34.27 -0.41
CA PRO D 173 -12.96 -34.05 0.39
C PRO D 173 -12.50 -32.60 0.34
N ARG D 174 -11.50 -32.30 1.17
CA ARG D 174 -11.03 -30.92 1.33
C ARG D 174 -10.37 -30.37 0.06
N ARG D 175 -9.89 -31.24 -0.82
CA ARG D 175 -9.06 -30.80 -1.95
C ARG D 175 -9.78 -29.85 -2.90
N SER D 176 -11.11 -29.81 -2.87
CA SER D 176 -11.85 -28.91 -3.74
C SER D 176 -11.63 -27.46 -3.34
N GLY D 177 -11.82 -26.56 -4.30
CA GLY D 177 -11.60 -25.15 -4.09
C GLY D 177 -12.83 -24.44 -3.55
N ALA D 178 -12.86 -23.12 -3.79
CA ALA D 178 -13.96 -22.29 -3.30
C ALA D 178 -15.29 -22.70 -3.94
N ALA D 179 -15.27 -23.02 -5.23
CA ALA D 179 -16.49 -23.46 -5.90
C ALA D 179 -17.03 -24.74 -5.26
N GLY D 180 -16.13 -25.68 -4.93
CA GLY D 180 -16.55 -26.86 -4.21
C GLY D 180 -17.00 -26.54 -2.79
N ALA D 181 -16.33 -25.58 -2.15
CA ALA D 181 -16.70 -25.20 -0.78
C ALA D 181 -18.07 -24.56 -0.71
N ALA D 182 -18.52 -23.94 -1.81
CA ALA D 182 -19.82 -23.25 -1.79
C ALA D 182 -20.97 -24.24 -1.65
N VAL D 183 -20.84 -25.43 -2.23
CA VAL D 183 -22.00 -26.34 -2.29
C VAL D 183 -22.03 -27.30 -1.11
N LYS D 184 -20.95 -27.42 -0.36
CA LYS D 184 -20.97 -28.29 0.82
C LYS D 184 -21.97 -27.76 1.83
N GLY D 185 -22.74 -28.67 2.43
CA GLY D 185 -23.76 -28.29 3.37
C GLY D 185 -23.20 -27.86 4.71
N VAL D 186 -24.07 -27.25 5.52
CA VAL D 186 -23.69 -26.82 6.86
C VAL D 186 -23.34 -28.04 7.71
N GLY D 187 -24.15 -29.10 7.63
CA GLY D 187 -23.88 -30.30 8.38
C GLY D 187 -22.60 -30.99 7.98
N THR D 188 -22.23 -30.92 6.70
CA THR D 188 -20.95 -31.46 6.27
C THR D 188 -19.80 -30.75 6.97
N MET D 189 -19.86 -29.42 7.05
CA MET D 189 -18.83 -28.67 7.76
C MET D 189 -18.86 -29.00 9.25
N VAL D 190 -20.05 -29.19 9.83
CA VAL D 190 -20.14 -29.56 11.24
C VAL D 190 -19.44 -30.89 11.48
N MET D 191 -19.67 -31.88 10.62
CA MET D 191 -19.01 -33.16 10.74
C MET D 191 -17.50 -33.03 10.60
N GLU D 192 -17.05 -32.27 9.60
CA GLU D 192 -15.62 -32.11 9.37
C GLU D 192 -14.93 -31.43 10.56
N LEU D 193 -15.56 -30.40 11.13
CA LEU D 193 -14.96 -29.73 12.27
C LEU D 193 -15.00 -30.59 13.53
N ILE D 194 -16.07 -31.38 13.74
CA ILE D 194 -16.10 -32.24 14.92
C ILE D 194 -15.04 -33.33 14.80
N ARG D 195 -14.76 -33.80 13.58
CA ARG D 195 -13.66 -34.75 13.41
C ARG D 195 -12.35 -34.17 13.90
N MET D 196 -12.04 -32.94 13.49
CA MET D 196 -10.80 -32.29 13.93
C MET D 196 -10.80 -32.04 15.44
N ILE D 197 -11.95 -31.64 15.99
CA ILE D 197 -12.02 -31.40 17.42
C ILE D 197 -11.79 -32.69 18.21
N LYS D 198 -12.40 -33.80 17.78
CA LYS D 198 -12.20 -35.07 18.47
C LYS D 198 -10.75 -35.54 18.34
N ARG D 199 -10.14 -35.32 17.17
CA ARG D 199 -8.72 -35.67 17.01
C ARG D 199 -7.85 -34.83 17.93
N GLY D 200 -8.16 -33.55 18.09
CA GLY D 200 -7.38 -32.71 18.98
C GLY D 200 -7.65 -32.98 20.45
N ILE D 201 -8.81 -33.57 20.76
CA ILE D 201 -9.08 -33.98 22.12
C ILE D 201 -8.40 -35.31 22.47
N ASN D 202 -8.34 -36.23 21.52
CA ASN D 202 -7.72 -37.54 21.78
C ASN D 202 -6.24 -37.38 22.12
N ASP D 203 -5.54 -36.51 21.40
CA ASP D 203 -4.11 -36.29 21.61
C ASP D 203 -3.83 -34.79 21.58
N ARG D 204 -2.75 -34.39 22.25
CA ARG D 204 -2.37 -32.99 22.41
C ARG D 204 -1.80 -32.44 21.09
N ASN D 205 -2.66 -32.33 20.08
CA ASN D 205 -2.19 -32.11 18.71
C ASN D 205 -2.04 -30.63 18.35
N PHE D 206 -2.44 -29.72 19.24
CA PHE D 206 -2.38 -28.30 18.91
C PHE D 206 -1.06 -27.64 19.30
N TRP D 207 0.05 -28.38 19.32
CA TRP D 207 1.33 -27.80 19.71
C TRP D 207 1.75 -26.69 18.74
N ARG D 208 2.80 -25.98 19.11
CA ARG D 208 3.37 -24.88 18.31
C ARG D 208 4.08 -25.36 17.05
N GLY D 209 4.00 -26.65 16.73
CA GLY D 209 4.63 -27.13 15.52
C GLY D 209 3.85 -26.76 14.27
N GLU D 210 4.42 -27.13 13.12
CA GLU D 210 3.81 -26.79 11.84
C GLU D 210 2.47 -27.48 11.64
N ASN D 211 2.33 -28.71 12.13
CA ASN D 211 1.05 -29.43 11.99
C ASN D 211 -0.08 -28.68 12.69
N GLY D 212 0.19 -28.22 13.92
CA GLY D 212 -0.82 -27.45 14.64
C GLY D 212 -1.16 -26.15 13.94
N ARG D 213 -0.15 -25.46 13.40
CA ARG D 213 -0.40 -24.21 12.69
C ARG D 213 -1.25 -24.45 11.44
N ARG D 214 -0.97 -25.53 10.72
CA ARG D 214 -1.71 -25.81 9.49
C ARG D 214 -3.14 -26.26 9.77
N THR D 215 -3.34 -27.10 10.80
CA THR D 215 -4.72 -27.46 11.15
C THR D 215 -5.47 -26.25 11.69
N ARG D 216 -4.79 -25.36 12.40
CA ARG D 216 -5.39 -24.09 12.81
C ARG D 216 -5.87 -23.32 11.59
N ILE D 217 -4.99 -23.18 10.59
CA ILE D 217 -5.32 -22.41 9.39
C ILE D 217 -6.52 -23.02 8.67
N ALA D 218 -6.50 -24.33 8.47
CA ALA D 218 -7.66 -24.99 7.86
C ALA D 218 -8.91 -24.75 8.68
N TYR D 219 -8.75 -24.65 10.00
CA TYR D 219 -9.91 -24.42 10.87
C TYR D 219 -10.52 -23.05 10.60
N GLU D 220 -9.70 -21.98 10.54
CA GLU D 220 -10.38 -20.69 10.30
C GLU D 220 -10.88 -20.60 8.87
N ARG D 221 -10.22 -21.28 7.93
CA ARG D 221 -10.76 -21.26 6.56
C ARG D 221 -12.14 -21.93 6.50
N MET D 222 -12.28 -23.07 7.17
CA MET D 222 -13.60 -23.71 7.19
C MET D 222 -14.61 -22.87 7.97
N CYS D 223 -14.14 -22.15 8.99
CA CYS D 223 -15.07 -21.35 9.78
C CYS D 223 -15.56 -20.10 9.05
N ASN D 224 -14.69 -19.43 8.29
CA ASN D 224 -15.21 -18.27 7.56
C ASN D 224 -16.02 -18.72 6.35
N ILE D 225 -15.74 -19.92 5.82
CA ILE D 225 -16.70 -20.52 4.89
C ILE D 225 -18.07 -20.68 5.56
N LEU D 226 -18.08 -21.20 6.79
CA LEU D 226 -19.33 -21.36 7.53
C LEU D 226 -20.05 -20.03 7.68
N LYS D 227 -19.36 -19.01 8.20
CA LYS D 227 -20.02 -17.75 8.50
C LYS D 227 -20.44 -17.02 7.23
N GLY D 228 -19.74 -17.28 6.12
CA GLY D 228 -20.23 -16.81 4.83
C GLY D 228 -21.50 -17.51 4.41
N LYS D 229 -21.63 -18.79 4.76
CA LYS D 229 -22.81 -19.56 4.37
C LYS D 229 -24.10 -19.09 5.05
N PHE D 230 -24.01 -18.55 6.27
CA PHE D 230 -25.21 -18.16 7.01
C PHE D 230 -25.69 -16.78 6.55
N GLN D 231 -26.88 -16.40 7.01
CA GLN D 231 -27.52 -15.16 6.59
C GLN D 231 -27.87 -14.22 7.74
N THR D 232 -28.35 -14.75 8.86
CA THR D 232 -28.75 -13.90 9.97
C THR D 232 -27.54 -13.56 10.84
N ALA D 233 -27.59 -12.37 11.46
CA ALA D 233 -26.42 -11.86 12.17
C ALA D 233 -26.11 -12.64 13.43
N ALA D 234 -27.14 -13.17 14.11
CA ALA D 234 -26.92 -13.82 15.41
C ALA D 234 -26.02 -15.04 15.27
N GLN D 235 -26.31 -15.90 14.29
CA GLN D 235 -25.49 -17.10 14.11
C GLN D 235 -24.09 -16.74 13.61
N ARG D 236 -23.96 -15.71 12.79
CA ARG D 236 -22.62 -15.26 12.38
C ARG D 236 -21.81 -14.81 13.58
N THR D 237 -22.44 -14.05 14.48
CA THR D 237 -21.74 -13.58 15.68
C THR D 237 -21.37 -14.74 16.60
N MET D 238 -22.25 -15.72 16.76
CA MET D 238 -21.91 -16.83 17.64
C MET D 238 -20.83 -17.72 17.03
N VAL D 239 -20.80 -17.84 15.70
CA VAL D 239 -19.67 -18.50 15.04
C VAL D 239 -18.39 -17.71 15.25
N ASP D 240 -18.47 -16.38 15.20
CA ASP D 240 -17.32 -15.54 15.50
C ASP D 240 -16.80 -15.82 16.91
N GLN D 241 -17.70 -15.94 17.87
CA GLN D 241 -17.29 -16.14 19.26
C GLN D 241 -16.83 -17.56 19.53
N VAL D 242 -17.31 -18.54 18.76
CA VAL D 242 -16.80 -19.91 18.90
C VAL D 242 -15.32 -19.95 18.57
N ARG D 243 -14.90 -19.14 17.59
CA ARG D 243 -13.50 -18.99 17.23
C ARG D 243 -12.62 -18.56 18.40
N GLU D 244 -13.17 -17.73 19.29
CA GLU D 244 -12.43 -17.18 20.46
C GLU D 244 -11.72 -18.27 21.28
N SER D 245 -12.24 -19.51 21.26
CA SER D 245 -11.68 -20.60 22.04
C SER D 245 -10.41 -21.11 21.36
N ARG D 246 -9.25 -20.84 21.96
CA ARG D 246 -8.00 -21.29 21.38
C ARG D 246 -7.80 -22.79 21.53
N ASN D 247 -8.44 -23.40 22.54
CA ASN D 247 -8.35 -24.83 22.81
C ASN D 247 -9.72 -25.49 22.68
N PRO D 248 -10.05 -26.03 21.51
CA PRO D 248 -11.37 -26.65 21.32
C PRO D 248 -11.50 -27.92 22.15
N GLY D 249 -12.36 -27.86 23.18
CA GLY D 249 -12.58 -28.99 24.04
C GLY D 249 -13.95 -29.60 23.86
N ASN D 250 -14.69 -29.78 24.97
CA ASN D 250 -16.00 -30.39 24.91
C ASN D 250 -17.13 -29.38 24.76
N ALA D 251 -17.00 -28.20 25.36
CA ALA D 251 -18.10 -27.23 25.33
C ALA D 251 -18.43 -26.80 23.90
N GLU D 252 -17.40 -26.59 23.08
CA GLU D 252 -17.62 -26.22 21.69
C GLU D 252 -18.38 -27.29 20.92
N PHE D 253 -18.29 -28.55 21.35
CA PHE D 253 -19.02 -29.63 20.68
C PHE D 253 -20.53 -29.39 20.74
N GLU D 254 -21.06 -29.19 21.95
CA GLU D 254 -22.49 -28.87 22.07
C GLU D 254 -22.79 -27.47 21.53
N ASP D 255 -21.83 -26.55 21.61
CA ASP D 255 -22.04 -25.23 21.01
C ASP D 255 -22.35 -25.33 19.53
N LEU D 256 -21.54 -26.09 18.79
CA LEU D 256 -21.75 -26.23 17.36
C LEU D 256 -22.86 -27.21 17.02
N ILE D 257 -23.21 -28.13 17.92
CA ILE D 257 -24.45 -28.88 17.75
C ILE D 257 -25.66 -27.95 17.83
N PHE D 258 -25.64 -27.01 18.78
CA PHE D 258 -26.70 -26.01 18.85
C PHE D 258 -26.72 -25.16 17.59
N LEU D 259 -25.53 -24.81 17.08
CA LEU D 259 -25.44 -24.10 15.80
C LEU D 259 -26.12 -24.90 14.69
N ALA D 260 -25.88 -26.20 14.65
CA ALA D 260 -26.46 -27.05 13.61
C ALA D 260 -27.98 -27.12 13.72
N ARG D 261 -28.49 -27.35 14.94
CA ARG D 261 -29.94 -27.46 15.08
C ARG D 261 -30.61 -26.10 14.94
N SER D 262 -29.84 -25.00 15.07
CA SER D 262 -30.37 -23.70 14.71
C SER D 262 -30.41 -23.52 13.20
N ALA D 263 -29.38 -23.99 12.51
CA ALA D 263 -29.37 -23.95 11.06
C ALA D 263 -30.40 -24.88 10.45
N LEU D 264 -30.94 -25.81 11.24
CA LEU D 264 -32.07 -26.62 10.78
C LEU D 264 -33.19 -25.73 10.23
N ILE D 265 -33.48 -24.64 10.93
CA ILE D 265 -34.49 -23.68 10.48
C ILE D 265 -33.83 -22.43 9.90
N LEU D 266 -32.83 -21.88 10.59
CA LEU D 266 -32.06 -20.75 10.07
C LEU D 266 -30.99 -21.30 9.12
N ARG D 267 -31.47 -21.79 7.98
CA ARG D 267 -30.61 -22.48 7.02
C ARG D 267 -29.60 -21.52 6.40
N GLY D 268 -28.46 -22.08 6.02
CA GLY D 268 -27.42 -21.32 5.36
C GLY D 268 -27.63 -21.25 3.85
N SER D 269 -27.15 -20.15 3.26
CA SER D 269 -27.26 -19.93 1.82
C SER D 269 -26.23 -20.78 1.10
N VAL D 270 -26.63 -22.02 0.77
CA VAL D 270 -25.77 -22.99 0.12
C VAL D 270 -26.19 -23.13 -1.33
N ALA D 271 -25.22 -23.10 -2.24
CA ALA D 271 -25.50 -23.16 -3.66
C ALA D 271 -25.86 -24.59 -4.09
N HIS D 272 -26.43 -24.70 -5.28
CA HIS D 272 -26.80 -25.99 -5.86
C HIS D 272 -26.26 -26.01 -7.29
N LYS D 273 -25.09 -26.63 -7.46
CA LYS D 273 -24.40 -26.65 -8.75
C LYS D 273 -24.98 -27.76 -9.63
N SER D 274 -25.41 -27.38 -10.83
CA SER D 274 -26.13 -28.28 -11.73
C SER D 274 -25.16 -28.95 -12.70
N CYS D 275 -24.62 -30.09 -12.25
CA CYS D 275 -23.77 -30.90 -13.09
C CYS D 275 -24.55 -32.06 -13.68
N LEU D 276 -24.13 -32.53 -14.86
CA LEU D 276 -24.90 -33.60 -15.56
C LEU D 276 -23.97 -34.76 -15.91
N PRO D 277 -24.54 -35.94 -16.25
CA PRO D 277 -23.77 -37.14 -16.53
C PRO D 277 -22.57 -36.89 -17.45
N ALA D 278 -21.57 -37.74 -17.32
CA ALA D 278 -20.36 -37.61 -18.16
C ALA D 278 -20.77 -37.68 -19.64
N CYS D 279 -21.77 -38.50 -19.98
CA CYS D 279 -22.18 -38.69 -21.40
C CYS D 279 -22.91 -37.45 -21.93
N VAL D 280 -23.94 -36.97 -21.22
CA VAL D 280 -24.74 -35.84 -21.70
C VAL D 280 -23.86 -34.74 -22.29
N TYR D 281 -22.79 -34.35 -21.62
CA TYR D 281 -21.86 -33.37 -22.18
C TYR D 281 -21.19 -33.87 -23.45
N GLY D 282 -20.76 -35.14 -23.47
CA GLY D 282 -20.12 -35.71 -24.64
C GLY D 282 -21.01 -35.79 -25.87
N SER D 283 -22.27 -36.19 -25.70
CA SER D 283 -23.21 -36.24 -26.82
C SER D 283 -23.48 -34.84 -27.37
N ALA D 284 -23.62 -33.85 -26.49
CA ALA D 284 -23.84 -32.48 -26.92
C ALA D 284 -22.65 -31.93 -27.68
N VAL D 285 -21.43 -32.20 -27.19
CA VAL D 285 -20.24 -31.70 -27.86
C VAL D 285 -20.03 -32.43 -29.18
N ALA D 286 -20.33 -33.72 -29.24
CA ALA D 286 -20.13 -34.49 -30.47
C ALA D 286 -20.99 -33.97 -31.61
N SER D 287 -22.22 -33.56 -31.30
CA SER D 287 -23.14 -33.05 -32.31
C SER D 287 -22.72 -31.69 -32.87
N GLY D 288 -21.74 -31.03 -32.27
CA GLY D 288 -21.27 -29.76 -32.77
C GLY D 288 -21.84 -28.54 -32.08
N TYR D 289 -22.55 -28.72 -30.96
CA TYR D 289 -23.11 -27.59 -30.22
C TYR D 289 -22.00 -26.96 -29.37
N ASP D 290 -21.29 -26.02 -29.98
CA ASP D 290 -20.24 -25.31 -29.28
C ASP D 290 -20.84 -24.40 -28.21
N PHE D 291 -20.35 -24.53 -26.98
CA PHE D 291 -20.90 -23.75 -25.88
C PHE D 291 -20.21 -22.40 -25.73
N GLU D 292 -19.00 -22.25 -26.27
CA GLU D 292 -18.30 -20.98 -26.19
C GLU D 292 -19.03 -19.89 -26.98
N ARG D 293 -19.57 -20.24 -28.14
CA ARG D 293 -20.17 -19.24 -29.03
C ARG D 293 -21.47 -18.70 -28.45
N GLU D 294 -22.44 -19.58 -28.20
CA GLU D 294 -23.74 -19.16 -27.69
C GLU D 294 -23.74 -18.90 -26.20
N GLY D 295 -22.67 -19.26 -25.49
CA GLY D 295 -22.60 -19.05 -24.06
C GLY D 295 -23.22 -20.18 -23.28
N TYR D 296 -22.77 -20.37 -22.04
CA TYR D 296 -23.31 -21.43 -21.19
C TYR D 296 -23.49 -20.90 -19.78
N SER D 297 -24.46 -21.46 -19.06
CA SER D 297 -24.74 -21.08 -17.69
C SER D 297 -24.97 -22.35 -16.88
N LEU D 298 -24.66 -22.26 -15.59
CA LEU D 298 -24.78 -23.39 -14.67
C LEU D 298 -26.04 -23.31 -13.82
N VAL D 299 -26.70 -22.15 -13.77
CA VAL D 299 -27.88 -21.95 -12.95
C VAL D 299 -29.16 -21.79 -13.77
N GLY D 300 -29.06 -21.27 -15.00
CA GLY D 300 -30.22 -20.95 -15.80
C GLY D 300 -30.81 -22.17 -16.50
N ILE D 301 -31.39 -21.90 -17.67
CA ILE D 301 -32.11 -22.90 -18.44
C ILE D 301 -31.19 -24.01 -18.95
N ASP D 302 -29.89 -23.73 -19.02
CA ASP D 302 -28.97 -24.54 -19.83
C ASP D 302 -29.07 -26.04 -19.52
N PRO D 303 -28.74 -26.52 -18.31
CA PRO D 303 -28.76 -27.98 -18.08
C PRO D 303 -30.13 -28.59 -18.28
N PHE D 304 -31.20 -27.79 -18.20
CA PHE D 304 -32.53 -28.28 -18.50
C PHE D 304 -32.72 -28.58 -19.99
N ARG D 305 -32.29 -27.68 -20.87
CA ARG D 305 -32.58 -27.89 -22.29
C ARG D 305 -31.65 -28.93 -22.89
N LEU D 306 -30.44 -29.08 -22.35
CA LEU D 306 -29.55 -30.13 -22.82
C LEU D 306 -30.11 -31.51 -22.51
N LEU D 307 -30.87 -31.63 -21.42
CA LEU D 307 -31.54 -32.88 -21.09
C LEU D 307 -32.84 -33.07 -21.85
N GLN D 308 -33.37 -32.00 -22.47
CA GLN D 308 -34.59 -32.11 -23.26
C GLN D 308 -34.40 -32.96 -24.51
N ASN D 309 -33.17 -33.05 -25.03
CA ASN D 309 -32.87 -33.84 -26.21
C ASN D 309 -31.68 -34.76 -25.96
N SER D 310 -31.62 -35.34 -24.76
CA SER D 310 -30.54 -36.23 -24.38
C SER D 310 -31.09 -37.63 -24.17
N GLN D 311 -30.36 -38.62 -24.69
CA GLN D 311 -30.71 -40.03 -24.53
C GLN D 311 -29.71 -40.68 -23.60
N VAL D 312 -30.22 -41.39 -22.59
CA VAL D 312 -29.38 -42.03 -21.59
C VAL D 312 -29.84 -43.46 -21.39
N TYR D 313 -28.89 -44.38 -21.41
CA TYR D 313 -29.13 -45.79 -21.12
C TYR D 313 -28.49 -46.13 -19.78
N SER D 314 -29.09 -47.09 -19.08
CA SER D 314 -28.64 -47.44 -17.74
C SER D 314 -28.89 -48.91 -17.50
N LEU D 315 -28.19 -49.44 -16.50
CA LEU D 315 -28.29 -50.83 -16.11
C LEU D 315 -29.22 -50.98 -14.91
N ILE D 316 -30.11 -51.98 -14.98
CA ILE D 316 -31.18 -52.20 -14.02
C ILE D 316 -31.22 -53.67 -13.65
N ARG D 317 -31.41 -53.97 -12.36
CA ARG D 317 -31.56 -55.31 -11.81
C ARG D 317 -32.87 -55.95 -12.28
N PRO D 318 -32.96 -57.28 -12.27
CA PRO D 318 -34.24 -57.91 -12.66
C PRO D 318 -35.41 -57.57 -11.74
N ASN D 319 -35.16 -57.13 -10.51
CA ASN D 319 -36.21 -56.73 -9.59
C ASN D 319 -36.42 -55.22 -9.58
N GLU D 320 -35.38 -54.45 -9.87
CA GLU D 320 -35.48 -52.99 -9.95
C GLU D 320 -36.38 -52.56 -11.09
N ASN D 321 -37.15 -51.50 -10.86
CA ASN D 321 -37.94 -50.92 -11.93
C ASN D 321 -37.28 -49.66 -12.47
N PRO D 322 -37.42 -49.39 -13.78
CA PRO D 322 -36.76 -48.21 -14.36
C PRO D 322 -37.48 -46.91 -14.05
N ALA D 323 -38.76 -47.00 -13.70
CA ALA D 323 -39.55 -45.80 -13.43
C ALA D 323 -39.01 -45.00 -12.25
N HIS D 324 -38.66 -45.68 -11.14
CA HIS D 324 -38.04 -44.98 -10.02
C HIS D 324 -36.59 -44.66 -10.28
N LYS D 325 -35.91 -45.48 -11.11
CA LYS D 325 -34.51 -45.21 -11.43
C LYS D 325 -34.35 -43.90 -12.19
N SER D 326 -35.25 -43.62 -13.14
CA SER D 326 -35.17 -42.36 -13.87
C SER D 326 -35.35 -41.17 -12.94
N GLN D 327 -36.30 -41.27 -12.00
CA GLN D 327 -36.52 -40.18 -11.05
C GLN D 327 -35.32 -40.00 -10.13
N LEU D 328 -34.71 -41.10 -9.69
CA LEU D 328 -33.51 -40.99 -8.86
C LEU D 328 -32.35 -40.40 -9.64
N VAL D 329 -32.25 -40.71 -10.93
CA VAL D 329 -31.22 -40.11 -11.77
C VAL D 329 -31.46 -38.61 -11.92
N TRP D 330 -32.72 -38.21 -12.02
CA TRP D 330 -33.02 -36.77 -12.10
C TRP D 330 -32.67 -36.09 -10.78
N MET D 331 -32.95 -36.76 -9.66
CA MET D 331 -32.45 -36.31 -8.35
C MET D 331 -30.96 -36.08 -8.38
N ALA D 332 -30.20 -37.08 -8.83
CA ALA D 332 -28.74 -36.97 -8.82
C ALA D 332 -28.25 -35.85 -9.73
N CYS D 333 -28.88 -35.70 -10.90
CA CYS D 333 -28.46 -34.68 -11.85
C CYS D 333 -28.71 -33.28 -11.32
N HIS D 334 -29.91 -33.04 -10.78
CA HIS D 334 -30.27 -31.69 -10.35
C HIS D 334 -30.16 -31.48 -8.84
N SER D 335 -29.65 -32.46 -8.10
CA SER D 335 -29.40 -32.34 -6.67
C SER D 335 -30.65 -31.87 -5.92
N ALA D 336 -31.77 -32.50 -6.23
CA ALA D 336 -33.06 -32.17 -5.65
C ALA D 336 -33.53 -33.24 -4.66
N ALA D 337 -32.59 -34.07 -4.18
CA ALA D 337 -32.96 -35.12 -3.24
C ALA D 337 -33.27 -34.58 -1.86
N PHE D 338 -32.83 -33.36 -1.54
CA PHE D 338 -33.10 -32.73 -0.26
C PHE D 338 -34.21 -31.70 -0.33
N GLU D 339 -34.91 -31.60 -1.46
CA GLU D 339 -35.98 -30.63 -1.64
C GLU D 339 -37.33 -31.27 -1.33
N ASP D 340 -38.38 -30.45 -1.35
CA ASP D 340 -39.75 -30.91 -1.17
C ASP D 340 -40.13 -31.81 -2.35
N LEU D 341 -40.81 -32.92 -2.04
CA LEU D 341 -41.22 -33.85 -3.08
C LEU D 341 -42.29 -33.24 -3.99
N ARG D 342 -43.16 -32.41 -3.42
CA ARG D 342 -44.24 -31.82 -4.19
C ARG D 342 -43.72 -30.92 -5.30
N VAL D 343 -42.72 -30.09 -4.99
CA VAL D 343 -42.14 -29.20 -5.99
C VAL D 343 -41.46 -29.99 -7.10
N SER D 344 -40.67 -31.00 -6.72
CA SER D 344 -40.01 -31.84 -7.73
C SER D 344 -41.03 -32.53 -8.62
N SER D 345 -42.15 -32.96 -8.03
CA SER D 345 -43.23 -33.54 -8.84
C SER D 345 -43.82 -32.51 -9.79
N PHE D 346 -43.97 -31.26 -9.34
CA PHE D 346 -44.53 -30.22 -10.20
C PHE D 346 -43.63 -29.98 -11.42
N ILE D 347 -42.33 -29.81 -11.19
CA ILE D 347 -41.43 -29.66 -12.36
C ILE D 347 -41.42 -30.93 -13.21
N ARG D 348 -41.42 -32.10 -12.58
CA ARG D 348 -41.51 -33.34 -13.35
C ARG D 348 -42.83 -33.43 -14.11
N GLY D 349 -43.93 -33.05 -13.46
CA GLY D 349 -45.26 -33.29 -13.97
C GLY D 349 -45.82 -34.64 -13.57
N THR D 350 -44.98 -35.51 -13.01
CA THR D 350 -45.40 -36.80 -12.51
C THR D 350 -45.01 -36.91 -11.04
N LYS D 351 -45.74 -37.76 -10.31
CA LYS D 351 -45.48 -37.93 -8.88
C LYS D 351 -44.10 -38.52 -8.65
N VAL D 352 -43.38 -37.99 -7.68
CA VAL D 352 -42.05 -38.46 -7.31
C VAL D 352 -42.18 -39.29 -6.03
N VAL D 353 -41.82 -40.57 -6.12
CA VAL D 353 -41.96 -41.50 -5.01
C VAL D 353 -40.87 -41.24 -3.98
N PRO D 354 -41.21 -41.08 -2.70
CA PRO D 354 -40.18 -40.92 -1.68
C PRO D 354 -39.38 -42.21 -1.47
N ARG D 355 -38.25 -42.06 -0.78
CA ARG D 355 -37.34 -43.19 -0.60
C ARG D 355 -37.92 -44.30 0.28
N GLY D 356 -39.04 -44.05 0.95
CA GLY D 356 -39.61 -45.08 1.80
C GLY D 356 -40.06 -46.31 1.02
N LYS D 357 -40.66 -46.10 -0.16
CA LYS D 357 -41.20 -47.19 -0.96
C LYS D 357 -40.54 -47.28 -2.34
N LEU D 358 -39.27 -46.90 -2.45
CA LEU D 358 -38.55 -47.07 -3.70
C LEU D 358 -38.08 -48.51 -3.82
N SER D 359 -38.65 -49.26 -4.76
CA SER D 359 -38.28 -50.65 -4.99
C SER D 359 -37.08 -50.72 -5.93
N THR D 360 -36.04 -49.97 -5.56
CA THR D 360 -34.81 -49.89 -6.33
C THR D 360 -33.65 -49.89 -5.34
N ARG D 361 -32.43 -49.98 -5.88
CA ARG D 361 -31.22 -49.95 -5.07
C ARG D 361 -30.27 -48.87 -5.58
N GLY D 362 -29.04 -48.87 -5.08
CA GLY D 362 -28.07 -47.89 -5.53
C GLY D 362 -27.74 -48.04 -6.99
N VAL D 363 -27.40 -46.89 -7.61
CA VAL D 363 -27.09 -46.88 -9.04
C VAL D 363 -25.86 -47.72 -9.33
N GLN D 364 -24.83 -47.58 -8.50
CA GLN D 364 -23.60 -48.33 -8.70
C GLN D 364 -23.84 -49.82 -8.46
N ILE D 365 -23.14 -50.66 -9.22
CA ILE D 365 -23.30 -52.10 -9.17
C ILE D 365 -22.20 -52.71 -8.32
N ALA D 366 -22.58 -53.62 -7.42
CA ALA D 366 -21.61 -54.28 -6.56
C ALA D 366 -20.67 -55.15 -7.38
N SER D 367 -19.46 -55.32 -6.85
CA SER D 367 -18.42 -56.06 -7.56
C SER D 367 -18.71 -57.55 -7.68
N ASN D 368 -19.65 -58.08 -6.91
CA ASN D 368 -19.93 -59.51 -6.91
C ASN D 368 -21.22 -59.88 -7.63
N GLU D 369 -21.99 -58.91 -8.09
CA GLU D 369 -23.28 -59.20 -8.72
C GLU D 369 -23.08 -59.87 -10.08
N ASN D 370 -23.90 -60.88 -10.35
CA ASN D 370 -23.80 -61.62 -11.60
C ASN D 370 -24.34 -60.80 -12.77
N MET D 371 -24.08 -61.28 -13.98
CA MET D 371 -24.38 -60.50 -15.17
C MET D 371 -25.54 -61.03 -16.00
N GLU D 372 -25.95 -62.28 -15.77
CA GLU D 372 -27.07 -62.83 -16.54
C GLU D 372 -28.38 -62.16 -16.19
N THR D 373 -28.48 -61.58 -14.98
CA THR D 373 -29.71 -60.95 -14.54
C THR D 373 -29.81 -59.48 -14.94
N MET D 374 -28.72 -58.87 -15.40
CA MET D 374 -28.64 -57.42 -15.54
C MET D 374 -29.23 -57.02 -16.89
N GLU D 375 -30.01 -55.94 -16.90
CA GLU D 375 -30.72 -55.56 -18.12
C GLU D 375 -30.64 -54.06 -18.34
N SER D 376 -30.37 -53.66 -19.57
CA SER D 376 -30.16 -52.24 -19.89
C SER D 376 -31.40 -51.62 -20.54
N SER D 377 -31.71 -50.39 -20.13
CA SER D 377 -32.88 -49.70 -20.64
C SER D 377 -32.71 -48.20 -20.53
N THR D 378 -33.61 -47.47 -21.20
CA THR D 378 -33.55 -46.02 -21.27
C THR D 378 -33.94 -45.38 -19.93
N LEU D 379 -33.62 -44.10 -19.80
CA LEU D 379 -34.02 -43.29 -18.66
C LEU D 379 -34.75 -42.04 -19.14
N GLU D 380 -35.79 -41.66 -18.42
CA GLU D 380 -36.55 -40.45 -18.74
C GLU D 380 -36.03 -39.27 -17.93
N LEU D 381 -35.65 -38.20 -18.62
CA LEU D 381 -35.19 -36.98 -17.98
C LEU D 381 -36.00 -35.75 -18.36
N ARG D 382 -37.00 -35.88 -19.23
CA ARG D 382 -37.81 -34.75 -19.64
C ARG D 382 -38.63 -34.22 -18.46
N SER D 383 -38.63 -32.90 -18.32
CA SER D 383 -39.41 -32.21 -17.30
C SER D 383 -40.32 -31.18 -17.97
N ARG D 384 -41.53 -31.04 -17.43
CA ARG D 384 -42.51 -30.14 -18.03
C ARG D 384 -42.11 -28.69 -17.83
N TYR D 385 -41.42 -28.37 -16.75
CA TYR D 385 -41.11 -26.99 -16.41
C TYR D 385 -39.63 -26.85 -16.03
N TRP D 386 -39.24 -25.61 -15.79
CA TRP D 386 -37.88 -25.25 -15.41
C TRP D 386 -37.94 -24.10 -14.40
N ALA D 387 -36.94 -24.06 -13.52
CA ALA D 387 -36.89 -23.02 -12.49
C ALA D 387 -35.43 -22.67 -12.20
N ILE D 388 -35.22 -21.44 -11.72
CA ILE D 388 -33.90 -20.96 -11.33
C ILE D 388 -33.58 -21.55 -9.96
N ARG D 389 -32.31 -21.85 -9.72
CA ARG D 389 -31.86 -22.41 -8.45
C ARG D 389 -30.78 -21.50 -7.87
N THR D 390 -31.22 -20.49 -7.11
CA THR D 390 -30.31 -19.53 -6.51
C THR D 390 -29.79 -20.04 -5.17
N ARG D 391 -28.68 -19.46 -4.73
CA ARG D 391 -28.10 -19.79 -3.44
C ARG D 391 -28.61 -18.85 -2.34
N SER D 392 -29.93 -18.71 -2.25
CA SER D 392 -30.56 -17.85 -1.26
C SER D 392 -31.32 -18.70 -0.25
N GLY D 393 -31.87 -18.04 0.75
CA GLY D 393 -32.65 -18.70 1.78
C GLY D 393 -34.11 -18.32 1.70
N GLY D 394 -34.93 -19.00 2.49
CA GLY D 394 -36.35 -18.71 2.53
C GLY D 394 -36.67 -17.30 2.98
N ASN D 395 -37.76 -16.74 2.47
CA ASN D 395 -38.17 -15.36 2.84
C ASN D 395 -39.20 -15.42 3.98
N THR D 396 -39.02 -16.39 4.89
CA THR D 396 -39.95 -16.56 6.04
C THR D 396 -39.16 -17.03 7.26
N ASN D 397 -37.83 -16.99 7.18
CA ASN D 397 -36.95 -17.42 8.30
C ASN D 397 -36.16 -16.22 8.82
N GLN D 398 -36.74 -15.02 8.72
CA GLN D 398 -36.07 -13.78 9.20
C GLN D 398 -36.86 -13.21 10.38
N GLN D 399 -37.22 -14.06 11.34
CA GLN D 399 -37.99 -13.61 12.54
C GLN D 399 -37.06 -13.57 13.76
N ARG D 400 -36.34 -12.45 13.92
CA ARG D 400 -35.40 -12.28 15.07
C ARG D 400 -35.41 -10.81 15.50
N ALA D 401 -35.20 -10.56 16.80
CA ALA D 401 -35.18 -9.19 17.35
C ALA D 401 -36.42 -8.41 16.88
N SER D 402 -36.22 -7.22 16.32
CA SER D 402 -37.33 -6.37 15.82
C SER D 402 -36.86 -5.50 14.66
N SER D 403 -37.78 -4.80 13.99
CA SER D 403 -37.43 -3.92 12.85
C SER D 403 -38.25 -2.63 12.92
N GLY D 404 -37.58 -1.49 13.14
CA GLY D 404 -38.26 -0.18 13.22
C GLY D 404 -37.37 0.87 13.86
N GLN D 405 -37.91 2.06 14.08
CA GLN D 405 -37.14 3.13 14.70
C GLN D 405 -36.90 2.85 16.18
N ILE D 406 -35.90 3.51 16.73
CA ILE D 406 -35.59 3.43 18.16
C ILE D 406 -35.53 4.85 18.72
N SER D 407 -35.23 5.82 17.86
CA SER D 407 -35.11 7.21 18.28
C SER D 407 -36.00 8.07 17.39
N ILE D 408 -36.15 9.34 17.79
CA ILE D 408 -36.96 10.31 17.07
C ILE D 408 -36.17 11.60 16.97
N GLN D 409 -36.52 12.42 15.98
CA GLN D 409 -35.88 13.71 15.76
C GLN D 409 -36.91 14.82 15.78
N PRO D 410 -36.68 15.91 16.50
CA PRO D 410 -37.66 16.99 16.55
C PRO D 410 -37.64 17.81 15.26
N THR D 411 -38.72 17.70 14.49
CA THR D 411 -38.90 18.48 13.29
C THR D 411 -39.53 19.83 13.57
N PHE D 412 -40.71 19.84 14.19
CA PHE D 412 -41.32 21.07 14.69
C PHE D 412 -40.79 21.38 16.08
N SER D 413 -40.67 22.67 16.38
CA SER D 413 -40.23 23.13 17.69
C SER D 413 -41.46 23.21 18.59
N VAL D 414 -41.82 22.09 19.20
CA VAL D 414 -43.00 21.98 20.05
C VAL D 414 -42.56 21.45 21.40
N GLN D 415 -43.15 21.98 22.47
CA GLN D 415 -42.79 21.53 23.81
C GLN D 415 -43.37 20.13 24.05
N ARG D 416 -42.57 19.12 23.74
CA ARG D 416 -43.04 17.74 23.79
C ARG D 416 -41.90 16.83 24.22
N ASN D 417 -42.27 15.66 24.71
CA ASN D 417 -41.32 14.63 25.11
C ASN D 417 -40.64 14.03 23.88
N LEU D 418 -39.42 13.53 24.09
CA LEU D 418 -38.69 12.85 23.03
C LEU D 418 -38.70 11.36 23.32
N PRO D 419 -39.55 10.59 22.64
CA PRO D 419 -39.69 9.16 22.98
C PRO D 419 -38.44 8.37 22.62
N PHE D 420 -37.87 7.72 23.63
CA PHE D 420 -36.67 6.90 23.46
C PHE D 420 -36.99 5.49 23.94
N ASP D 421 -36.65 4.50 23.12
CA ASP D 421 -36.90 3.11 23.49
C ASP D 421 -35.74 2.60 24.33
N ARG D 422 -35.74 2.97 25.62
CA ARG D 422 -34.63 2.80 26.57
C ARG D 422 -34.17 1.35 26.76
N PRO D 423 -35.06 0.38 26.98
CA PRO D 423 -34.58 -1.00 27.24
C PRO D 423 -33.78 -1.60 26.10
N THR D 424 -34.02 -1.22 24.85
CA THR D 424 -33.18 -1.62 23.74
C THR D 424 -31.94 -0.73 23.63
N ILE D 425 -32.03 0.49 24.14
CA ILE D 425 -30.86 1.37 24.18
C ILE D 425 -29.78 0.77 25.07
N MET D 426 -30.15 0.23 26.23
CA MET D 426 -29.17 -0.50 27.03
C MET D 426 -28.69 -1.74 26.29
N ALA D 427 -29.60 -2.43 25.58
CA ALA D 427 -29.23 -3.67 24.90
C ALA D 427 -28.16 -3.43 23.84
N ALA D 428 -28.27 -2.34 23.09
CA ALA D 428 -27.22 -2.02 22.11
C ALA D 428 -25.90 -1.70 22.80
N PHE D 429 -25.94 -0.92 23.87
CA PHE D 429 -24.70 -0.57 24.64
C PHE D 429 -24.31 -1.74 25.54
N THR D 430 -23.18 -2.40 25.23
CA THR D 430 -22.69 -3.55 26.03
C THR D 430 -21.20 -3.38 26.31
N GLY D 431 -20.37 -4.30 25.79
CA GLY D 431 -18.91 -4.24 25.99
C GLY D 431 -18.16 -4.92 24.85
N ASN D 432 -18.87 -5.74 24.06
CA ASN D 432 -18.25 -6.46 22.92
C ASN D 432 -17.00 -7.22 23.41
N THR D 433 -17.20 -8.17 24.32
CA THR D 433 -16.07 -8.97 24.87
C THR D 433 -15.87 -10.23 24.03
N GLU D 434 -16.74 -10.43 23.03
CA GLU D 434 -16.68 -11.61 22.13
C GLU D 434 -16.56 -12.89 22.98
N GLY D 435 -17.57 -13.16 23.80
CA GLY D 435 -17.58 -14.36 24.67
C GLY D 435 -18.98 -14.70 25.16
N ARG D 436 -19.59 -15.73 24.58
CA ARG D 436 -20.96 -16.17 24.97
C ARG D 436 -21.51 -17.16 23.94
N THR D 437 -22.41 -18.04 24.36
CA THR D 437 -23.02 -19.06 23.47
C THR D 437 -24.49 -19.27 23.87
N SER D 438 -24.73 -19.52 25.17
CA SER D 438 -26.10 -19.72 25.64
C SER D 438 -26.93 -18.45 25.55
N ASP D 439 -26.31 -17.29 25.77
CA ASP D 439 -27.05 -16.03 25.69
C ASP D 439 -27.62 -15.84 24.29
N MET D 440 -26.84 -16.20 23.27
CA MET D 440 -27.35 -16.17 21.89
C MET D 440 -28.27 -17.35 21.61
N ARG D 441 -28.10 -18.46 22.33
CA ARG D 441 -29.05 -19.57 22.22
C ARG D 441 -30.45 -19.10 22.62
N THR D 442 -30.51 -18.13 23.52
CA THR D 442 -31.82 -17.57 23.90
C THR D 442 -32.53 -16.95 22.69
N GLU D 443 -31.81 -16.11 21.92
CA GLU D 443 -32.42 -15.57 20.71
C GLU D 443 -32.66 -16.66 19.68
N ILE D 444 -31.82 -17.70 19.66
CA ILE D 444 -32.11 -18.85 18.80
C ILE D 444 -33.49 -19.42 19.13
N ILE D 445 -33.75 -19.64 20.42
CA ILE D 445 -35.01 -20.23 20.84
C ILE D 445 -36.18 -19.31 20.51
N ARG D 446 -36.00 -18.01 20.75
CA ARG D 446 -37.03 -16.99 20.48
C ARG D 446 -37.38 -17.02 18.99
N LEU D 447 -36.36 -17.02 18.12
CA LEU D 447 -36.57 -17.05 16.68
C LEU D 447 -37.24 -18.36 16.25
N MET D 448 -36.85 -19.48 16.85
CA MET D 448 -37.48 -20.75 16.52
C MET D 448 -38.97 -20.71 16.87
N GLU D 449 -39.30 -20.14 18.03
CA GLU D 449 -40.71 -19.99 18.41
C GLU D 449 -41.45 -19.05 17.45
N SER D 450 -40.77 -18.00 16.98
CA SER D 450 -41.40 -17.10 16.01
C SER D 450 -41.61 -17.78 14.67
N ALA D 451 -40.76 -18.75 14.35
CA ALA D 451 -40.88 -19.48 13.09
C ALA D 451 -42.15 -20.30 13.05
N ARG D 452 -42.75 -20.38 11.86
CA ARG D 452 -43.99 -21.14 11.66
C ARG D 452 -43.88 -22.05 10.45
N PRO D 453 -44.60 -23.16 10.42
CA PRO D 453 -44.59 -24.03 9.23
C PRO D 453 -45.51 -23.53 8.14
N GLU D 454 -45.94 -22.26 8.23
CA GLU D 454 -46.87 -21.67 7.29
C GLU D 454 -46.23 -20.58 6.43
N ASP D 455 -45.14 -19.97 6.90
CA ASP D 455 -44.52 -18.82 6.23
C ASP D 455 -44.11 -19.20 4.82
N VAL D 456 -44.72 -18.53 3.84
CA VAL D 456 -44.38 -18.75 2.44
C VAL D 456 -43.09 -17.99 2.11
N SER D 457 -42.24 -18.61 1.29
CA SER D 457 -40.93 -18.07 0.97
C SER D 457 -40.84 -17.80 -0.54
N PHE D 458 -39.71 -17.23 -0.95
CA PHE D 458 -39.40 -16.98 -2.37
C PHE D 458 -40.46 -16.12 -3.04
N GLN D 459 -40.82 -15.00 -2.42
CA GLN D 459 -41.77 -14.08 -3.02
C GLN D 459 -41.16 -13.41 -4.24
N GLY D 460 -41.99 -13.21 -5.27
CA GLY D 460 -41.56 -12.55 -6.48
C GLY D 460 -40.91 -13.45 -7.52
N ARG D 461 -40.82 -14.74 -7.26
CA ARG D 461 -40.23 -15.70 -8.19
C ARG D 461 -41.20 -16.86 -8.39
N GLY D 462 -41.14 -17.49 -9.57
CA GLY D 462 -42.07 -18.55 -9.89
C GLY D 462 -41.46 -19.57 -10.85
N VAL D 463 -42.25 -20.61 -11.12
CA VAL D 463 -41.89 -21.69 -12.03
C VAL D 463 -42.20 -21.24 -13.45
N PHE D 464 -41.31 -21.59 -14.38
CA PHE D 464 -41.40 -21.10 -15.74
C PHE D 464 -41.66 -22.25 -16.70
N GLU D 465 -42.10 -21.90 -17.92
CA GLU D 465 -42.32 -22.87 -18.97
C GLU D 465 -41.06 -23.03 -19.82
N LEU D 466 -40.99 -24.15 -20.53
CA LEU D 466 -39.82 -24.45 -21.34
C LEU D 466 -39.68 -23.52 -22.54
N SER D 467 -40.81 -23.14 -23.15
CA SER D 467 -40.76 -22.37 -24.39
C SER D 467 -40.19 -20.98 -24.22
N ASP D 468 -40.13 -20.45 -22.99
CA ASP D 468 -39.62 -19.11 -22.74
C ASP D 468 -38.13 -19.20 -22.46
N GLU D 469 -37.38 -18.20 -22.94
CA GLU D 469 -35.93 -18.20 -22.83
C GLU D 469 -35.39 -17.05 -21.98
N LYS D 470 -36.14 -15.96 -21.83
CA LYS D 470 -35.63 -14.76 -21.17
C LYS D 470 -36.34 -14.45 -19.86
N ALA D 471 -37.01 -15.43 -19.26
CA ALA D 471 -37.69 -15.28 -17.97
C ALA D 471 -38.72 -14.14 -18.02
N THR D 472 -39.73 -14.37 -18.86
CA THR D 472 -40.75 -13.35 -19.11
C THR D 472 -41.94 -13.45 -18.16
N SER D 473 -42.65 -14.58 -18.16
CA SER D 473 -43.86 -14.70 -17.36
C SER D 473 -43.97 -16.08 -16.71
N PRO D 474 -44.00 -16.16 -15.39
CA PRO D 474 -44.15 -17.47 -14.72
C PRO D 474 -45.59 -17.83 -14.41
N ILE D 475 -45.80 -19.04 -13.91
CA ILE D 475 -47.11 -19.49 -13.43
C ILE D 475 -46.95 -19.87 -11.96
N VAL D 476 -47.87 -19.41 -11.13
CA VAL D 476 -47.78 -19.63 -9.68
C VAL D 476 -48.37 -20.99 -9.35
N PRO D 477 -47.59 -21.92 -8.79
CA PRO D 477 -48.14 -23.21 -8.39
C PRO D 477 -48.91 -23.10 -7.08
N SER D 478 -49.80 -24.08 -6.87
CA SER D 478 -50.64 -24.09 -5.67
C SER D 478 -51.04 -25.54 -5.40
N PHE D 479 -50.59 -26.07 -4.26
CA PHE D 479 -50.89 -27.44 -3.86
C PHE D 479 -51.81 -27.43 -2.64
N ASP D 480 -52.91 -28.17 -2.75
CA ASP D 480 -53.83 -28.41 -1.64
C ASP D 480 -54.04 -29.89 -1.40
N MET D 481 -53.06 -30.71 -1.79
CA MET D 481 -53.18 -32.17 -1.75
C MET D 481 -52.79 -32.73 -0.39
N SER D 482 -53.49 -32.26 0.65
CA SER D 482 -53.36 -32.75 2.02
C SER D 482 -51.92 -32.88 2.49
N ASN D 483 -51.53 -34.08 2.90
CA ASN D 483 -50.23 -34.32 3.51
C ASN D 483 -49.50 -35.49 2.84
N GLU D 484 -49.40 -35.45 1.51
CA GLU D 484 -48.73 -36.50 0.74
C GLU D 484 -47.34 -36.83 1.30
N GLY D 485 -46.70 -35.86 1.94
CA GLY D 485 -45.42 -36.09 2.57
C GLY D 485 -44.28 -35.36 1.89
N SER D 486 -43.88 -34.23 2.48
CA SER D 486 -42.73 -33.46 1.99
C SER D 486 -41.44 -33.86 2.68
N TYR D 487 -41.10 -35.15 2.67
CA TYR D 487 -39.96 -35.67 3.43
C TYR D 487 -39.42 -36.89 2.67
N PHE D 488 -38.25 -36.74 2.05
CA PHE D 488 -37.69 -37.80 1.23
C PHE D 488 -37.29 -39.02 2.05
N PHE D 489 -36.80 -38.82 3.27
CA PHE D 489 -36.43 -39.90 4.17
C PHE D 489 -37.48 -40.05 5.26
N GLY D 490 -37.94 -41.27 5.48
CA GLY D 490 -38.95 -41.55 6.48
C GLY D 490 -40.37 -41.37 5.98
#